data_7OZ7
#
_entry.id   7OZ7
#
_cell.length_a   149.422
_cell.length_b   149.422
_cell.length_c   269.767
_cell.angle_alpha   90.000
_cell.angle_beta   90.000
_cell.angle_gamma   120.000
#
_symmetry.space_group_name_H-M   'P 61'
#
loop_
_entity.id
_entity.type
_entity.pdbx_description
1 polymer 'Dipeptidyl peptidase 8'
2 non-polymer ~{N}-[3-[[4-[(4-bromophenyl)methyl]piperazin-1-yl]methyl]phenyl]-2-ethyl-2-methanoyl-butanamide
3 non-polymer 'trimethylamine oxide'
4 water water
#
_entity_poly.entity_id   1
_entity_poly.type   'polypeptide(L)'
_entity_poly.pdbx_seq_one_letter_code
;MWKRSEQMKIKSGKCNMAAAMETEQLGVEIFETADCEENIESQDRPKLEPFYVERYSWSQLKKLLADTRKYHGYMMAKAP
HDFMFVKRNDPDGPHSDRIYYLAMSGENRENTLFYSEIPKTINRAAVLMLSWKPLLDLFQATLDYGMYSREEELLRERKR
IGTVGIASYDYHQGSGTFLFQAGSGIYHVKDGGPQGFTQQPLRPNLVETSCPNIRMDPKLCPADPDWIAFIHSNDIWISN
IVTREERRLTYVHNELANMEEDARSAGVATFVLQEEFDRYSGYWWCPKAETTPSGGKILRILYEENDESEVEIIHVTSPM
LETRRADSFRYPKTGTANPKVTFKMSEIMIDAEGRIIDVIDKELIQPFEILFEGVEYIARAGWTPEGKYAWSILLDRSQT
RLQIVLISPELFIPVEDDVMERQRLIESVPDSVTPLIIYEETTDIWINIHDIFHVFPQSHEEEIEFIFASECKTGFRHLY
KITSILKESKYKRSSGGLPAPSDFKCPIKEEIAITSGEWEVLGRHGSNIQVDEVRRLVYFEGTKDSPLEHHLYVVSYVNP
GEVTRLTDRGYSHSCCISQHCDFFISKYSNQKNPHCVSLYKLSSPEDDPTCKTKEFWATILDSAGPLPDYTPPEIFSFES
TTGFTLYGMLYKPHDLQPGKKYPTVLFIYGGPQVQLVNNRFKGVKYFRLNTLASLGYVVVVIDNRGSCHRGLKFEGAFKY
KMGQIEIDDQVEGLQYLASRYDFIDLDRVGIHGWSYGGYLSLMALMQRSDIFRVAIAGAPVTLWIFYDTGYTERYMGHPD
QNEQGYYLGSVAMQAEKFPSEPNRLLLLHGFLDENVHFAHTSILLSFLVRAGKPYDLQIYPQERHSIRVPESGEHYELHL
LHYLQENLGSRIAALKVI
;
_entity_poly.pdbx_strand_id   A,B
#
loop_
_chem_comp.id
_chem_comp.type
_chem_comp.name
_chem_comp.formula
MQ2 non-polymer ~{N}-[3-[[4-[(4-bromophenyl)methyl]piperazin-1-yl]methyl]phenyl]-2-ethyl-2-methanoyl-butanamide 'C25 H32 Br N3 O2'
TMO non-polymer 'trimethylamine oxide' 'C3 H9 N O'
#
# COMPACT_ATOMS: atom_id res chain seq x y z
N LEU A 48 -8.95 29.86 -40.59
CA LEU A 48 -9.22 29.96 -39.12
C LEU A 48 -7.93 29.94 -38.29
N GLU A 49 -7.68 31.01 -37.54
CA GLU A 49 -6.50 31.14 -36.69
C GLU A 49 -6.70 30.36 -35.38
N PRO A 50 -5.69 29.56 -34.96
CA PRO A 50 -5.83 28.91 -33.65
C PRO A 50 -5.73 29.90 -32.48
N PHE A 51 -6.71 29.86 -31.58
CA PHE A 51 -6.62 30.56 -30.30
C PHE A 51 -5.74 29.74 -29.35
N TYR A 52 -4.87 30.42 -28.61
CA TYR A 52 -4.05 29.81 -27.57
C TYR A 52 -4.41 30.46 -26.24
N VAL A 53 -4.56 29.63 -25.19
CA VAL A 53 -4.94 30.14 -23.87
C VAL A 53 -3.77 30.91 -23.27
N GLU A 54 -4.07 31.92 -22.46
CA GLU A 54 -3.03 32.73 -21.84
C GLU A 54 -2.24 31.84 -20.88
N ARG A 55 -0.93 31.79 -21.08
CA ARG A 55 -0.07 30.86 -20.34
C ARG A 55 0.20 31.40 -18.93
N TYR A 56 -0.74 31.14 -18.03
CA TYR A 56 -0.60 31.50 -16.62
C TYR A 56 0.48 30.67 -15.94
N SER A 57 1.07 31.20 -14.89
CA SER A 57 1.98 30.44 -14.03
C SER A 57 1.18 29.59 -13.05
N TRP A 58 1.88 28.72 -12.33
CA TRP A 58 1.28 27.85 -11.32
C TRP A 58 0.69 28.67 -10.15
N SER A 59 1.40 29.72 -9.73
CA SER A 59 0.91 30.63 -8.69
C SER A 59 -0.29 31.43 -9.17
N GLN A 60 -0.25 31.90 -10.41
CA GLN A 60 -1.37 32.64 -11.01
C GLN A 60 -2.63 31.78 -11.14
N LEU A 61 -2.47 30.53 -11.60
CA LEU A 61 -3.58 29.58 -11.69
C LEU A 61 -4.18 29.23 -10.33
N LYS A 62 -3.31 28.99 -9.35
CA LYS A 62 -3.76 28.75 -7.97
C LYS A 62 -4.60 29.92 -7.47
N LYS A 63 -4.08 31.13 -7.67
CA LYS A 63 -4.76 32.38 -7.30
C LYS A 63 -6.09 32.54 -8.04
N LEU A 64 -6.08 32.34 -9.36
CA LEU A 64 -7.28 32.39 -10.19
C LEU A 64 -8.39 31.47 -9.67
N LEU A 65 -8.02 30.21 -9.41
CA LEU A 65 -8.95 29.23 -8.84
C LEU A 65 -9.46 29.64 -7.47
N ALA A 66 -8.57 30.20 -6.63
CA ALA A 66 -8.95 30.63 -5.28
C ALA A 66 -9.96 31.80 -5.27
N ASP A 67 -9.83 32.71 -6.24
CA ASP A 67 -10.74 33.86 -6.36
C ASP A 67 -12.12 33.47 -6.87
N THR A 68 -12.16 32.62 -7.91
CA THR A 68 -13.42 32.11 -8.45
C THR A 68 -14.16 31.16 -7.48
N ARG A 69 -13.42 30.54 -6.56
CA ARG A 69 -14.00 29.71 -5.50
C ARG A 69 -14.51 30.53 -4.30
N LYS A 70 -13.93 31.71 -4.06
CA LYS A 70 -14.23 32.56 -2.90
C LYS A 70 -15.72 32.91 -2.70
N TYR A 71 -16.47 32.99 -3.79
CA TYR A 71 -17.92 33.27 -3.73
C TYR A 71 -18.76 32.11 -3.17
N HIS A 72 -18.23 30.89 -3.27
CA HIS A 72 -18.93 29.68 -2.81
C HIS A 72 -18.60 29.38 -1.35
N ALA A 77 -24.02 22.74 1.28
CA ALA A 77 -25.00 22.47 2.33
C ALA A 77 -26.16 21.62 1.81
N LYS A 78 -26.47 20.52 2.50
CA LYS A 78 -27.52 19.59 2.06
C LYS A 78 -28.87 20.30 2.09
N ALA A 79 -29.59 20.27 0.96
CA ALA A 79 -30.95 20.79 0.89
C ALA A 79 -31.86 19.94 1.76
N PRO A 80 -32.94 20.53 2.31
CA PRO A 80 -33.89 19.73 3.11
C PRO A 80 -34.34 18.43 2.43
N HIS A 81 -34.36 17.33 3.19
CA HIS A 81 -34.66 16.00 2.66
C HIS A 81 -35.25 15.10 3.74
N ASP A 82 -35.69 13.90 3.35
CA ASP A 82 -36.33 12.94 4.24
C ASP A 82 -37.50 13.60 4.97
N PHE A 83 -38.44 14.14 4.18
CA PHE A 83 -39.58 14.87 4.71
C PHE A 83 -40.62 13.93 5.31
N MET A 84 -41.38 14.44 6.26
CA MET A 84 -42.49 13.71 6.85
C MET A 84 -43.57 14.69 7.31
N PHE A 85 -44.82 14.35 7.00
CA PHE A 85 -45.96 15.19 7.30
C PHE A 85 -46.72 14.60 8.49
N VAL A 86 -46.90 15.39 9.54
CA VAL A 86 -47.68 14.99 10.71
C VAL A 86 -48.84 15.96 10.86
N LYS A 87 -50.06 15.43 10.92
CA LYS A 87 -51.26 16.26 11.08
C LYS A 87 -51.36 16.83 12.48
N ARG A 88 -51.69 18.12 12.56
CA ARG A 88 -51.82 18.84 13.84
C ARG A 88 -53.08 18.40 14.61
N ASN A 89 -54.19 18.25 13.88
CA ASN A 89 -55.50 17.86 14.46
C ASN A 89 -56.01 18.84 15.52
N ASP A 90 -55.94 20.13 15.19
CA ASP A 90 -56.44 21.20 16.05
C ASP A 90 -57.35 22.09 15.22
N PRO A 91 -58.69 21.94 15.36
CA PRO A 91 -59.59 22.76 14.53
C PRO A 91 -59.62 24.26 14.85
N ASP A 92 -58.99 24.69 15.94
CA ASP A 92 -58.85 26.12 16.28
C ASP A 92 -57.50 26.72 15.89
N GLY A 93 -56.45 25.91 15.78
CA GLY A 93 -55.11 26.38 15.41
C GLY A 93 -54.98 26.75 13.94
N PRO A 94 -53.98 27.59 13.60
CA PRO A 94 -53.80 28.02 12.20
C PRO A 94 -53.14 26.99 11.25
N HIS A 95 -52.53 25.92 11.77
CA HIS A 95 -51.73 24.99 10.97
C HIS A 95 -52.38 23.60 10.85
N SER A 96 -52.31 23.03 9.65
CA SER A 96 -52.82 21.68 9.36
C SER A 96 -51.76 20.62 9.58
N ASP A 97 -50.54 20.91 9.12
CA ASP A 97 -49.42 19.97 9.16
C ASP A 97 -48.18 20.61 9.77
N ARG A 98 -47.37 19.77 10.38
CA ARG A 98 -45.98 20.08 10.69
C ARG A 98 -45.13 19.15 9.83
N ILE A 99 -44.07 19.69 9.23
CA ILE A 99 -43.16 18.89 8.40
C ILE A 99 -41.78 18.81 9.06
N TYR A 100 -41.30 17.58 9.28
CA TYR A 100 -39.97 17.34 9.81
C TYR A 100 -39.02 16.96 8.67
N TYR A 101 -37.79 17.44 8.73
CA TYR A 101 -36.78 17.16 7.71
C TYR A 101 -35.35 17.33 8.21
N LEU A 102 -34.42 16.64 7.55
CA LEU A 102 -33.00 16.81 7.80
C LEU A 102 -32.46 17.89 6.86
N ALA A 103 -31.63 18.79 7.40
CA ALA A 103 -31.08 19.89 6.61
C ALA A 103 -29.83 20.49 7.27
N MET A 104 -29.17 21.35 6.50
CA MET A 104 -27.89 21.96 6.86
C MET A 104 -28.02 23.48 6.69
N SER A 105 -27.00 24.22 7.15
CA SER A 105 -26.89 25.67 6.88
C SER A 105 -25.44 26.13 6.84
N ASN A 108 -21.50 25.06 6.74
CA ASN A 108 -20.58 24.16 7.43
C ASN A 108 -21.09 23.76 8.82
N ARG A 109 -22.38 23.40 8.90
CA ARG A 109 -23.00 22.94 10.14
C ARG A 109 -23.31 21.44 10.05
N GLU A 110 -23.55 20.82 11.21
CA GLU A 110 -24.06 19.45 11.28
C GLU A 110 -25.42 19.30 10.57
N ASN A 111 -25.63 18.16 9.93
CA ASN A 111 -26.92 17.82 9.35
C ASN A 111 -27.84 17.35 10.47
N THR A 112 -28.98 18.03 10.64
CA THR A 112 -29.84 17.83 11.81
C THR A 112 -31.34 18.00 11.49
N LEU A 113 -32.17 17.60 12.45
CA LEU A 113 -33.63 17.62 12.29
C LEU A 113 -34.25 18.99 12.52
N PHE A 114 -35.02 19.47 11.55
CA PHE A 114 -35.75 20.74 11.63
C PHE A 114 -37.24 20.47 11.47
N TYR A 115 -38.07 21.45 11.83
CA TYR A 115 -39.50 21.40 11.55
C TYR A 115 -40.06 22.74 11.08
N SER A 116 -41.17 22.68 10.33
CA SER A 116 -41.85 23.87 9.81
C SER A 116 -43.35 23.69 9.89
N GLU A 117 -44.07 24.80 10.05
CA GLU A 117 -45.51 24.79 10.28
C GLU A 117 -46.22 25.07 8.96
N ILE A 118 -47.09 24.16 8.54
CA ILE A 118 -47.88 24.30 7.32
C ILE A 118 -49.21 24.94 7.67
N PRO A 119 -49.46 26.20 7.22
CA PRO A 119 -50.73 26.86 7.55
C PRO A 119 -51.92 26.35 6.73
N LYS A 120 -53.09 26.39 7.36
CA LYS A 120 -54.36 26.00 6.73
C LYS A 120 -54.77 26.91 5.57
N THR A 121 -54.28 28.15 5.56
CA THR A 121 -54.54 29.10 4.48
C THR A 121 -53.36 30.04 4.28
N ILE A 122 -53.26 30.62 3.09
CA ILE A 122 -52.18 31.54 2.73
C ILE A 122 -52.72 32.82 2.11
N ASN A 123 -51.89 33.85 2.11
CA ASN A 123 -52.14 35.06 1.33
C ASN A 123 -51.64 34.77 -0.08
N ARG A 124 -52.58 34.58 -1.01
CA ARG A 124 -52.26 34.08 -2.35
C ARG A 124 -51.57 35.08 -3.29
N ALA A 125 -51.51 36.35 -2.90
CA ALA A 125 -50.70 37.36 -3.60
C ALA A 125 -49.23 37.31 -3.14
N ALA A 126 -49.03 37.20 -1.83
CA ALA A 126 -47.68 37.09 -1.24
C ALA A 126 -47.10 35.68 -1.40
N VAL A 127 -45.82 35.55 -1.05
CA VAL A 127 -45.07 34.28 -1.11
C VAL A 127 -44.54 33.96 0.28
N LEU A 128 -44.97 32.81 0.83
CA LEU A 128 -44.62 32.39 2.18
C LEU A 128 -43.28 31.63 2.24
N MET A 129 -42.32 32.19 2.96
CA MET A 129 -41.07 31.50 3.31
C MET A 129 -41.28 30.78 4.64
N LEU A 130 -41.29 29.45 4.62
CA LEU A 130 -41.36 28.67 5.85
C LEU A 130 -40.05 28.82 6.62
N SER A 131 -40.14 29.22 7.89
CA SER A 131 -38.97 29.33 8.75
C SER A 131 -38.59 27.95 9.29
N TRP A 132 -37.28 27.70 9.40
CA TRP A 132 -36.76 26.40 9.86
C TRP A 132 -36.58 26.44 11.39
N LYS A 133 -37.44 25.74 12.11
CA LYS A 133 -37.34 25.63 13.57
C LYS A 133 -36.50 24.38 13.92
N PRO A 134 -35.39 24.56 14.67
CA PRO A 134 -34.61 23.38 15.06
C PRO A 134 -35.36 22.53 16.09
N LEU A 135 -35.39 21.23 15.87
CA LEU A 135 -36.09 20.28 16.73
C LEU A 135 -35.24 19.83 17.91
N LEU A 136 -33.93 19.77 17.72
CA LEU A 136 -33.01 19.25 18.73
C LEU A 136 -32.16 20.36 19.34
N ASP A 137 -31.89 20.23 20.64
CA ASP A 137 -30.99 21.11 21.36
C ASP A 137 -29.58 20.56 21.13
N LEU A 138 -28.65 21.44 20.75
CA LEU A 138 -27.27 21.04 20.40
C LEU A 138 -26.63 20.17 21.49
N PHE A 139 -25.79 19.23 21.06
CA PHE A 139 -25.36 18.11 21.88
C PHE A 139 -24.26 18.55 22.85
N GLN A 140 -24.19 17.88 24.00
CA GLN A 140 -23.31 18.30 25.10
C GLN A 140 -21.83 18.09 24.78
N ILE A 166 -26.44 13.75 11.99
CA ILE A 166 -27.59 12.89 11.68
C ILE A 166 -27.77 12.73 10.16
N ALA A 167 -27.66 11.48 9.69
CA ALA A 167 -27.79 11.15 8.26
C ALA A 167 -29.17 10.58 7.91
N SER A 168 -29.81 9.90 8.86
CA SER A 168 -31.19 9.41 8.69
C SER A 168 -31.91 9.36 10.05
N TYR A 169 -33.19 9.01 10.03
CA TYR A 169 -33.98 8.88 11.26
C TYR A 169 -35.21 8.00 11.08
N ASP A 170 -35.67 7.43 12.19
CA ASP A 170 -36.85 6.57 12.23
C ASP A 170 -37.96 7.31 12.98
N TYR A 171 -39.19 6.87 12.81
CA TYR A 171 -40.35 7.52 13.45
C TYR A 171 -41.51 6.54 13.68
N HIS A 172 -42.18 6.70 14.82
CA HIS A 172 -43.35 5.92 15.18
C HIS A 172 -44.53 6.89 15.30
N GLN A 173 -45.49 6.76 14.37
CA GLN A 173 -46.60 7.71 14.21
C GLN A 173 -47.47 7.79 15.46
N GLY A 174 -47.86 6.63 15.98
CA GLY A 174 -48.77 6.54 17.13
C GLY A 174 -48.25 7.07 18.46
N SER A 175 -46.94 7.17 18.60
CA SER A 175 -46.28 7.62 19.83
C SER A 175 -45.51 8.93 19.66
N GLY A 176 -45.05 9.22 18.44
CA GLY A 176 -44.28 10.43 18.16
C GLY A 176 -42.82 10.31 18.50
N THR A 177 -42.31 9.07 18.58
CA THR A 177 -40.93 8.80 18.96
C THR A 177 -40.00 8.92 17.75
N PHE A 178 -38.96 9.72 17.88
CA PHE A 178 -37.86 9.79 16.90
C PHE A 178 -36.70 8.90 17.36
N LEU A 179 -36.01 8.26 16.42
CA LEU A 179 -34.80 7.49 16.70
C LEU A 179 -33.77 7.79 15.63
N PHE A 180 -32.52 8.00 16.04
CA PHE A 180 -31.46 8.36 15.11
C PHE A 180 -30.09 8.22 15.77
N GLN A 181 -29.08 7.96 14.94
CA GLN A 181 -27.69 7.91 15.37
C GLN A 181 -27.07 9.27 15.11
N ALA A 182 -26.35 9.80 16.10
CA ALA A 182 -25.61 11.06 15.97
C ALA A 182 -24.22 10.92 16.61
N GLY A 183 -23.23 10.63 15.78
CA GLY A 183 -21.89 10.32 16.27
C GLY A 183 -21.84 8.88 16.77
N SER A 184 -21.28 8.68 17.96
CA SER A 184 -21.20 7.34 18.56
C SER A 184 -22.51 6.89 19.22
N GLY A 185 -23.41 7.85 19.51
CA GLY A 185 -24.61 7.58 20.29
C GLY A 185 -25.90 7.47 19.49
N ILE A 186 -26.83 6.69 20.04
CA ILE A 186 -28.17 6.54 19.51
C ILE A 186 -29.08 7.32 20.45
N TYR A 187 -29.82 8.29 19.89
CA TYR A 187 -30.66 9.17 20.68
C TYR A 187 -32.13 9.06 20.27
N HIS A 188 -33.01 9.55 21.14
CA HIS A 188 -34.44 9.60 20.85
C HIS A 188 -35.12 10.81 21.50
N VAL A 189 -36.17 11.30 20.83
CA VAL A 189 -37.04 12.38 21.35
C VAL A 189 -38.48 12.09 20.95
N LYS A 190 -39.42 12.84 21.52
CA LYS A 190 -40.84 12.71 21.18
C LYS A 190 -41.41 14.04 20.69
N ASP A 191 -42.10 13.99 19.56
CA ASP A 191 -42.86 15.12 19.06
C ASP A 191 -43.98 14.65 18.11
N GLY A 192 -45.10 15.35 18.16
CA GLY A 192 -46.22 15.09 17.25
C GLY A 192 -47.03 13.83 17.51
N GLY A 193 -46.97 13.30 18.73
CA GLY A 193 -47.77 12.15 19.13
C GLY A 193 -48.93 12.59 19.99
N PRO A 194 -49.44 11.71 20.85
CA PRO A 194 -50.37 12.06 21.95
C PRO A 194 -49.86 13.18 22.85
N GLN A 195 -48.56 13.19 23.13
CA GLN A 195 -47.95 14.18 24.04
C GLN A 195 -47.92 15.60 23.46
N GLY A 196 -48.17 15.73 22.15
CA GLY A 196 -48.39 17.03 21.53
C GLY A 196 -47.16 17.53 20.78
N PHE A 197 -47.22 18.81 20.40
CA PHE A 197 -46.18 19.44 19.59
C PHE A 197 -45.40 20.44 20.42
N THR A 198 -44.07 20.35 20.35
CA THR A 198 -43.19 21.27 21.06
C THR A 198 -43.18 22.63 20.37
N GLN A 199 -42.90 23.67 21.15
CA GLN A 199 -42.65 25.02 20.62
C GLN A 199 -41.18 25.45 20.79
N GLN A 200 -40.33 24.52 21.23
CA GLN A 200 -38.91 24.78 21.46
C GLN A 200 -38.09 23.53 21.17
N PRO A 201 -36.75 23.67 20.99
CA PRO A 201 -35.93 22.48 20.75
C PRO A 201 -35.95 21.49 21.91
N LEU A 202 -35.91 20.21 21.59
CA LEU A 202 -35.94 19.13 22.57
C LEU A 202 -34.53 18.64 22.83
N ARG A 203 -34.29 18.11 24.03
CA ARG A 203 -33.00 17.53 24.37
C ARG A 203 -32.99 16.06 23.91
N PRO A 204 -32.01 15.67 23.08
CA PRO A 204 -31.90 14.25 22.70
C PRO A 204 -31.59 13.36 23.92
N ASN A 205 -32.32 12.26 24.04
CA ASN A 205 -32.14 11.30 25.14
C ASN A 205 -31.28 10.15 24.64
N LEU A 206 -30.17 9.92 25.32
CA LEU A 206 -29.23 8.85 24.95
C LEU A 206 -29.80 7.48 25.28
N VAL A 207 -29.73 6.56 24.32
CA VAL A 207 -30.03 5.15 24.57
C VAL A 207 -28.77 4.58 25.20
N GLU A 208 -28.84 4.28 26.50
CA GLU A 208 -27.68 3.80 27.26
C GLU A 208 -27.33 2.37 26.85
N THR A 209 -26.05 2.06 26.90
CA THR A 209 -25.51 0.79 26.42
C THR A 209 -24.34 0.33 27.28
N SER A 210 -24.13 -0.99 27.33
CA SER A 210 -22.90 -1.59 27.86
C SER A 210 -21.99 -2.11 26.73
N CYS A 211 -22.40 -1.89 25.48
CA CYS A 211 -21.63 -2.35 24.33
C CYS A 211 -20.38 -1.49 24.17
N PRO A 212 -19.19 -2.11 24.05
CA PRO A 212 -17.94 -1.33 23.97
C PRO A 212 -17.81 -0.50 22.69
N ASN A 213 -17.99 -1.15 21.55
CA ASN A 213 -17.89 -0.53 20.22
C ASN A 213 -19.13 0.27 19.77
N ILE A 214 -18.92 1.02 18.69
CA ILE A 214 -19.96 1.86 18.07
C ILE A 214 -21.18 1.04 17.57
N ARG A 215 -22.38 1.56 17.83
CA ARG A 215 -23.63 0.95 17.40
C ARG A 215 -24.08 1.57 16.09
N MET A 216 -24.53 0.73 15.15
CA MET A 216 -24.91 1.17 13.81
C MET A 216 -26.35 0.75 13.46
N ASP A 217 -26.95 1.52 12.56
CA ASP A 217 -28.23 1.19 11.93
C ASP A 217 -29.37 0.98 12.96
N PRO A 218 -29.68 2.02 13.76
CA PRO A 218 -30.74 1.87 14.76
C PRO A 218 -32.14 1.96 14.13
N LYS A 219 -33.02 1.04 14.50
CA LYS A 219 -34.41 1.04 14.03
C LYS A 219 -35.38 0.80 15.18
N LEU A 220 -36.48 1.55 15.18
CA LEU A 220 -37.60 1.32 16.10
C LEU A 220 -38.43 0.13 15.65
N CYS A 221 -38.86 -0.69 16.60
CA CYS A 221 -39.86 -1.71 16.35
C CYS A 221 -41.20 -1.01 16.07
N PRO A 222 -41.75 -1.17 14.85
CA PRO A 222 -43.05 -0.52 14.57
C PRO A 222 -44.22 -1.03 15.44
N ALA A 223 -44.14 -2.27 15.91
CA ALA A 223 -45.15 -2.84 16.80
C ALA A 223 -45.10 -2.27 18.23
N ASP A 224 -43.91 -1.86 18.69
CA ASP A 224 -43.72 -1.35 20.05
C ASP A 224 -42.58 -0.32 20.08
N PRO A 225 -42.90 0.98 20.27
CA PRO A 225 -41.90 2.05 20.23
C PRO A 225 -40.95 2.16 21.44
N ASP A 226 -41.11 1.30 22.45
CA ASP A 226 -40.13 1.18 23.52
C ASP A 226 -38.88 0.39 23.06
N TRP A 227 -39.03 -0.47 22.06
CA TRP A 227 -37.94 -1.35 21.60
C TRP A 227 -37.26 -0.85 20.35
N ILE A 228 -35.93 -0.85 20.36
CA ILE A 228 -35.12 -0.60 19.17
C ILE A 228 -34.27 -1.81 18.88
N ALA A 229 -33.77 -1.89 17.66
CA ALA A 229 -32.70 -2.82 17.30
C ALA A 229 -31.54 -2.01 16.78
N PHE A 230 -30.35 -2.58 16.90
CA PHE A 230 -29.15 -2.01 16.29
C PHE A 230 -28.10 -3.09 16.04
N ILE A 231 -27.09 -2.72 15.28
CA ILE A 231 -25.99 -3.61 14.94
C ILE A 231 -24.80 -3.21 15.80
N HIS A 232 -24.06 -4.21 16.26
CA HIS A 232 -22.84 -4.01 17.03
C HIS A 232 -21.88 -5.16 16.77
N SER A 233 -20.69 -4.84 16.29
CA SER A 233 -19.67 -5.82 15.91
C SER A 233 -20.28 -6.96 15.07
N ASN A 234 -21.05 -6.58 14.06
CA ASN A 234 -21.70 -7.49 13.10
C ASN A 234 -22.68 -8.51 13.71
N ASP A 235 -23.29 -8.15 14.83
CA ASP A 235 -24.38 -8.93 15.43
C ASP A 235 -25.53 -8.00 15.76
N ILE A 236 -26.74 -8.56 15.81
CA ILE A 236 -27.94 -7.77 16.07
C ILE A 236 -28.16 -7.70 17.59
N TRP A 237 -28.48 -6.49 18.07
CA TRP A 237 -28.83 -6.24 19.47
C TRP A 237 -30.16 -5.52 19.52
N ILE A 238 -30.86 -5.64 20.66
CA ILE A 238 -32.05 -4.83 20.94
C ILE A 238 -31.94 -4.13 22.30
N SER A 239 -32.67 -3.03 22.43
CA SER A 239 -32.67 -2.23 23.65
C SER A 239 -34.01 -1.55 23.87
N ASN A 240 -34.46 -1.55 25.13
CA ASN A 240 -35.73 -0.93 25.52
C ASN A 240 -35.40 0.43 26.10
N ILE A 241 -35.88 1.49 25.45
CA ILE A 241 -35.55 2.88 25.85
C ILE A 241 -36.28 3.40 27.10
N VAL A 242 -37.21 2.62 27.66
CA VAL A 242 -37.89 2.95 28.92
C VAL A 242 -37.26 2.19 30.09
N THR A 243 -37.13 0.87 29.94
CA THR A 243 -36.60 -0.01 30.99
C THR A 243 -35.06 -0.09 31.01
N ARG A 244 -34.41 0.27 29.90
CA ARG A 244 -32.95 0.19 29.72
C ARG A 244 -32.41 -1.24 29.62
N GLU A 245 -33.29 -2.21 29.38
CA GLU A 245 -32.84 -3.58 29.15
C GLU A 245 -32.16 -3.65 27.79
N GLU A 246 -31.01 -4.33 27.75
CA GLU A 246 -30.22 -4.46 26.54
C GLU A 246 -29.89 -5.94 26.33
N ARG A 247 -29.95 -6.41 25.10
CA ARG A 247 -29.75 -7.83 24.81
C ARG A 247 -29.23 -8.11 23.40
N ARG A 248 -28.32 -9.08 23.33
CA ARG A 248 -27.72 -9.54 22.07
C ARG A 248 -28.54 -10.69 21.50
N LEU A 249 -29.01 -10.53 20.26
CA LEU A 249 -29.86 -11.54 19.61
C LEU A 249 -29.10 -12.61 18.85
N THR A 250 -27.97 -12.24 18.25
CA THR A 250 -27.16 -13.18 17.44
C THR A 250 -25.73 -13.26 17.97
N TYR A 251 -25.11 -14.43 17.81
CA TYR A 251 -23.76 -14.72 18.33
C TYR A 251 -22.82 -15.23 17.22
N VAL A 252 -22.89 -14.55 16.08
CA VAL A 252 -22.29 -14.98 14.82
C VAL A 252 -20.84 -14.50 14.66
N HIS A 253 -20.50 -13.36 15.27
CA HIS A 253 -19.18 -12.72 15.15
C HIS A 253 -18.53 -12.52 16.51
N ASN A 254 -17.20 -12.61 16.54
CA ASN A 254 -16.39 -12.35 17.73
C ASN A 254 -15.40 -11.23 17.38
N GLU A 255 -15.65 -10.04 17.92
CA GLU A 255 -14.76 -8.87 17.73
C GLU A 255 -13.28 -9.11 18.06
N LEU A 256 -13.03 -10.03 19.00
CA LEU A 256 -11.67 -10.40 19.40
C LEU A 256 -10.94 -11.20 18.30
N ALA A 257 -11.67 -12.09 17.62
CA ALA A 257 -11.12 -12.91 16.54
C ALA A 257 -10.85 -12.08 15.28
N ASN A 258 -9.72 -12.35 14.62
CA ASN A 258 -9.36 -11.67 13.37
C ASN A 258 -10.23 -12.14 12.21
N MET A 259 -10.36 -11.30 11.19
CA MET A 259 -11.35 -11.51 10.13
C MET A 259 -10.93 -12.50 9.02
N GLU A 260 -9.71 -13.04 9.10
CA GLU A 260 -9.36 -14.27 8.35
C GLU A 260 -10.13 -15.46 8.93
N GLU A 261 -10.14 -15.56 10.25
CA GLU A 261 -10.89 -16.59 10.97
C GLU A 261 -12.39 -16.30 10.95
N ASP A 262 -12.77 -15.11 11.45
CA ASP A 262 -14.17 -14.76 11.68
C ASP A 262 -14.72 -13.83 10.59
N ALA A 263 -15.43 -14.42 9.63
CA ALA A 263 -16.00 -13.70 8.48
C ALA A 263 -17.51 -13.90 8.34
N ARG A 264 -18.21 -13.99 9.48
CA ARG A 264 -19.67 -14.09 9.50
C ARG A 264 -20.29 -12.82 10.08
N SER A 265 -21.49 -12.49 9.60
CA SER A 265 -22.22 -11.30 10.08
C SER A 265 -23.73 -11.54 10.06
N ALA A 266 -24.44 -10.79 10.90
CA ALA A 266 -25.88 -10.91 11.04
C ALA A 266 -26.51 -9.52 10.99
N GLY A 267 -27.50 -9.35 10.12
CA GLY A 267 -28.21 -8.07 9.99
C GLY A 267 -27.46 -6.96 9.28
N VAL A 268 -26.37 -7.28 8.59
CA VAL A 268 -25.56 -6.29 7.87
C VAL A 268 -25.52 -6.66 6.40
N ALA A 269 -25.78 -5.68 5.54
CA ALA A 269 -25.60 -5.82 4.10
C ALA A 269 -24.12 -5.76 3.78
N THR A 270 -23.64 -6.72 2.98
CA THR A 270 -22.22 -6.85 2.64
C THR A 270 -21.83 -5.81 1.59
N PHE A 271 -20.53 -5.74 1.29
CA PHE A 271 -19.97 -4.71 0.39
C PHE A 271 -20.71 -4.53 -0.94
N VAL A 272 -20.88 -5.63 -1.67
CA VAL A 272 -21.48 -5.59 -3.02
C VAL A 272 -22.92 -5.07 -2.99
N LEU A 273 -23.69 -5.45 -1.97
CA LEU A 273 -25.09 -5.04 -1.87
C LEU A 273 -25.27 -3.59 -1.43
N GLN A 274 -24.34 -3.06 -0.65
CA GLN A 274 -24.30 -1.64 -0.35
C GLN A 274 -23.81 -0.83 -1.55
N GLU A 275 -22.77 -1.33 -2.20
CA GLU A 275 -22.09 -0.57 -3.24
C GLU A 275 -22.79 -0.63 -4.61
N GLU A 276 -23.34 -1.81 -4.96
CA GLU A 276 -23.90 -2.03 -6.30
C GLU A 276 -25.43 -2.20 -6.38
N PHE A 277 -26.09 -2.51 -5.28
CA PHE A 277 -27.56 -2.61 -5.22
C PHE A 277 -28.23 -1.59 -4.29
N ASP A 278 -27.43 -0.76 -3.60
CA ASP A 278 -27.93 0.24 -2.64
C ASP A 278 -28.85 -0.32 -1.55
N ARG A 279 -28.54 -1.52 -1.05
CA ARG A 279 -29.17 -2.03 0.17
C ARG A 279 -28.18 -1.89 1.31
N TYR A 280 -28.53 -1.07 2.30
CA TYR A 280 -27.66 -0.76 3.44
C TYR A 280 -28.03 -1.50 4.72
N SER A 281 -29.32 -1.76 4.92
CA SER A 281 -29.80 -2.52 6.06
C SER A 281 -29.91 -4.01 5.76
N GLY A 282 -29.64 -4.84 6.77
CA GLY A 282 -29.73 -6.30 6.66
C GLY A 282 -30.69 -7.00 7.63
N TYR A 283 -31.50 -6.23 8.36
CA TYR A 283 -32.56 -6.79 9.22
C TYR A 283 -33.83 -5.95 9.10
N TRP A 284 -34.96 -6.54 9.44
CA TRP A 284 -36.28 -5.89 9.26
C TRP A 284 -37.23 -6.32 10.36
N TRP A 285 -37.61 -5.38 11.22
CA TRP A 285 -38.62 -5.61 12.23
C TRP A 285 -39.94 -6.04 11.59
N CYS A 286 -40.59 -7.06 12.15
CA CYS A 286 -41.98 -7.38 11.80
C CYS A 286 -42.88 -6.27 12.37
N PRO A 287 -43.79 -5.72 11.55
CA PRO A 287 -44.54 -4.55 12.00
C PRO A 287 -45.66 -4.83 13.02
N LYS A 288 -45.99 -6.11 13.26
CA LYS A 288 -47.01 -6.47 14.26
C LYS A 288 -46.45 -7.40 15.34
N ALA A 289 -47.06 -7.31 16.53
CA ALA A 289 -46.74 -8.17 17.66
C ALA A 289 -47.83 -9.23 17.82
N GLU A 290 -47.43 -10.51 17.88
CA GLU A 290 -48.34 -11.62 18.17
C GLU A 290 -48.48 -11.74 19.69
N THR A 291 -49.69 -11.53 20.20
CA THR A 291 -49.95 -11.58 21.65
C THR A 291 -49.95 -13.03 22.16
N THR A 292 -49.37 -13.24 23.35
CA THR A 292 -49.29 -14.55 23.99
C THR A 292 -50.44 -14.75 24.99
N PRO A 293 -50.70 -16.01 25.42
CA PRO A 293 -51.77 -16.24 26.41
C PRO A 293 -51.55 -15.57 27.78
N SER A 294 -50.30 -15.36 28.17
CA SER A 294 -49.95 -14.77 29.47
C SER A 294 -50.22 -13.26 29.61
N GLY A 295 -50.48 -12.58 28.49
CA GLY A 295 -50.58 -11.11 28.46
C GLY A 295 -49.31 -10.45 27.95
N GLY A 296 -48.34 -11.26 27.50
CA GLY A 296 -47.13 -10.77 26.86
C GLY A 296 -47.30 -10.70 25.35
N LYS A 297 -46.18 -10.79 24.62
CA LYS A 297 -46.19 -10.81 23.16
C LYS A 297 -44.88 -11.32 22.55
N ILE A 298 -44.94 -11.64 21.26
CA ILE A 298 -43.79 -12.12 20.48
C ILE A 298 -43.44 -11.05 19.44
N LEU A 299 -42.26 -10.45 19.58
CA LEU A 299 -41.70 -9.55 18.58
C LEU A 299 -40.81 -10.34 17.63
N ARG A 300 -40.79 -9.95 16.36
CA ARG A 300 -40.03 -10.67 15.33
C ARG A 300 -39.09 -9.77 14.53
N ILE A 301 -37.94 -10.33 14.16
CA ILE A 301 -36.97 -9.68 13.30
C ILE A 301 -36.55 -10.69 12.23
N LEU A 302 -36.82 -10.36 10.98
CA LEU A 302 -36.22 -11.07 9.85
C LEU A 302 -34.84 -10.44 9.66
N TYR A 303 -33.86 -11.27 9.36
CA TYR A 303 -32.52 -10.77 9.02
C TYR A 303 -31.74 -11.72 8.12
N GLU A 304 -30.82 -11.17 7.34
CA GLU A 304 -29.92 -11.99 6.55
C GLU A 304 -28.69 -12.38 7.39
N GLU A 305 -28.19 -13.60 7.17
CA GLU A 305 -26.95 -14.06 7.77
C GLU A 305 -25.97 -14.38 6.64
N ASN A 306 -24.81 -13.71 6.67
CA ASN A 306 -23.81 -13.82 5.62
C ASN A 306 -22.57 -14.54 6.15
N ASP A 307 -22.04 -15.47 5.36
CA ASP A 307 -20.72 -16.07 5.60
C ASP A 307 -19.82 -15.67 4.43
N GLU A 308 -18.80 -14.86 4.72
CA GLU A 308 -17.85 -14.35 3.73
C GLU A 308 -16.47 -15.06 3.80
N SER A 309 -16.44 -16.32 4.20
CA SER A 309 -15.17 -17.06 4.36
C SER A 309 -14.46 -17.32 3.03
N GLU A 310 -15.21 -17.83 2.06
CA GLU A 310 -14.69 -18.12 0.71
C GLU A 310 -14.45 -16.88 -0.18
N VAL A 311 -14.84 -15.69 0.30
CA VAL A 311 -14.70 -14.46 -0.49
C VAL A 311 -13.25 -13.96 -0.45
N GLU A 312 -12.81 -13.34 -1.54
CA GLU A 312 -11.46 -12.80 -1.68
C GLU A 312 -11.22 -11.63 -0.70
N ILE A 313 -10.04 -11.58 -0.09
CA ILE A 313 -9.67 -10.47 0.80
C ILE A 313 -8.72 -9.51 0.07
N ILE A 314 -8.83 -8.23 0.40
CA ILE A 314 -7.87 -7.20 -0.03
C ILE A 314 -7.48 -6.35 1.18
N HIS A 315 -6.26 -5.79 1.15
CA HIS A 315 -5.82 -4.81 2.15
C HIS A 315 -5.59 -3.45 1.52
N VAL A 316 -5.98 -2.41 2.24
CA VAL A 316 -5.81 -1.02 1.83
C VAL A 316 -5.10 -0.29 2.99
N THR A 317 -3.95 0.33 2.69
CA THR A 317 -3.03 0.94 3.69
C THR A 317 -3.64 1.24 5.06
N ASP A 327 -7.09 -1.84 6.99
CA ASP A 327 -7.79 -3.03 7.45
C ASP A 327 -8.33 -3.87 6.28
N SER A 328 -8.69 -5.12 6.57
CA SER A 328 -9.11 -6.08 5.55
C SER A 328 -10.55 -5.83 5.04
N PHE A 329 -10.78 -6.28 3.81
CA PHE A 329 -12.04 -6.07 3.08
C PHE A 329 -12.43 -7.39 2.44
N ARG A 330 -13.71 -7.75 2.50
CA ARG A 330 -14.24 -8.86 1.70
C ARG A 330 -14.80 -8.27 0.41
N TYR A 331 -14.02 -8.42 -0.66
CA TYR A 331 -14.35 -7.90 -1.99
C TYR A 331 -14.57 -9.07 -2.97
N PRO A 332 -15.84 -9.39 -3.30
CA PRO A 332 -16.10 -10.45 -4.29
C PRO A 332 -15.70 -10.00 -5.69
N LYS A 333 -14.51 -10.46 -6.13
CA LYS A 333 -14.02 -10.16 -7.48
C LYS A 333 -14.83 -10.94 -8.51
N THR A 334 -15.05 -10.34 -9.68
CA THR A 334 -15.86 -10.97 -10.73
C THR A 334 -15.32 -12.35 -11.11
N GLY A 335 -16.23 -13.30 -11.29
CA GLY A 335 -15.86 -14.69 -11.51
C GLY A 335 -15.53 -15.51 -10.27
N THR A 336 -15.46 -14.86 -9.10
CA THR A 336 -15.11 -15.51 -7.83
C THR A 336 -16.32 -15.50 -6.89
N ALA A 337 -16.18 -16.12 -5.72
CA ALA A 337 -17.33 -16.38 -4.85
C ALA A 337 -17.92 -15.13 -4.18
N ASN A 338 -19.25 -15.05 -4.21
CA ASN A 338 -20.01 -14.10 -3.39
C ASN A 338 -20.20 -14.72 -1.99
N PRO A 339 -20.67 -13.92 -1.01
CA PRO A 339 -20.94 -14.50 0.31
C PRO A 339 -22.02 -15.59 0.27
N LYS A 340 -21.88 -16.60 1.11
CA LYS A 340 -22.95 -17.58 1.34
C LYS A 340 -24.01 -16.88 2.18
N VAL A 341 -25.26 -16.97 1.75
CA VAL A 341 -26.35 -16.20 2.34
C VAL A 341 -27.49 -17.09 2.83
N THR A 342 -28.23 -16.59 3.82
CA THR A 342 -29.48 -17.22 4.22
C THR A 342 -30.38 -16.22 4.95
N PHE A 343 -31.64 -16.63 5.15
CA PHE A 343 -32.58 -15.88 5.98
C PHE A 343 -32.68 -16.53 7.36
N LYS A 344 -32.70 -15.69 8.39
CA LYS A 344 -32.89 -16.11 9.78
C LYS A 344 -34.05 -15.31 10.37
N MET A 345 -34.57 -15.80 11.50
CA MET A 345 -35.73 -15.20 12.16
C MET A 345 -35.49 -15.23 13.67
N SER A 346 -35.61 -14.07 14.32
CA SER A 346 -35.37 -13.94 15.76
C SER A 346 -36.69 -13.67 16.49
N GLU A 347 -37.19 -14.69 17.19
CA GLU A 347 -38.43 -14.59 17.99
C GLU A 347 -38.11 -14.12 19.40
N ILE A 348 -38.59 -12.92 19.74
CA ILE A 348 -38.32 -12.30 21.04
C ILE A 348 -39.63 -12.28 21.83
N MET A 349 -39.68 -13.05 22.93
CA MET A 349 -40.86 -13.13 23.80
C MET A 349 -40.77 -12.10 24.93
N ILE A 350 -41.76 -11.20 25.00
CA ILE A 350 -41.82 -10.13 26.02
C ILE A 350 -43.03 -10.41 26.93
N ASP A 351 -42.87 -10.17 28.23
CA ASP A 351 -43.97 -10.35 29.21
C ASP A 351 -44.88 -9.12 29.27
N ALA A 352 -45.94 -9.19 30.06
CA ALA A 352 -46.91 -8.08 30.22
C ALA A 352 -46.29 -6.73 30.62
N GLU A 353 -45.22 -6.76 31.42
CA GLU A 353 -44.58 -5.52 31.91
C GLU A 353 -43.39 -5.03 31.03
N GLY A 354 -43.17 -5.67 29.88
CA GLY A 354 -42.15 -5.22 28.90
C GLY A 354 -40.74 -5.75 29.12
N ARG A 355 -40.61 -6.83 29.89
CA ARG A 355 -39.32 -7.51 30.11
C ARG A 355 -39.18 -8.67 29.14
N ILE A 356 -37.95 -8.96 28.71
CA ILE A 356 -37.69 -10.10 27.83
C ILE A 356 -37.75 -11.39 28.66
N ILE A 357 -38.62 -12.31 28.24
CA ILE A 357 -38.70 -13.64 28.83
C ILE A 357 -37.70 -14.56 28.13
N ASP A 358 -37.66 -14.49 26.80
CA ASP A 358 -36.89 -15.44 26.01
C ASP A 358 -36.50 -14.85 24.65
N VAL A 359 -35.43 -15.40 24.06
CA VAL A 359 -35.02 -15.11 22.69
C VAL A 359 -34.70 -16.43 21.99
N ILE A 360 -35.42 -16.72 20.91
CA ILE A 360 -35.25 -17.94 20.15
C ILE A 360 -34.79 -17.58 18.73
N ASP A 361 -33.56 -17.97 18.40
CA ASP A 361 -33.03 -17.81 17.05
C ASP A 361 -33.57 -18.94 16.17
N LYS A 362 -34.05 -18.60 14.97
CA LYS A 362 -34.71 -19.57 14.10
C LYS A 362 -34.16 -19.56 12.67
N GLU A 363 -33.94 -20.76 12.12
CA GLU A 363 -33.36 -20.95 10.78
C GLU A 363 -34.44 -21.47 9.84
N LEU A 364 -34.19 -21.38 8.53
CA LEU A 364 -35.14 -21.89 7.52
C LEU A 364 -35.26 -23.41 7.62
N ILE A 365 -36.50 -23.90 7.45
CA ILE A 365 -36.79 -25.35 7.54
C ILE A 365 -35.87 -26.21 6.68
N GLN A 366 -35.56 -25.72 5.48
CA GLN A 366 -34.57 -26.32 4.59
C GLN A 366 -33.57 -25.23 4.20
N PRO A 367 -32.36 -25.61 3.72
CA PRO A 367 -31.36 -24.57 3.42
C PRO A 367 -31.78 -23.61 2.30
N PHE A 368 -31.16 -22.43 2.29
CA PHE A 368 -31.49 -21.36 1.33
C PHE A 368 -31.39 -21.82 -0.12
N GLU A 369 -30.35 -22.60 -0.42
CA GLU A 369 -30.11 -23.11 -1.79
C GLU A 369 -31.21 -24.07 -2.26
N ILE A 370 -31.81 -24.82 -1.34
CA ILE A 370 -32.91 -25.74 -1.65
C ILE A 370 -34.23 -24.98 -1.90
N LEU A 371 -34.58 -24.07 -1.00
CA LEU A 371 -35.85 -23.32 -1.08
C LEU A 371 -35.87 -22.25 -2.18
N PHE A 372 -34.73 -21.62 -2.47
CA PHE A 372 -34.62 -20.54 -3.45
C PHE A 372 -33.54 -20.87 -4.49
N GLU A 373 -33.81 -21.91 -5.28
CA GLU A 373 -32.88 -22.41 -6.32
C GLU A 373 -32.40 -21.30 -7.25
N GLY A 374 -31.09 -21.21 -7.46
CA GLY A 374 -30.49 -20.26 -8.40
C GLY A 374 -30.27 -18.84 -7.90
N VAL A 375 -30.75 -18.52 -6.70
CA VAL A 375 -30.64 -17.17 -6.13
C VAL A 375 -29.24 -16.92 -5.60
N GLU A 376 -28.65 -15.79 -6.00
CA GLU A 376 -27.35 -15.33 -5.48
C GLU A 376 -27.47 -14.12 -4.57
N TYR A 377 -28.29 -13.14 -4.97
CA TYR A 377 -28.42 -11.88 -4.24
C TYR A 377 -29.83 -11.70 -3.65
N ILE A 378 -29.88 -11.38 -2.36
CA ILE A 378 -31.08 -10.87 -1.71
C ILE A 378 -31.09 -9.35 -1.93
N ALA A 379 -31.79 -8.91 -2.98
CA ALA A 379 -31.72 -7.51 -3.44
C ALA A 379 -32.49 -6.56 -2.51
N ARG A 380 -33.73 -6.92 -2.19
CA ARG A 380 -34.58 -6.17 -1.27
C ARG A 380 -35.33 -7.12 -0.35
N ALA A 381 -35.80 -6.61 0.78
CA ALA A 381 -36.64 -7.38 1.69
C ALA A 381 -37.42 -6.49 2.65
N GLY A 382 -38.54 -7.02 3.12
CA GLY A 382 -39.37 -6.36 4.12
C GLY A 382 -40.48 -7.26 4.64
N TRP A 383 -41.60 -6.64 5.00
CA TRP A 383 -42.77 -7.34 5.50
C TRP A 383 -44.01 -6.83 4.80
N THR A 384 -45.05 -7.65 4.79
CA THR A 384 -46.37 -7.20 4.33
C THR A 384 -46.94 -6.28 5.41
N PRO A 385 -47.83 -5.34 5.05
CA PRO A 385 -48.35 -4.37 6.02
C PRO A 385 -48.85 -4.96 7.36
N GLU A 386 -49.47 -6.14 7.32
CA GLU A 386 -50.02 -6.80 8.51
C GLU A 386 -49.04 -7.78 9.21
N GLY A 387 -47.80 -7.86 8.72
CA GLY A 387 -46.80 -8.74 9.31
C GLY A 387 -47.02 -10.24 9.10
N LYS A 388 -47.93 -10.60 8.19
CA LYS A 388 -48.29 -12.00 7.97
C LYS A 388 -47.15 -12.74 7.25
N TYR A 389 -46.61 -12.12 6.20
CA TYR A 389 -45.50 -12.67 5.44
C TYR A 389 -44.32 -11.71 5.42
N ALA A 390 -43.12 -12.28 5.35
CA ALA A 390 -41.94 -11.55 4.90
C ALA A 390 -41.88 -11.64 3.38
N TRP A 391 -41.40 -10.59 2.73
CA TRP A 391 -41.16 -10.63 1.29
C TRP A 391 -39.69 -10.39 0.99
N SER A 392 -39.29 -10.79 -0.21
CA SER A 392 -37.93 -10.57 -0.68
C SER A 392 -37.88 -10.50 -2.20
N ILE A 393 -36.96 -9.68 -2.71
CA ILE A 393 -36.69 -9.61 -4.14
C ILE A 393 -35.34 -10.28 -4.37
N LEU A 394 -35.38 -11.42 -5.05
CA LEU A 394 -34.25 -12.31 -5.17
C LEU A 394 -33.75 -12.33 -6.61
N LEU A 395 -32.42 -12.23 -6.76
CA LEU A 395 -31.76 -12.21 -8.06
C LEU A 395 -30.89 -13.44 -8.22
N ASP A 396 -30.77 -13.93 -9.46
CA ASP A 396 -29.78 -14.95 -9.80
C ASP A 396 -28.44 -14.29 -10.08
N ARG A 397 -27.39 -15.09 -10.24
CA ARG A 397 -26.04 -14.55 -10.45
C ARG A 397 -25.90 -13.70 -11.70
N SER A 398 -26.49 -14.15 -12.80
CA SER A 398 -26.46 -13.42 -14.07
C SER A 398 -27.28 -12.12 -14.02
N GLN A 399 -28.19 -12.02 -13.04
CA GLN A 399 -29.06 -10.85 -12.84
C GLN A 399 -30.01 -10.67 -14.03
N THR A 400 -30.46 -11.80 -14.56
CA THR A 400 -31.46 -11.86 -15.61
C THR A 400 -32.79 -12.47 -15.14
N ARG A 401 -32.85 -12.95 -13.90
CA ARG A 401 -34.09 -13.45 -13.31
C ARG A 401 -34.33 -12.75 -11.98
N LEU A 402 -35.47 -12.08 -11.88
CA LEU A 402 -35.93 -11.49 -10.63
C LEU A 402 -37.13 -12.29 -10.15
N GLN A 403 -37.16 -12.58 -8.85
CA GLN A 403 -38.32 -13.20 -8.22
C GLN A 403 -38.79 -12.34 -7.04
N ILE A 404 -40.09 -12.38 -6.78
CA ILE A 404 -40.66 -11.82 -5.57
C ILE A 404 -41.27 -12.99 -4.83
N VAL A 405 -40.80 -13.24 -3.60
CA VAL A 405 -41.22 -14.39 -2.82
C VAL A 405 -41.80 -13.94 -1.48
N LEU A 406 -42.88 -14.58 -1.05
CA LEU A 406 -43.39 -14.43 0.31
C LEU A 406 -42.86 -15.58 1.16
N ILE A 407 -42.38 -15.24 2.36
CA ILE A 407 -41.73 -16.17 3.26
C ILE A 407 -42.46 -16.07 4.59
N SER A 408 -43.30 -17.07 4.89
CA SER A 408 -44.05 -17.11 6.15
C SER A 408 -43.09 -17.33 7.33
N PRO A 409 -43.39 -16.75 8.51
CA PRO A 409 -42.62 -17.11 9.71
C PRO A 409 -42.71 -18.59 10.10
N GLU A 410 -43.77 -19.28 9.68
CA GLU A 410 -43.89 -20.74 9.86
C GLU A 410 -42.81 -21.58 9.16
N LEU A 411 -42.15 -21.02 8.13
CA LEU A 411 -40.98 -21.66 7.50
C LEU A 411 -39.74 -21.73 8.40
N PHE A 412 -39.69 -20.94 9.46
CA PHE A 412 -38.55 -20.92 10.36
C PHE A 412 -38.78 -21.80 11.59
N ILE A 413 -37.83 -22.70 11.86
CA ILE A 413 -37.80 -23.51 13.08
C ILE A 413 -36.59 -23.09 13.93
N PRO A 414 -36.64 -23.31 15.27
CA PRO A 414 -35.48 -22.97 16.11
C PRO A 414 -34.19 -23.67 15.71
N VAL A 415 -33.06 -23.08 16.07
CA VAL A 415 -31.74 -23.69 15.86
C VAL A 415 -31.56 -24.77 16.93
N GLU A 416 -31.34 -26.02 16.49
CA GLU A 416 -31.07 -27.12 17.42
C GLU A 416 -29.91 -28.00 16.97
N ASP A 417 -28.84 -27.96 17.77
CA ASP A 417 -27.69 -28.89 17.65
C ASP A 417 -28.08 -30.37 17.76
N ASP A 418 -29.07 -30.68 18.61
CA ASP A 418 -29.52 -32.07 18.82
C ASP A 418 -30.29 -32.60 17.60
N VAL A 419 -29.95 -33.81 17.18
CA VAL A 419 -30.44 -34.36 15.89
C VAL A 419 -31.88 -34.90 15.94
N MET A 420 -32.28 -35.50 17.06
CA MET A 420 -33.66 -35.98 17.24
C MET A 420 -34.63 -34.81 17.40
N GLU A 421 -34.25 -33.86 18.27
CA GLU A 421 -35.06 -32.66 18.54
C GLU A 421 -35.30 -31.85 17.26
N ARG A 422 -34.28 -31.71 16.42
CA ARG A 422 -34.37 -30.97 15.16
C ARG A 422 -35.29 -31.67 14.15
N GLN A 423 -35.10 -32.98 13.98
CA GLN A 423 -35.95 -33.79 13.10
C GLN A 423 -37.42 -33.81 13.53
N ARG A 424 -37.66 -33.70 14.85
CA ARG A 424 -39.02 -33.58 15.40
C ARG A 424 -39.69 -32.27 14.95
N LEU A 425 -38.93 -31.17 14.91
CA LEU A 425 -39.44 -29.85 14.51
C LEU A 425 -39.75 -29.71 13.01
N ILE A 426 -39.06 -30.46 12.15
CA ILE A 426 -39.32 -30.43 10.70
C ILE A 426 -40.69 -31.02 10.38
N GLU A 427 -40.96 -32.19 10.96
CA GLU A 427 -42.25 -32.88 10.76
C GLU A 427 -43.43 -32.16 11.43
N SER A 428 -43.17 -31.35 12.46
CA SER A 428 -44.20 -30.54 13.11
C SER A 428 -44.75 -29.42 12.21
N VAL A 429 -43.91 -28.88 11.33
CA VAL A 429 -44.32 -27.85 10.36
C VAL A 429 -45.11 -28.52 9.22
N PRO A 430 -46.33 -28.02 8.91
CA PRO A 430 -47.08 -28.60 7.78
C PRO A 430 -46.41 -28.44 6.41
N ASP A 431 -46.72 -29.35 5.50
CA ASP A 431 -46.21 -29.29 4.12
C ASP A 431 -46.83 -28.15 3.30
N SER A 432 -48.01 -27.68 3.73
CA SER A 432 -48.66 -26.51 3.13
C SER A 432 -47.89 -25.19 3.31
N VAL A 433 -47.02 -25.12 4.31
CA VAL A 433 -46.19 -23.93 4.53
C VAL A 433 -44.99 -23.97 3.58
N THR A 434 -44.96 -23.00 2.67
CA THR A 434 -44.08 -23.05 1.49
C THR A 434 -43.68 -21.63 1.03
N PRO A 435 -42.48 -21.48 0.43
CA PRO A 435 -42.19 -20.20 -0.24
C PRO A 435 -43.19 -19.93 -1.38
N LEU A 436 -43.59 -18.66 -1.53
CA LEU A 436 -44.61 -18.28 -2.49
C LEU A 436 -44.05 -17.28 -3.50
N ILE A 437 -43.54 -17.78 -4.62
CA ILE A 437 -42.99 -16.93 -5.67
C ILE A 437 -44.17 -16.26 -6.36
N ILE A 438 -44.55 -15.09 -5.86
CA ILE A 438 -45.70 -14.31 -6.36
C ILE A 438 -45.45 -13.58 -7.67
N TYR A 439 -44.18 -13.49 -8.08
CA TYR A 439 -43.81 -12.82 -9.33
C TYR A 439 -42.44 -13.31 -9.79
N GLU A 440 -42.30 -13.57 -11.10
CA GLU A 440 -41.02 -13.92 -11.70
C GLU A 440 -40.93 -13.32 -13.10
N GLU A 441 -39.81 -12.66 -13.39
CA GLU A 441 -39.57 -12.06 -14.70
C GLU A 441 -38.15 -12.39 -15.18
N THR A 442 -37.96 -12.33 -16.49
CA THR A 442 -36.66 -12.57 -17.11
C THR A 442 -36.40 -11.59 -18.24
N THR A 443 -35.12 -11.40 -18.55
CA THR A 443 -34.67 -10.48 -19.59
C THR A 443 -33.37 -10.97 -20.23
N ASP A 444 -33.16 -10.57 -21.48
CA ASP A 444 -31.91 -10.88 -22.20
C ASP A 444 -30.85 -9.79 -22.03
N ILE A 445 -31.21 -8.70 -21.36
CA ILE A 445 -30.30 -7.58 -21.11
C ILE A 445 -29.82 -7.68 -19.64
N TRP A 446 -30.49 -7.00 -18.72
CA TRP A 446 -30.22 -7.14 -17.29
C TRP A 446 -31.37 -6.58 -16.47
N ILE A 447 -31.49 -7.08 -15.25
CA ILE A 447 -32.44 -6.55 -14.27
C ILE A 447 -31.81 -5.35 -13.57
N ASN A 448 -32.55 -4.24 -13.52
CA ASN A 448 -32.19 -3.07 -12.73
C ASN A 448 -33.06 -3.08 -11.48
N ILE A 449 -32.42 -3.21 -10.32
CA ILE A 449 -33.12 -3.24 -9.03
C ILE A 449 -33.58 -1.83 -8.67
N HIS A 450 -34.79 -1.74 -8.09
CA HIS A 450 -35.37 -0.46 -7.68
C HIS A 450 -36.07 -0.59 -6.33
N ASP A 451 -36.53 0.55 -5.81
CA ASP A 451 -37.14 0.64 -4.48
C ASP A 451 -38.68 0.64 -4.48
N ILE A 452 -39.28 0.54 -5.66
CA ILE A 452 -40.74 0.45 -5.83
C ILE A 452 -41.27 -0.97 -5.57
N PHE A 453 -42.07 -1.10 -4.51
CA PHE A 453 -42.84 -2.31 -4.19
C PHE A 453 -43.88 -1.98 -3.12
N HIS A 454 -45.16 -2.08 -3.47
CA HIS A 454 -46.27 -1.73 -2.57
C HIS A 454 -47.28 -2.86 -2.50
N VAL A 455 -47.58 -3.30 -1.28
CA VAL A 455 -48.51 -4.40 -1.02
C VAL A 455 -49.77 -3.79 -0.40
N PHE A 456 -50.93 -4.08 -0.99
CA PHE A 456 -52.21 -3.63 -0.44
C PHE A 456 -52.62 -4.51 0.73
N PRO A 457 -53.54 -4.04 1.58
CA PRO A 457 -54.11 -4.90 2.62
C PRO A 457 -54.72 -6.18 2.03
N GLN A 458 -54.49 -7.31 2.69
CA GLN A 458 -54.95 -8.60 2.18
C GLN A 458 -56.44 -8.73 2.49
N SER A 459 -57.26 -8.95 1.47
CA SER A 459 -58.71 -9.17 1.63
C SER A 459 -59.04 -10.66 1.64
N HIS A 460 -58.57 -11.38 0.63
CA HIS A 460 -58.68 -12.83 0.55
C HIS A 460 -57.41 -13.44 1.16
N GLU A 461 -57.56 -14.51 1.94
CA GLU A 461 -56.40 -15.26 2.47
C GLU A 461 -55.61 -16.02 1.39
N GLU A 462 -56.19 -16.24 0.21
CA GLU A 462 -55.53 -16.94 -0.90
C GLU A 462 -55.20 -16.03 -2.10
N GLU A 463 -55.24 -14.71 -1.91
CA GLU A 463 -54.81 -13.76 -2.95
C GLU A 463 -54.04 -12.59 -2.32
N ILE A 464 -52.98 -12.16 -3.01
CA ILE A 464 -52.24 -10.94 -2.64
C ILE A 464 -52.17 -9.98 -3.83
N GLU A 465 -52.29 -8.70 -3.52
CA GLU A 465 -52.41 -7.64 -4.51
C GLU A 465 -51.27 -6.65 -4.28
N PHE A 466 -50.54 -6.29 -5.34
CA PHE A 466 -49.37 -5.41 -5.19
C PHE A 466 -49.00 -4.62 -6.44
N ILE A 467 -48.35 -3.48 -6.22
CA ILE A 467 -47.81 -2.65 -7.30
C ILE A 467 -46.30 -2.87 -7.37
N PHE A 468 -45.83 -3.18 -8.58
CA PHE A 468 -44.41 -3.35 -8.86
C PHE A 468 -44.07 -2.60 -10.14
N ALA A 469 -42.79 -2.31 -10.35
CA ALA A 469 -42.31 -1.69 -11.58
C ALA A 469 -41.39 -2.66 -12.32
N SER A 470 -41.39 -2.59 -13.65
CA SER A 470 -40.54 -3.46 -14.47
C SER A 470 -40.27 -2.93 -15.88
N GLU A 471 -39.08 -3.26 -16.38
CA GLU A 471 -38.67 -2.99 -17.76
C GLU A 471 -38.85 -4.21 -18.66
N CYS A 472 -39.07 -5.38 -18.07
CA CYS A 472 -39.01 -6.66 -18.80
C CYS A 472 -40.14 -6.90 -19.81
N LYS A 473 -41.22 -6.13 -19.76
CA LYS A 473 -42.32 -6.26 -20.72
C LYS A 473 -42.11 -5.46 -22.00
N THR A 474 -41.95 -4.13 -21.87
CA THR A 474 -41.87 -3.22 -23.00
C THR A 474 -40.47 -2.63 -23.29
N GLY A 475 -39.53 -2.84 -22.37
CA GLY A 475 -38.20 -2.23 -22.44
C GLY A 475 -38.07 -0.87 -21.75
N PHE A 476 -39.17 -0.35 -21.21
CA PHE A 476 -39.17 0.86 -20.40
C PHE A 476 -39.81 0.51 -19.06
N ARG A 477 -39.35 1.16 -17.97
CA ARG A 477 -39.87 0.86 -16.63
C ARG A 477 -41.26 1.46 -16.43
N HIS A 478 -42.24 0.61 -16.11
CA HIS A 478 -43.61 1.04 -15.89
C HIS A 478 -44.23 0.35 -14.69
N LEU A 479 -45.27 0.96 -14.15
CA LEU A 479 -45.95 0.43 -12.98
C LEU A 479 -46.98 -0.61 -13.41
N TYR A 480 -47.01 -1.73 -12.69
CA TYR A 480 -47.94 -2.83 -12.95
C TYR A 480 -48.61 -3.27 -11.65
N LYS A 481 -49.94 -3.26 -11.62
CA LYS A 481 -50.72 -3.79 -10.51
C LYS A 481 -50.95 -5.27 -10.78
N ILE A 482 -50.60 -6.12 -9.82
CA ILE A 482 -50.65 -7.56 -9.96
C ILE A 482 -51.46 -8.17 -8.82
N THR A 483 -52.20 -9.23 -9.14
CA THR A 483 -52.87 -10.06 -8.16
C THR A 483 -52.45 -11.51 -8.37
N SER A 484 -51.74 -12.09 -7.40
CA SER A 484 -51.25 -13.48 -7.46
C SER A 484 -52.02 -14.37 -6.49
N ILE A 485 -52.21 -15.62 -6.87
CA ILE A 485 -52.99 -16.59 -6.07
C ILE A 485 -52.04 -17.47 -5.26
N LEU A 486 -52.31 -17.57 -3.96
CA LEU A 486 -51.45 -18.28 -3.02
C LEU A 486 -51.94 -19.73 -2.83
N LYS A 487 -51.74 -20.57 -3.85
CA LYS A 487 -52.11 -21.99 -3.75
C LYS A 487 -51.06 -22.77 -2.99
N GLU A 488 -51.47 -23.94 -2.48
CA GLU A 488 -50.55 -24.89 -1.89
C GLU A 488 -49.64 -25.45 -2.98
N SER A 489 -48.35 -25.58 -2.67
CA SER A 489 -47.38 -26.15 -3.60
C SER A 489 -47.65 -27.62 -3.86
N LYS A 490 -47.07 -28.13 -4.94
CA LYS A 490 -47.17 -29.53 -5.32
C LYS A 490 -46.12 -30.35 -4.56
N TYR A 491 -44.97 -29.74 -4.30
CA TYR A 491 -43.90 -30.34 -3.50
C TYR A 491 -44.36 -30.53 -2.04
N LYS A 492 -44.01 -31.69 -1.49
CA LYS A 492 -44.31 -32.01 -0.09
C LYS A 492 -43.02 -32.45 0.61
N ARG A 493 -42.79 -31.87 1.79
CA ARG A 493 -41.57 -32.12 2.58
C ARG A 493 -41.52 -33.53 3.19
N SER A 494 -42.70 -34.14 3.36
CA SER A 494 -42.83 -35.51 3.86
C SER A 494 -42.28 -36.58 2.89
N SER A 495 -42.48 -36.38 1.59
CA SER A 495 -42.01 -37.31 0.56
C SER A 495 -40.49 -37.50 0.54
N GLY A 496 -39.75 -36.51 1.03
CA GLY A 496 -38.30 -36.62 1.18
C GLY A 496 -37.49 -36.31 -0.06
N GLY A 497 -38.14 -35.79 -1.11
CA GLY A 497 -37.45 -35.35 -2.33
C GLY A 497 -37.00 -33.90 -2.22
N LEU A 498 -36.60 -33.35 -3.35
CA LEU A 498 -36.20 -31.93 -3.45
C LEU A 498 -37.20 -31.21 -4.37
N PRO A 499 -37.50 -29.92 -4.09
CA PRO A 499 -38.49 -29.20 -4.90
C PRO A 499 -38.00 -28.87 -6.31
N ALA A 500 -38.86 -29.15 -7.29
CA ALA A 500 -38.58 -28.83 -8.70
C ALA A 500 -38.71 -27.31 -8.92
N PRO A 501 -38.04 -26.78 -9.97
CA PRO A 501 -37.78 -25.32 -10.04
C PRO A 501 -38.99 -24.37 -10.13
N SER A 502 -40.18 -24.86 -10.49
CA SER A 502 -41.40 -24.03 -10.55
C SER A 502 -42.51 -24.47 -9.59
N ASP A 503 -42.17 -25.26 -8.56
CA ASP A 503 -43.14 -25.79 -7.60
C ASP A 503 -43.68 -24.74 -6.62
N PHE A 504 -42.92 -23.66 -6.42
CA PHE A 504 -43.33 -22.56 -5.54
C PHE A 504 -43.93 -21.36 -6.29
N LYS A 505 -44.03 -21.45 -7.62
CA LYS A 505 -44.56 -20.36 -8.44
C LYS A 505 -46.07 -20.23 -8.33
N CYS A 506 -46.53 -19.06 -7.90
CA CYS A 506 -47.95 -18.76 -7.79
C CYS A 506 -48.50 -18.41 -9.18
N PRO A 507 -49.77 -18.76 -9.47
CA PRO A 507 -50.39 -18.25 -10.69
C PRO A 507 -50.66 -16.74 -10.60
N ILE A 508 -50.70 -16.08 -11.76
CA ILE A 508 -51.06 -14.67 -11.85
C ILE A 508 -52.54 -14.62 -12.22
N LYS A 509 -53.37 -14.09 -11.32
CA LYS A 509 -54.80 -13.92 -11.60
C LYS A 509 -55.02 -12.75 -12.56
N GLU A 510 -54.31 -11.65 -12.30
CA GLU A 510 -54.46 -10.41 -13.04
C GLU A 510 -53.11 -9.67 -13.12
N GLU A 511 -52.88 -9.01 -14.24
CA GLU A 511 -51.70 -8.17 -14.43
C GLU A 511 -52.05 -7.00 -15.35
N ILE A 512 -52.10 -5.79 -14.78
CA ILE A 512 -52.59 -4.60 -15.47
C ILE A 512 -51.48 -3.56 -15.53
N ALA A 513 -51.29 -2.98 -16.73
CA ALA A 513 -50.35 -1.88 -16.91
C ALA A 513 -50.99 -0.58 -16.43
N ILE A 514 -50.40 0.03 -15.41
CA ILE A 514 -50.86 1.31 -14.89
C ILE A 514 -50.33 2.42 -15.79
N THR A 515 -49.10 2.25 -16.29
CA THR A 515 -48.49 3.20 -17.22
C THR A 515 -47.85 2.50 -18.42
N SER A 516 -47.62 3.27 -19.48
CA SER A 516 -46.99 2.75 -20.70
C SER A 516 -46.47 3.91 -21.55
N GLY A 517 -45.55 3.60 -22.47
CA GLY A 517 -45.00 4.58 -23.41
C GLY A 517 -43.49 4.54 -23.52
N GLU A 518 -42.95 5.44 -24.35
CA GLU A 518 -41.52 5.52 -24.63
C GLU A 518 -40.81 6.45 -23.63
N TRP A 519 -40.88 6.06 -22.37
CA TRP A 519 -40.39 6.87 -21.24
C TRP A 519 -40.49 5.99 -20.00
N GLU A 520 -39.75 6.33 -18.94
CA GLU A 520 -39.70 5.45 -17.76
C GLU A 520 -40.18 6.05 -16.43
N VAL A 521 -40.64 5.17 -15.55
CA VAL A 521 -40.90 5.47 -14.15
C VAL A 521 -39.59 5.32 -13.38
N LEU A 522 -39.32 6.25 -12.47
CA LEU A 522 -38.06 6.28 -11.71
C LEU A 522 -38.25 5.60 -10.36
N GLY A 523 -37.32 4.72 -10.00
CA GLY A 523 -37.40 3.96 -8.74
C GLY A 523 -36.11 3.88 -7.92
N ARG A 524 -35.16 4.77 -8.20
CA ARG A 524 -33.83 4.74 -7.57
C ARG A 524 -33.45 6.11 -7.02
N HIS A 525 -32.48 6.12 -6.11
CA HIS A 525 -31.91 7.36 -5.53
C HIS A 525 -32.95 8.27 -4.86
N GLY A 526 -33.95 7.68 -4.21
CA GLY A 526 -35.03 8.44 -3.56
C GLY A 526 -36.34 8.47 -4.32
N SER A 527 -36.29 8.31 -5.65
CA SER A 527 -37.51 8.24 -6.46
C SER A 527 -38.33 7.00 -6.12
N ASN A 528 -39.63 7.18 -5.88
CA ASN A 528 -40.52 6.10 -5.44
C ASN A 528 -41.97 6.48 -5.74
N ILE A 529 -42.89 5.63 -5.31
CA ILE A 529 -44.34 5.90 -5.44
C ILE A 529 -44.98 6.20 -4.10
N GLN A 530 -46.11 6.89 -4.15
CA GLN A 530 -47.00 7.08 -3.01
C GLN A 530 -48.39 6.68 -3.47
N VAL A 531 -48.98 5.70 -2.78
CA VAL A 531 -50.26 5.12 -3.15
C VAL A 531 -51.36 5.69 -2.25
N ASP A 532 -52.26 6.47 -2.84
CA ASP A 532 -53.46 6.97 -2.16
C ASP A 532 -54.55 5.90 -2.28
N GLU A 533 -54.75 5.12 -1.21
CA GLU A 533 -55.70 4.00 -1.23
C GLU A 533 -57.19 4.38 -1.10
N VAL A 534 -57.50 5.62 -0.70
CA VAL A 534 -58.90 6.08 -0.65
C VAL A 534 -59.36 6.48 -2.05
N ARG A 535 -58.59 7.37 -2.67
CA ARG A 535 -58.86 7.82 -4.04
C ARG A 535 -58.36 6.86 -5.12
N ARG A 536 -57.61 5.83 -4.70
CA ARG A 536 -57.09 4.78 -5.58
C ARG A 536 -56.19 5.32 -6.71
N LEU A 537 -55.30 6.24 -6.32
CA LEU A 537 -54.32 6.85 -7.21
C LEU A 537 -52.91 6.45 -6.78
N VAL A 538 -51.97 6.55 -7.73
CA VAL A 538 -50.55 6.36 -7.46
C VAL A 538 -49.75 7.54 -8.02
N TYR A 539 -49.01 8.21 -7.14
CA TYR A 539 -48.15 9.32 -7.53
C TYR A 539 -46.80 8.69 -7.85
N PHE A 540 -46.13 9.19 -8.89
CA PHE A 540 -44.84 8.64 -9.31
C PHE A 540 -44.04 9.67 -10.08
N GLU A 541 -42.74 9.40 -10.21
CA GLU A 541 -41.82 10.27 -10.96
C GLU A 541 -41.40 9.59 -12.25
N GLY A 542 -41.21 10.38 -13.31
CA GLY A 542 -40.87 9.84 -14.63
C GLY A 542 -40.41 10.81 -15.69
N THR A 543 -40.08 10.24 -16.85
CA THR A 543 -39.48 10.96 -17.98
C THR A 543 -40.45 11.15 -19.16
N LYS A 544 -41.77 11.18 -18.88
CA LYS A 544 -42.80 11.24 -19.94
C LYS A 544 -42.72 12.51 -20.80
N ASP A 545 -42.56 13.65 -20.15
CA ASP A 545 -42.47 14.94 -20.85
C ASP A 545 -41.12 15.14 -21.56
N SER A 546 -40.04 14.61 -20.98
CA SER A 546 -38.71 14.76 -21.57
C SER A 546 -37.71 13.83 -20.88
N PRO A 547 -36.70 13.32 -21.62
CA PRO A 547 -35.63 12.59 -20.94
C PRO A 547 -34.66 13.52 -20.17
N LEU A 548 -34.80 14.84 -20.37
CA LEU A 548 -33.95 15.84 -19.72
C LEU A 548 -34.56 16.42 -18.43
N GLU A 549 -35.79 16.02 -18.08
CA GLU A 549 -36.44 16.49 -16.85
C GLU A 549 -37.19 15.34 -16.19
N HIS A 550 -37.05 15.24 -14.88
CA HIS A 550 -37.86 14.35 -14.06
C HIS A 550 -39.07 15.15 -13.61
N HIS A 551 -40.26 14.55 -13.67
CA HIS A 551 -41.51 15.23 -13.27
C HIS A 551 -42.36 14.33 -12.40
N LEU A 552 -43.22 14.95 -11.59
CA LEU A 552 -44.19 14.23 -10.76
C LEU A 552 -45.49 14.02 -11.54
N TYR A 553 -46.01 12.80 -11.48
CA TYR A 553 -47.25 12.42 -12.14
C TYR A 553 -48.18 11.68 -11.20
N VAL A 554 -49.48 11.68 -11.52
CA VAL A 554 -50.48 10.89 -10.79
C VAL A 554 -51.44 10.23 -11.78
N VAL A 555 -51.87 9.02 -11.44
CA VAL A 555 -52.74 8.23 -12.29
C VAL A 555 -53.49 7.21 -11.42
N SER A 556 -54.70 6.85 -11.84
CA SER A 556 -55.48 5.82 -11.16
C SER A 556 -54.85 4.45 -11.38
N TYR A 557 -54.87 3.60 -10.36
CA TYR A 557 -54.41 2.20 -10.51
C TYR A 557 -55.57 1.21 -10.75
N VAL A 558 -56.81 1.64 -10.60
CA VAL A 558 -57.98 0.78 -10.89
C VAL A 558 -58.30 0.83 -12.38
N ASN A 559 -58.63 2.01 -12.88
CA ASN A 559 -58.88 2.21 -14.32
C ASN A 559 -57.85 3.21 -14.84
N PRO A 560 -56.62 2.73 -15.13
CA PRO A 560 -55.55 3.64 -15.57
C PRO A 560 -55.78 4.20 -16.97
N GLY A 561 -55.87 5.53 -17.06
CA GLY A 561 -55.93 6.24 -18.34
C GLY A 561 -55.09 7.51 -18.32
N GLU A 562 -55.71 8.63 -17.97
CA GLU A 562 -55.04 9.94 -17.96
C GLU A 562 -53.94 10.05 -16.89
N VAL A 563 -52.72 10.32 -17.33
CA VAL A 563 -51.58 10.60 -16.45
C VAL A 563 -51.43 12.11 -16.38
N THR A 564 -51.71 12.68 -15.21
CA THR A 564 -51.61 14.13 -14.99
C THR A 564 -50.20 14.48 -14.49
N ARG A 565 -49.51 15.35 -15.22
CA ARG A 565 -48.25 15.93 -14.75
C ARG A 565 -48.58 16.99 -13.69
N LEU A 566 -47.94 16.89 -12.53
CA LEU A 566 -48.15 17.83 -11.42
C LEU A 566 -47.06 18.90 -11.28
N THR A 567 -45.88 18.68 -11.88
CA THR A 567 -44.77 19.63 -11.79
C THR A 567 -44.64 20.47 -13.05
N ASP A 568 -44.06 21.67 -12.91
CA ASP A 568 -43.99 22.63 -14.00
C ASP A 568 -42.80 22.39 -14.93
N ARG A 569 -43.05 22.58 -16.23
CA ARG A 569 -42.05 22.43 -17.28
C ARG A 569 -40.96 23.50 -17.20
N GLY A 570 -39.80 23.20 -17.79
CA GLY A 570 -38.62 24.06 -17.73
C GLY A 570 -37.76 23.84 -16.48
N TYR A 571 -38.04 22.76 -15.75
CA TYR A 571 -37.27 22.39 -14.56
C TYR A 571 -37.28 20.87 -14.42
N SER A 572 -36.19 20.32 -13.89
CA SER A 572 -36.15 18.91 -13.47
C SER A 572 -36.43 18.89 -11.98
N HIS A 573 -37.25 17.91 -11.55
CA HIS A 573 -37.76 17.87 -10.19
C HIS A 573 -37.35 16.60 -9.46
N SER A 574 -37.25 16.71 -8.14
CA SER A 574 -37.10 15.57 -7.24
C SER A 574 -38.11 15.82 -6.13
N CYS A 575 -39.06 14.91 -5.98
CA CYS A 575 -40.23 15.15 -5.14
C CYS A 575 -40.45 14.05 -4.13
N CYS A 576 -41.24 14.39 -3.12
CA CYS A 576 -41.85 13.41 -2.25
C CYS A 576 -43.27 13.89 -1.93
N ILE A 577 -44.14 12.92 -1.67
CA ILE A 577 -45.55 13.17 -1.41
C ILE A 577 -45.80 12.85 0.06
N SER A 578 -46.61 13.69 0.70
CA SER A 578 -47.11 13.41 2.04
C SER A 578 -47.79 12.05 2.08
N GLN A 579 -47.58 11.31 3.17
CA GLN A 579 -48.34 10.08 3.44
C GLN A 579 -49.86 10.28 3.40
N HIS A 580 -50.32 11.49 3.73
CA HIS A 580 -51.75 11.83 3.69
C HIS A 580 -52.26 12.14 2.26
N CYS A 581 -51.34 12.39 1.33
CA CYS A 581 -51.61 12.57 -0.11
C CYS A 581 -52.37 13.84 -0.46
N ASP A 582 -52.16 14.89 0.34
CA ASP A 582 -52.69 16.24 0.07
C ASP A 582 -51.58 17.30 -0.14
N PHE A 583 -50.32 16.87 -0.16
CA PHE A 583 -49.18 17.76 -0.37
C PHE A 583 -48.07 17.04 -1.12
N PHE A 584 -47.22 17.82 -1.77
CA PHE A 584 -45.95 17.33 -2.29
C PHE A 584 -44.92 18.46 -2.28
N ILE A 585 -43.67 18.08 -2.03
CA ILE A 585 -42.55 19.00 -2.05
C ILE A 585 -41.76 18.68 -3.30
N SER A 586 -41.15 19.70 -3.90
CA SER A 586 -40.29 19.53 -5.07
C SER A 586 -38.96 20.23 -4.85
N LYS A 587 -37.87 19.47 -4.91
CA LYS A 587 -36.52 20.01 -5.03
C LYS A 587 -36.27 20.12 -6.53
N TYR A 588 -36.23 21.35 -7.04
CA TYR A 588 -36.15 21.56 -8.49
C TYR A 588 -35.09 22.58 -8.87
N SER A 589 -34.61 22.44 -10.11
CA SER A 589 -33.66 23.38 -10.69
C SER A 589 -33.70 23.28 -12.20
N ASN A 590 -32.97 24.16 -12.87
CA ASN A 590 -32.68 23.99 -14.30
C ASN A 590 -31.29 24.53 -14.65
N GLN A 591 -30.96 24.50 -15.93
CA GLN A 591 -29.62 24.87 -16.42
C GLN A 591 -29.15 26.27 -15.98
N LYS A 592 -30.09 27.23 -15.86
CA LYS A 592 -29.77 28.62 -15.48
C LYS A 592 -29.95 28.93 -13.99
N ASN A 593 -30.83 28.20 -13.31
CA ASN A 593 -31.26 28.52 -11.93
C ASN A 593 -30.84 27.44 -10.92
N PRO A 594 -30.16 27.84 -9.83
CA PRO A 594 -29.84 26.89 -8.75
C PRO A 594 -31.07 26.29 -8.07
N HIS A 595 -30.85 25.23 -7.30
CA HIS A 595 -31.94 24.44 -6.73
C HIS A 595 -32.78 25.19 -5.69
N CYS A 596 -34.09 24.98 -5.78
CA CYS A 596 -35.07 25.49 -4.82
C CYS A 596 -35.87 24.33 -4.30
N VAL A 597 -36.46 24.50 -3.11
CA VAL A 597 -37.38 23.52 -2.55
C VAL A 597 -38.66 24.24 -2.18
N SER A 598 -39.78 23.84 -2.80
CA SER A 598 -41.09 24.47 -2.58
C SER A 598 -42.16 23.43 -2.25
N LEU A 599 -43.17 23.85 -1.50
CA LEU A 599 -44.29 23.01 -1.06
C LEU A 599 -45.53 23.28 -1.92
N TYR A 600 -46.22 22.21 -2.33
CA TYR A 600 -47.41 22.33 -3.18
C TYR A 600 -48.59 21.57 -2.60
N LYS A 601 -49.70 22.27 -2.38
CA LYS A 601 -50.93 21.66 -1.89
C LYS A 601 -51.70 21.02 -3.05
N LEU A 602 -52.22 19.82 -2.80
CA LEU A 602 -52.97 19.05 -3.79
C LEU A 602 -54.46 19.09 -3.45
N SER A 603 -55.29 19.22 -4.48
CA SER A 603 -56.74 19.19 -4.33
C SER A 603 -57.43 18.59 -5.54
N SER A 604 -58.71 18.29 -5.36
CA SER A 604 -59.57 17.74 -6.40
C SER A 604 -60.70 18.73 -6.71
N PRO A 605 -61.23 18.72 -7.95
CA PRO A 605 -62.50 19.40 -8.16
C PRO A 605 -63.62 18.62 -7.46
N GLU A 606 -64.59 19.36 -6.94
CA GLU A 606 -65.70 18.82 -6.14
C GLU A 606 -66.46 17.65 -6.80
N ASP A 607 -66.53 17.64 -8.13
CA ASP A 607 -67.23 16.58 -8.90
C ASP A 607 -66.44 15.28 -9.17
N ASP A 608 -65.12 15.31 -9.02
CA ASP A 608 -64.28 14.13 -9.33
C ASP A 608 -62.99 14.10 -8.47
N PRO A 609 -62.96 13.25 -7.42
CA PRO A 609 -61.73 13.08 -6.61
C PRO A 609 -60.51 12.51 -7.37
N THR A 610 -60.77 11.77 -8.44
CA THR A 610 -59.73 11.22 -9.33
C THR A 610 -58.84 12.30 -9.97
N CYS A 611 -59.47 13.38 -10.44
CA CYS A 611 -58.76 14.48 -11.07
C CYS A 611 -57.99 15.28 -10.01
N LYS A 612 -56.74 15.60 -10.29
CA LYS A 612 -55.87 16.27 -9.31
C LYS A 612 -55.25 17.55 -9.86
N THR A 613 -55.26 18.58 -9.02
CA THR A 613 -54.65 19.88 -9.32
C THR A 613 -53.68 20.23 -8.20
N LYS A 614 -52.74 21.13 -8.50
CA LYS A 614 -51.76 21.60 -7.52
C LYS A 614 -51.73 23.12 -7.44
N GLU A 615 -51.33 23.62 -6.26
CA GLU A 615 -51.22 25.04 -6.02
C GLU A 615 -49.98 25.27 -5.16
N PHE A 616 -49.17 26.25 -5.54
CA PHE A 616 -48.02 26.65 -4.75
C PHE A 616 -48.50 27.10 -3.37
N TRP A 617 -47.85 26.58 -2.32
CA TRP A 617 -48.23 26.88 -0.94
C TRP A 617 -47.18 27.73 -0.24
N ALA A 618 -45.92 27.26 -0.27
CA ALA A 618 -44.83 27.95 0.42
C ALA A 618 -43.47 27.50 -0.11
N THR A 619 -42.47 28.35 0.13
CA THR A 619 -41.07 28.02 -0.14
C THR A 619 -40.43 27.48 1.13
N ILE A 620 -39.65 26.41 0.98
CA ILE A 620 -38.83 25.85 2.07
C ILE A 620 -37.39 26.36 1.94
N LEU A 621 -36.83 26.30 0.72
CA LEU A 621 -35.48 26.82 0.44
C LEU A 621 -35.50 27.72 -0.79
N ASP A 622 -35.08 28.97 -0.60
CA ASP A 622 -35.06 29.96 -1.67
C ASP A 622 -33.82 29.75 -2.53
N SER A 623 -33.89 30.18 -3.80
CA SER A 623 -32.74 30.09 -4.71
C SER A 623 -31.69 31.13 -4.32
N ALA A 624 -30.44 30.81 -4.62
CA ALA A 624 -29.35 31.80 -4.56
C ALA A 624 -29.46 32.83 -5.69
N GLY A 625 -30.21 32.51 -6.74
CA GLY A 625 -30.35 33.34 -7.92
C GLY A 625 -29.28 32.92 -8.92
N PRO A 626 -29.42 33.31 -10.19
CA PRO A 626 -28.32 33.05 -11.13
C PRO A 626 -27.04 33.78 -10.69
N LEU A 627 -25.95 33.02 -10.57
CA LEU A 627 -24.67 33.56 -10.06
C LEU A 627 -23.93 34.27 -11.20
N PRO A 628 -23.44 35.52 -10.98
CA PRO A 628 -22.83 36.31 -12.08
C PRO A 628 -21.64 35.66 -12.81
N ASP A 629 -20.75 35.05 -12.04
CA ASP A 629 -19.60 34.29 -12.59
C ASP A 629 -20.03 33.23 -13.62
N TYR A 630 -21.04 32.45 -13.25
CA TYR A 630 -21.38 31.20 -13.96
C TYR A 630 -22.19 31.39 -15.23
N THR A 631 -21.57 31.12 -16.38
CA THR A 631 -22.27 31.01 -17.66
C THR A 631 -22.67 29.53 -17.86
N PRO A 632 -23.98 29.23 -17.87
CA PRO A 632 -24.39 27.83 -18.07
C PRO A 632 -24.15 27.33 -19.49
N PRO A 633 -24.13 26.00 -19.69
CA PRO A 633 -23.99 25.42 -21.02
C PRO A 633 -25.32 25.34 -21.76
N GLU A 634 -25.24 25.10 -23.07
CA GLU A 634 -26.40 24.88 -23.91
C GLU A 634 -26.58 23.39 -24.14
N ILE A 635 -27.80 22.88 -23.93
CA ILE A 635 -28.12 21.50 -24.27
C ILE A 635 -28.29 21.41 -25.79
N PHE A 636 -27.68 20.40 -26.40
CA PHE A 636 -27.84 20.11 -27.82
C PHE A 636 -28.13 18.63 -28.01
N SER A 637 -28.57 18.28 -29.23
CA SER A 637 -28.81 16.90 -29.61
C SER A 637 -28.51 16.68 -31.10
N PHE A 638 -28.31 15.41 -31.44
CA PHE A 638 -28.05 15.03 -32.83
C PHE A 638 -28.61 13.64 -33.10
N GLU A 639 -29.07 13.43 -34.32
CA GLU A 639 -29.62 12.15 -34.75
C GLU A 639 -28.48 11.23 -35.16
N SER A 640 -28.18 10.27 -34.30
CA SER A 640 -27.04 9.37 -34.50
C SER A 640 -27.33 8.34 -35.58
N THR A 641 -26.25 7.83 -36.18
CA THR A 641 -26.32 6.73 -37.15
C THR A 641 -26.84 5.42 -36.56
N THR A 642 -26.73 5.28 -35.23
CA THR A 642 -27.23 4.12 -34.48
C THR A 642 -28.75 4.08 -34.27
N GLY A 643 -29.44 5.18 -34.59
CA GLY A 643 -30.91 5.23 -34.50
C GLY A 643 -31.47 5.84 -33.22
N PHE A 644 -30.59 6.39 -32.38
CA PHE A 644 -31.00 7.08 -31.15
C PHE A 644 -30.64 8.56 -31.24
N THR A 645 -31.52 9.42 -30.73
CA THR A 645 -31.14 10.79 -30.45
C THR A 645 -30.19 10.75 -29.27
N LEU A 646 -29.04 11.42 -29.38
CA LEU A 646 -28.07 11.50 -28.28
C LEU A 646 -27.96 12.95 -27.86
N TYR A 647 -28.12 13.21 -26.56
CA TYR A 647 -28.10 14.57 -26.02
C TYR A 647 -26.71 14.91 -25.51
N GLY A 648 -26.36 16.19 -25.56
CA GLY A 648 -25.07 16.68 -25.10
C GLY A 648 -25.15 18.06 -24.51
N MET A 649 -24.10 18.45 -23.78
CA MET A 649 -23.94 19.82 -23.28
C MET A 649 -22.75 20.46 -23.96
N LEU A 650 -22.86 21.76 -24.22
CA LEU A 650 -21.83 22.53 -24.91
C LEU A 650 -21.59 23.83 -24.14
N TYR A 651 -20.37 24.01 -23.63
CA TYR A 651 -19.93 25.27 -23.06
C TYR A 651 -19.12 25.99 -24.15
N LYS A 652 -19.71 27.02 -24.75
CA LYS A 652 -18.99 27.86 -25.72
C LYS A 652 -17.95 28.71 -24.99
N PRO A 653 -16.76 28.95 -25.61
CA PRO A 653 -15.73 29.80 -24.99
C PRO A 653 -16.18 31.23 -24.69
N HIS A 654 -15.59 31.83 -23.65
CA HIS A 654 -16.02 33.13 -23.15
C HIS A 654 -15.29 34.25 -23.88
N ASP A 655 -16.04 35.25 -24.33
CA ASP A 655 -15.55 36.29 -25.24
C ASP A 655 -15.04 35.63 -26.53
N LEU A 656 -15.98 34.96 -27.21
CA LEU A 656 -15.69 34.21 -28.43
C LEU A 656 -15.31 35.13 -29.59
N GLN A 657 -14.12 34.92 -30.16
CA GLN A 657 -13.59 35.77 -31.23
C GLN A 657 -14.02 35.27 -32.60
N PRO A 658 -14.22 36.20 -33.57
CA PRO A 658 -14.51 35.80 -34.95
C PRO A 658 -13.25 35.34 -35.68
N GLY A 659 -13.38 34.27 -36.46
CA GLY A 659 -12.25 33.71 -37.22
C GLY A 659 -11.17 33.12 -36.34
N LYS A 660 -11.58 32.35 -35.33
CA LYS A 660 -10.65 31.67 -34.41
C LYS A 660 -11.20 30.33 -33.96
N LYS A 661 -10.31 29.32 -33.91
CA LYS A 661 -10.66 27.97 -33.47
C LYS A 661 -9.97 27.67 -32.14
N TYR A 662 -10.71 27.07 -31.21
CA TYR A 662 -10.29 26.93 -29.82
C TYR A 662 -10.05 25.46 -29.45
N PRO A 663 -9.18 25.20 -28.45
CA PRO A 663 -8.93 23.84 -27.99
C PRO A 663 -10.13 23.28 -27.22
N THR A 664 -10.48 22.03 -27.49
CA THR A 664 -11.67 21.40 -26.92
C THR A 664 -11.30 20.42 -25.79
N VAL A 665 -12.04 20.48 -24.68
CA VAL A 665 -11.96 19.46 -23.63
C VAL A 665 -13.30 18.73 -23.57
N LEU A 666 -13.26 17.43 -23.87
CA LEU A 666 -14.42 16.56 -23.74
C LEU A 666 -14.45 15.97 -22.34
N PHE A 667 -15.42 16.36 -21.51
CA PHE A 667 -15.61 15.74 -20.19
C PHE A 667 -16.61 14.60 -20.32
N ILE A 668 -16.35 13.50 -19.60
CA ILE A 668 -17.10 12.25 -19.82
C ILE A 668 -17.25 11.42 -18.54
N TYR A 669 -18.42 10.77 -18.40
CA TYR A 669 -18.58 9.61 -17.52
C TYR A 669 -18.91 8.42 -18.41
N GLY A 670 -20.09 8.45 -19.05
CA GLY A 670 -20.43 7.50 -20.12
C GLY A 670 -20.66 6.04 -19.76
N GLY A 671 -20.94 5.77 -18.49
CA GLY A 671 -21.17 4.42 -17.99
C GLY A 671 -22.61 4.21 -17.56
N PRO A 672 -22.97 2.98 -17.16
CA PRO A 672 -24.35 2.71 -16.77
C PRO A 672 -24.78 3.39 -15.47
N GLN A 673 -26.09 3.58 -15.33
CA GLN A 673 -26.75 4.16 -14.15
C GLN A 673 -26.56 5.68 -13.97
N VAL A 674 -26.01 6.37 -14.96
CA VAL A 674 -25.72 7.81 -14.86
C VAL A 674 -26.16 8.54 -16.11
N GLN A 675 -26.60 9.78 -15.92
CA GLN A 675 -26.94 10.71 -17.00
C GLN A 675 -26.36 12.08 -16.66
N LEU A 676 -25.35 12.52 -17.42
CA LEU A 676 -24.77 13.84 -17.22
C LEU A 676 -25.60 14.96 -17.87
N VAL A 677 -26.25 14.68 -18.99
CA VAL A 677 -26.92 15.70 -19.80
C VAL A 677 -28.42 15.76 -19.48
N ASN A 678 -28.80 16.76 -18.71
CA ASN A 678 -30.22 17.03 -18.43
C ASN A 678 -30.42 18.49 -18.03
N ASN A 679 -31.68 18.89 -17.87
CA ASN A 679 -32.02 20.28 -17.54
C ASN A 679 -31.99 20.49 -16.02
N ARG A 680 -30.77 20.44 -15.48
CA ARG A 680 -30.51 20.68 -14.06
C ARG A 680 -29.38 21.69 -13.95
N PHE A 681 -29.29 22.33 -12.78
CA PHE A 681 -28.20 23.27 -12.52
C PHE A 681 -26.88 22.50 -12.36
N LYS A 682 -25.92 22.80 -13.24
CA LYS A 682 -24.59 22.20 -13.20
C LYS A 682 -23.53 23.12 -12.60
N GLY A 683 -23.94 24.29 -12.10
CA GLY A 683 -23.01 25.28 -11.56
C GLY A 683 -22.42 25.00 -10.19
N VAL A 684 -22.88 23.96 -9.50
CA VAL A 684 -22.27 23.54 -8.25
C VAL A 684 -21.14 22.54 -8.57
N LYS A 685 -21.53 21.33 -8.96
CA LYS A 685 -20.59 20.22 -9.12
C LYS A 685 -19.72 20.34 -10.37
N TYR A 686 -20.27 20.89 -11.46
CA TYR A 686 -19.53 21.08 -12.71
C TYR A 686 -19.23 22.55 -13.01
N PHE A 687 -19.00 23.33 -11.95
CA PHE A 687 -18.61 24.74 -12.07
C PHE A 687 -17.33 24.91 -12.89
N ARG A 688 -16.38 24.01 -12.70
CA ARG A 688 -15.07 24.12 -13.35
C ARG A 688 -15.08 23.90 -14.85
N LEU A 689 -16.14 23.30 -15.39
CA LEU A 689 -16.35 23.27 -16.84
C LEU A 689 -16.61 24.69 -17.37
N ASN A 690 -17.28 25.52 -16.56
CA ASN A 690 -17.41 26.96 -16.83
C ASN A 690 -16.05 27.68 -16.74
N THR A 691 -15.24 27.33 -15.73
CA THR A 691 -13.89 27.88 -15.60
C THR A 691 -13.02 27.58 -16.83
N LEU A 692 -13.14 26.37 -17.38
CA LEU A 692 -12.41 26.02 -18.61
C LEU A 692 -12.84 26.89 -19.79
N ALA A 693 -14.15 27.17 -19.88
CA ALA A 693 -14.68 28.08 -20.90
C ALA A 693 -14.22 29.53 -20.73
N SER A 694 -14.00 29.95 -19.48
CA SER A 694 -13.45 31.30 -19.20
C SER A 694 -11.96 31.44 -19.59
N LEU A 695 -11.23 30.32 -19.62
CA LEU A 695 -9.83 30.30 -20.07
C LEU A 695 -9.68 30.18 -21.59
N GLY A 696 -10.76 29.82 -22.27
CA GLY A 696 -10.78 29.70 -23.74
C GLY A 696 -10.72 28.27 -24.25
N TYR A 697 -11.43 27.35 -23.58
CA TYR A 697 -11.62 25.99 -24.07
C TYR A 697 -13.10 25.79 -24.43
N VAL A 698 -13.35 25.02 -25.48
CA VAL A 698 -14.68 24.50 -25.77
C VAL A 698 -14.83 23.27 -24.86
N VAL A 699 -15.91 23.20 -24.09
CA VAL A 699 -16.19 22.00 -23.29
C VAL A 699 -17.41 21.28 -23.86
N VAL A 700 -17.29 19.95 -23.93
CA VAL A 700 -18.33 19.09 -24.48
C VAL A 700 -18.61 17.96 -23.50
N VAL A 701 -19.90 17.67 -23.29
CA VAL A 701 -20.34 16.47 -22.56
C VAL A 701 -21.39 15.81 -23.43
N ILE A 702 -21.28 14.48 -23.59
CA ILE A 702 -22.23 13.71 -24.41
C ILE A 702 -22.62 12.43 -23.65
N ASP A 703 -23.92 12.15 -23.56
CA ASP A 703 -24.42 10.90 -22.99
C ASP A 703 -24.52 9.84 -24.08
N ASN A 704 -23.44 9.06 -24.22
CA ASN A 704 -23.38 7.95 -25.16
C ASN A 704 -24.35 6.83 -24.81
N ARG A 705 -24.51 5.88 -25.72
CA ARG A 705 -25.34 4.70 -25.47
C ARG A 705 -24.81 3.96 -24.24
N GLY A 706 -25.73 3.44 -23.42
CA GLY A 706 -25.39 2.87 -22.11
C GLY A 706 -25.88 3.69 -20.93
N SER A 707 -26.03 5.00 -21.11
CA SER A 707 -26.56 5.92 -20.08
C SER A 707 -27.99 5.59 -19.69
N CYS A 708 -28.41 6.06 -18.52
CA CYS A 708 -29.73 5.77 -17.96
C CYS A 708 -30.78 6.79 -18.46
N HIS A 709 -32.03 6.59 -18.05
CA HIS A 709 -33.17 7.47 -18.38
C HIS A 709 -33.58 7.47 -19.87
N ARG A 710 -33.15 6.45 -20.62
CA ARG A 710 -33.55 6.29 -22.02
C ARG A 710 -34.03 4.86 -22.31
N GLY A 711 -34.44 4.14 -21.27
CA GLY A 711 -34.93 2.77 -21.41
C GLY A 711 -33.84 1.71 -21.49
N LEU A 712 -34.28 0.44 -21.39
CA LEU A 712 -33.38 -0.71 -21.29
C LEU A 712 -32.68 -1.09 -22.60
N LYS A 713 -33.31 -0.81 -23.74
CA LYS A 713 -32.69 -1.11 -25.04
C LYS A 713 -31.49 -0.17 -25.29
N PHE A 714 -31.73 1.13 -25.11
CA PHE A 714 -30.66 2.13 -25.14
C PHE A 714 -29.53 1.79 -24.16
N GLU A 715 -29.91 1.42 -22.93
CA GLU A 715 -28.95 1.05 -21.89
C GLU A 715 -28.21 -0.22 -22.24
N GLY A 716 -28.90 -1.16 -22.88
CA GLY A 716 -28.32 -2.45 -23.27
C GLY A 716 -27.34 -2.49 -24.42
N ALA A 717 -26.98 -1.33 -24.96
CA ALA A 717 -26.08 -1.25 -26.12
C ALA A 717 -24.73 -1.93 -25.92
N PHE A 718 -24.10 -1.70 -24.76
CA PHE A 718 -22.78 -2.30 -24.46
C PHE A 718 -22.78 -3.65 -23.71
N LYS A 719 -23.92 -4.35 -23.71
CA LYS A 719 -24.01 -5.69 -23.13
C LYS A 719 -22.91 -6.60 -23.70
N TYR A 720 -22.01 -7.06 -22.82
CA TYR A 720 -20.79 -7.83 -23.13
C TYR A 720 -19.66 -7.05 -23.83
N LYS A 721 -19.86 -5.77 -24.12
CA LYS A 721 -18.98 -5.01 -25.02
C LYS A 721 -18.58 -3.66 -24.41
N MET A 722 -18.41 -3.61 -23.09
CA MET A 722 -17.99 -2.37 -22.42
C MET A 722 -16.63 -1.89 -22.95
N GLY A 723 -16.52 -0.59 -23.15
CA GLY A 723 -15.35 0.04 -23.76
C GLY A 723 -15.31 0.09 -25.29
N GLN A 724 -16.24 -0.59 -25.96
CA GLN A 724 -16.18 -0.75 -27.42
C GLN A 724 -17.06 0.19 -28.25
N ILE A 725 -18.12 0.73 -27.65
CA ILE A 725 -19.09 1.59 -28.37
C ILE A 725 -19.20 3.04 -27.88
N GLU A 726 -18.61 3.35 -26.72
CA GLU A 726 -18.87 4.61 -26.05
C GLU A 726 -18.18 5.76 -26.75
N ILE A 727 -16.93 5.55 -27.14
CA ILE A 727 -16.12 6.60 -27.78
C ILE A 727 -16.62 6.90 -29.21
N ASP A 728 -17.14 5.91 -29.91
CA ASP A 728 -17.80 6.13 -31.22
C ASP A 728 -18.87 7.23 -31.13
N ASP A 729 -19.69 7.16 -30.10
CA ASP A 729 -20.78 8.13 -29.90
C ASP A 729 -20.24 9.50 -29.53
N GLN A 730 -19.18 9.51 -28.72
CA GLN A 730 -18.53 10.75 -28.30
C GLN A 730 -17.90 11.44 -29.50
N VAL A 731 -17.17 10.66 -30.30
CA VAL A 731 -16.54 11.16 -31.52
C VAL A 731 -17.59 11.58 -32.57
N GLU A 732 -18.70 10.84 -32.66
CA GLU A 732 -19.80 11.21 -33.56
C GLU A 732 -20.44 12.54 -33.15
N GLY A 733 -20.70 12.71 -31.86
CA GLY A 733 -21.22 13.97 -31.32
C GLY A 733 -20.26 15.14 -31.43
N LEU A 734 -18.96 14.86 -31.33
CA LEU A 734 -17.93 15.88 -31.46
C LEU A 734 -17.78 16.35 -32.91
N GLN A 735 -17.83 15.41 -33.86
CA GLN A 735 -17.83 15.71 -35.30
C GLN A 735 -19.08 16.48 -35.75
N TYR A 736 -20.23 16.15 -35.14
CA TYR A 736 -21.46 16.93 -35.35
C TYR A 736 -21.27 18.40 -34.98
N LEU A 737 -20.72 18.63 -33.78
CA LEU A 737 -20.44 19.99 -33.30
C LEU A 737 -19.37 20.70 -34.15
N ALA A 738 -18.37 19.95 -34.62
CA ALA A 738 -17.29 20.51 -35.42
C ALA A 738 -17.75 21.09 -36.76
N SER A 739 -18.56 20.33 -37.49
CA SER A 739 -19.14 20.80 -38.76
C SER A 739 -20.21 21.87 -38.56
N ARG A 740 -20.87 21.87 -37.40
CA ARG A 740 -21.84 22.92 -37.03
C ARG A 740 -21.16 24.21 -36.55
N TYR A 741 -20.02 24.08 -35.87
CA TYR A 741 -19.29 25.22 -35.28
C TYR A 741 -17.82 25.23 -35.70
N ASP A 742 -17.44 26.21 -36.51
CA ASP A 742 -16.05 26.38 -36.96
C ASP A 742 -15.05 26.72 -35.84
N PHE A 743 -15.53 27.22 -34.70
CA PHE A 743 -14.65 27.51 -33.55
C PHE A 743 -14.09 26.27 -32.80
N ILE A 744 -14.56 25.07 -33.16
CA ILE A 744 -13.99 23.83 -32.63
C ILE A 744 -12.74 23.44 -33.43
N ASP A 745 -11.61 23.29 -32.73
CA ASP A 745 -10.35 22.84 -33.32
C ASP A 745 -10.19 21.34 -33.07
N LEU A 746 -10.47 20.53 -34.09
CA LEU A 746 -10.40 19.06 -33.97
C LEU A 746 -8.98 18.50 -33.80
N ASP A 747 -7.94 19.31 -34.02
CA ASP A 747 -6.55 18.91 -33.75
C ASP A 747 -6.06 19.19 -32.32
N ARG A 748 -6.91 19.78 -31.47
CA ARG A 748 -6.57 20.03 -30.06
C ARG A 748 -7.72 19.61 -29.13
N VAL A 749 -8.02 18.32 -29.16
CA VAL A 749 -9.04 17.72 -28.31
C VAL A 749 -8.39 16.89 -27.20
N GLY A 750 -8.69 17.24 -25.96
CA GLY A 750 -8.35 16.43 -24.78
C GLY A 750 -9.59 15.76 -24.23
N ILE A 751 -9.40 14.73 -23.41
CA ILE A 751 -10.52 14.02 -22.75
C ILE A 751 -10.21 13.81 -21.27
N HIS A 752 -11.24 13.95 -20.43
CA HIS A 752 -11.10 13.83 -18.98
C HIS A 752 -12.35 13.24 -18.35
N GLY A 753 -12.15 12.37 -17.37
CA GLY A 753 -13.26 11.77 -16.62
C GLY A 753 -12.81 10.98 -15.42
N TRP A 754 -13.77 10.64 -14.55
CA TRP A 754 -13.49 9.91 -13.31
C TRP A 754 -14.26 8.60 -13.26
N SER A 755 -13.66 7.61 -12.60
CA SER A 755 -14.27 6.29 -12.40
C SER A 755 -14.52 5.62 -13.77
N TYR A 756 -15.77 5.42 -14.19
CA TYR A 756 -16.03 4.93 -15.56
C TYR A 756 -15.58 5.96 -16.62
N GLY A 757 -15.62 7.24 -16.27
CA GLY A 757 -15.11 8.30 -17.14
C GLY A 757 -13.60 8.29 -17.33
N GLY A 758 -12.88 7.76 -16.36
CA GLY A 758 -11.43 7.59 -16.46
C GLY A 758 -11.10 6.42 -17.37
N TYR A 759 -11.84 5.33 -17.18
CA TYR A 759 -11.80 4.16 -18.08
C TYR A 759 -11.96 4.55 -19.55
N LEU A 760 -13.05 5.26 -19.88
CA LEU A 760 -13.28 5.68 -21.27
C LEU A 760 -12.24 6.69 -21.76
N SER A 761 -11.72 7.52 -20.86
CA SER A 761 -10.61 8.44 -21.21
C SER A 761 -9.37 7.69 -21.68
N LEU A 762 -9.08 6.53 -21.05
CA LEU A 762 -7.97 5.68 -21.48
C LEU A 762 -8.28 5.01 -22.81
N MET A 763 -9.49 4.46 -22.93
CA MET A 763 -9.97 3.85 -24.18
C MET A 763 -9.94 4.81 -25.36
N ALA A 764 -10.25 6.08 -25.09
CA ALA A 764 -10.23 7.12 -26.13
C ALA A 764 -8.84 7.34 -26.71
N LEU A 765 -7.84 7.48 -25.84
CA LEU A 765 -6.45 7.66 -26.26
C LEU A 765 -5.87 6.41 -26.94
N MET A 766 -6.35 5.25 -26.52
CA MET A 766 -5.88 3.96 -27.02
C MET A 766 -6.50 3.66 -28.39
N GLN A 767 -7.82 3.73 -28.48
CA GLN A 767 -8.56 3.42 -29.70
C GLN A 767 -8.50 4.52 -30.76
N ARG A 768 -8.50 5.78 -30.34
CA ARG A 768 -8.56 6.93 -31.25
C ARG A 768 -7.51 7.99 -30.91
N SER A 769 -6.23 7.63 -31.06
CA SER A 769 -5.13 8.60 -30.88
C SER A 769 -5.16 9.74 -31.92
N ASP A 770 -5.79 9.49 -33.06
CA ASP A 770 -6.03 10.53 -34.08
C ASP A 770 -6.85 11.72 -33.58
N ILE A 771 -7.96 11.45 -32.89
CA ILE A 771 -8.84 12.53 -32.38
C ILE A 771 -8.27 13.15 -31.11
N PHE A 772 -7.95 12.30 -30.13
CA PHE A 772 -7.65 12.78 -28.77
C PHE A 772 -6.16 12.96 -28.52
N ARG A 773 -5.76 14.21 -28.26
CA ARG A 773 -4.36 14.55 -27.99
C ARG A 773 -3.93 14.10 -26.61
N VAL A 774 -4.63 14.59 -25.58
CA VAL A 774 -4.36 14.22 -24.19
C VAL A 774 -5.55 13.48 -23.57
N ALA A 775 -5.26 12.54 -22.67
CA ALA A 775 -6.29 11.85 -21.88
C ALA A 775 -5.89 11.92 -20.42
N ILE A 776 -6.80 12.44 -19.59
CA ILE A 776 -6.61 12.51 -18.15
C ILE A 776 -7.61 11.55 -17.49
N ALA A 777 -7.11 10.38 -17.05
CA ALA A 777 -7.95 9.34 -16.44
C ALA A 777 -7.87 9.37 -14.92
N GLY A 778 -9.01 9.60 -14.27
CA GLY A 778 -9.10 9.66 -12.81
C GLY A 778 -9.74 8.40 -12.26
N ALA A 779 -9.03 7.74 -11.33
CA ALA A 779 -9.50 6.50 -10.69
C ALA A 779 -10.17 5.53 -11.67
N PRO A 780 -9.46 5.12 -12.74
CA PRO A 780 -10.10 4.34 -13.78
C PRO A 780 -10.06 2.83 -13.55
N VAL A 781 -11.11 2.14 -13.98
CA VAL A 781 -11.09 0.68 -14.10
C VAL A 781 -10.23 0.34 -15.32
N THR A 782 -9.10 -0.32 -15.09
CA THR A 782 -8.19 -0.81 -16.14
C THR A 782 -8.25 -2.33 -16.37
N LEU A 783 -9.07 -3.04 -15.62
CA LEU A 783 -9.09 -4.50 -15.64
C LEU A 783 -10.36 -5.00 -14.98
N TRP A 784 -11.29 -5.51 -15.79
CA TRP A 784 -12.61 -5.89 -15.29
C TRP A 784 -12.58 -7.07 -14.31
N ILE A 785 -11.58 -7.96 -14.44
CA ILE A 785 -11.39 -9.05 -13.45
C ILE A 785 -11.00 -8.56 -12.04
N PHE A 786 -10.50 -7.33 -11.90
CA PHE A 786 -10.25 -6.70 -10.59
C PHE A 786 -11.46 -5.99 -9.96
N TYR A 787 -12.52 -5.76 -10.73
CA TYR A 787 -13.74 -5.13 -10.20
C TYR A 787 -14.69 -6.21 -9.64
N ASP A 788 -15.79 -5.80 -9.02
CA ASP A 788 -16.67 -6.75 -8.29
C ASP A 788 -17.71 -7.52 -9.12
N THR A 789 -18.34 -8.50 -8.49
CA THR A 789 -19.31 -9.39 -9.12
C THR A 789 -20.61 -8.69 -9.50
N GLY A 790 -21.20 -7.98 -8.54
CA GLY A 790 -22.50 -7.32 -8.71
C GLY A 790 -22.59 -6.37 -9.88
N TYR A 791 -21.52 -5.60 -10.11
CA TYR A 791 -21.48 -4.65 -11.22
C TYR A 791 -21.07 -5.35 -12.51
N THR A 792 -19.88 -5.93 -12.51
CA THR A 792 -19.24 -6.41 -13.73
C THR A 792 -20.01 -7.53 -14.42
N GLU A 793 -20.51 -8.50 -13.65
CA GLU A 793 -21.26 -9.63 -14.22
C GLU A 793 -22.64 -9.23 -14.75
N ARG A 794 -23.22 -8.17 -14.18
CA ARG A 794 -24.49 -7.64 -14.70
C ARG A 794 -24.34 -7.18 -16.16
N TYR A 795 -23.25 -6.48 -16.43
CA TYR A 795 -23.03 -5.84 -17.73
C TYR A 795 -22.17 -6.67 -18.69
N MET A 796 -21.20 -7.43 -18.16
CA MET A 796 -20.27 -8.21 -18.97
C MET A 796 -20.44 -9.75 -18.87
N GLY A 797 -21.37 -10.22 -18.03
CA GLY A 797 -21.46 -11.64 -17.73
C GLY A 797 -20.23 -12.19 -17.02
N HIS A 798 -20.17 -13.51 -16.90
CA HIS A 798 -19.04 -14.21 -16.29
C HIS A 798 -17.83 -14.20 -17.27
N PRO A 799 -16.58 -14.08 -16.77
CA PRO A 799 -15.40 -14.01 -17.68
C PRO A 799 -15.25 -15.18 -18.67
N ASP A 800 -15.46 -16.40 -18.20
CA ASP A 800 -15.53 -17.62 -19.04
C ASP A 800 -16.54 -17.58 -20.20
N GLN A 801 -17.64 -16.83 -20.02
CA GLN A 801 -18.65 -16.63 -21.07
C GLN A 801 -18.32 -15.48 -22.04
N ASN A 802 -17.23 -14.75 -21.81
CA ASN A 802 -16.93 -13.52 -22.53
C ASN A 802 -15.43 -13.21 -22.52
N GLU A 803 -14.64 -14.15 -23.03
CA GLU A 803 -13.18 -13.99 -23.09
C GLU A 803 -12.74 -12.73 -23.85
N GLN A 804 -13.39 -12.47 -24.99
CA GLN A 804 -13.02 -11.35 -25.85
C GLN A 804 -13.47 -9.99 -25.31
N GLY A 805 -14.67 -9.93 -24.75
CA GLY A 805 -15.19 -8.71 -24.15
C GLY A 805 -14.34 -8.26 -22.97
N TYR A 806 -13.97 -9.20 -22.11
CA TYR A 806 -13.05 -8.92 -21.00
C TYR A 806 -11.66 -8.49 -21.48
N TYR A 807 -11.14 -9.13 -22.54
CA TYR A 807 -9.86 -8.70 -23.13
C TYR A 807 -9.99 -7.29 -23.71
N LEU A 808 -10.87 -7.15 -24.70
CA LEU A 808 -11.05 -5.87 -25.39
C LEU A 808 -11.46 -4.73 -24.46
N GLY A 809 -12.27 -5.04 -23.44
CA GLY A 809 -12.76 -4.07 -22.49
C GLY A 809 -11.83 -3.69 -21.36
N SER A 810 -10.69 -4.38 -21.22
CA SER A 810 -9.72 -4.10 -20.15
C SER A 810 -8.48 -3.42 -20.69
N VAL A 811 -8.26 -2.17 -20.31
CA VAL A 811 -7.23 -1.33 -20.94
C VAL A 811 -5.82 -1.81 -20.56
N ALA A 812 -5.66 -2.33 -19.35
CA ALA A 812 -4.33 -2.83 -18.89
C ALA A 812 -3.84 -4.05 -19.67
N MET A 813 -4.75 -4.77 -20.33
CA MET A 813 -4.38 -5.84 -21.26
C MET A 813 -3.82 -5.32 -22.59
N GLN A 814 -4.02 -4.03 -22.89
CA GLN A 814 -3.68 -3.44 -24.17
C GLN A 814 -2.81 -2.19 -23.99
N ALA A 815 -1.78 -2.32 -23.16
CA ALA A 815 -0.86 -1.21 -22.88
C ALA A 815 -0.01 -0.82 -24.10
N GLU A 816 0.32 -1.80 -24.94
CA GLU A 816 1.10 -1.53 -26.17
C GLU A 816 0.35 -0.69 -27.24
N LYS A 817 -0.98 -0.63 -27.16
CA LYS A 817 -1.78 0.23 -28.04
C LYS A 817 -1.78 1.71 -27.64
N PHE A 818 -1.18 2.05 -26.50
CA PHE A 818 -1.06 3.46 -26.08
C PHE A 818 0.03 4.19 -26.89
N PRO A 819 0.04 5.54 -26.84
CA PRO A 819 1.05 6.28 -27.61
C PRO A 819 2.48 6.12 -27.09
N SER A 820 3.45 6.31 -27.98
CA SER A 820 4.85 6.47 -27.61
C SER A 820 5.29 7.95 -27.68
N GLU A 821 4.34 8.87 -27.54
CA GLU A 821 4.64 10.29 -27.31
C GLU A 821 4.23 10.62 -25.87
N PRO A 822 5.14 11.22 -25.08
CA PRO A 822 4.75 11.64 -23.72
C PRO A 822 3.85 12.87 -23.73
N ASN A 823 3.42 13.29 -22.54
CA ASN A 823 2.49 14.42 -22.35
C ASN A 823 1.11 14.22 -22.99
N ARG A 824 0.73 12.96 -23.19
CA ARG A 824 -0.60 12.61 -23.71
C ARG A 824 -1.44 11.80 -22.71
N LEU A 825 -0.81 11.19 -21.71
CA LEU A 825 -1.48 10.35 -20.74
C LEU A 825 -1.18 10.83 -19.33
N LEU A 826 -2.23 11.16 -18.59
CA LEU A 826 -2.13 11.53 -17.18
C LEU A 826 -3.06 10.65 -16.39
N LEU A 827 -2.51 9.94 -15.41
CA LEU A 827 -3.29 9.08 -14.51
C LEU A 827 -3.42 9.78 -13.15
N LEU A 828 -4.64 9.80 -12.62
CA LEU A 828 -4.92 10.38 -11.31
C LEU A 828 -5.57 9.31 -10.45
N HIS A 829 -5.08 9.11 -9.24
CA HIS A 829 -5.67 8.11 -8.35
C HIS A 829 -5.37 8.39 -6.88
N GLY A 830 -6.39 8.22 -6.04
CA GLY A 830 -6.20 8.09 -4.60
C GLY A 830 -5.62 6.73 -4.23
N PHE A 831 -4.85 6.71 -3.15
CA PHE A 831 -4.14 5.52 -2.68
C PHE A 831 -5.04 4.62 -1.83
N LEU A 832 -5.98 5.23 -1.11
CA LEU A 832 -6.89 4.53 -0.19
C LEU A 832 -8.31 4.26 -0.76
N ASP A 833 -8.46 4.35 -2.08
CA ASP A 833 -9.75 4.17 -2.75
C ASP A 833 -10.26 2.74 -2.50
N GLU A 834 -11.53 2.63 -2.11
CA GLU A 834 -12.14 1.34 -1.74
C GLU A 834 -13.23 0.86 -2.73
N ASN A 835 -13.50 1.63 -3.78
CA ASN A 835 -14.40 1.23 -4.87
C ASN A 835 -13.56 0.78 -6.09
N VAL A 836 -12.88 1.72 -6.75
CA VAL A 836 -11.93 1.40 -7.82
C VAL A 836 -10.56 1.45 -7.17
N HIS A 837 -9.99 0.29 -6.88
CA HIS A 837 -8.76 0.21 -6.07
C HIS A 837 -7.53 0.70 -6.84
N PHE A 838 -6.48 1.05 -6.08
CA PHE A 838 -5.21 1.48 -6.66
C PHE A 838 -4.59 0.38 -7.52
N ALA A 839 -4.86 -0.88 -7.16
CA ALA A 839 -4.53 -2.06 -7.96
C ALA A 839 -4.70 -1.85 -9.46
N HIS A 840 -5.84 -1.26 -9.86
CA HIS A 840 -6.12 -0.96 -11.27
C HIS A 840 -5.04 -0.08 -11.92
N THR A 841 -4.67 1.00 -11.22
CA THR A 841 -3.63 1.90 -11.75
C THR A 841 -2.25 1.27 -11.67
N SER A 842 -1.94 0.56 -10.59
CA SER A 842 -0.60 -0.04 -10.45
C SER A 842 -0.33 -1.13 -11.49
N ILE A 843 -1.32 -1.97 -11.78
CA ILE A 843 -1.16 -2.97 -12.86
C ILE A 843 -1.08 -2.33 -14.25
N LEU A 844 -1.86 -1.27 -14.49
CA LEU A 844 -1.73 -0.51 -15.74
C LEU A 844 -0.31 0.01 -15.90
N LEU A 845 0.23 0.59 -14.82
CA LEU A 845 1.60 1.11 -14.83
C LEU A 845 2.63 0.02 -15.07
N SER A 846 2.42 -1.16 -14.48
CA SER A 846 3.29 -2.33 -14.74
C SER A 846 3.33 -2.70 -16.22
N PHE A 847 2.18 -2.67 -16.88
CA PHE A 847 2.10 -3.01 -18.30
C PHE A 847 2.53 -1.86 -19.22
N LEU A 848 2.33 -0.61 -18.79
CA LEU A 848 2.90 0.55 -19.51
C LEU A 848 4.42 0.57 -19.43
N VAL A 849 4.97 0.24 -18.26
CA VAL A 849 6.42 0.12 -18.07
C VAL A 849 7.00 -1.03 -18.92
N ARG A 850 6.36 -2.18 -18.85
CA ARG A 850 6.75 -3.35 -19.65
C ARG A 850 6.69 -3.10 -21.16
N ALA A 851 5.73 -2.28 -21.59
CA ALA A 851 5.54 -1.94 -23.01
C ALA A 851 6.39 -0.75 -23.52
N GLY A 852 7.15 -0.11 -22.62
CA GLY A 852 7.99 1.02 -22.99
C GLY A 852 7.23 2.30 -23.29
N LYS A 853 6.09 2.49 -22.64
CA LYS A 853 5.20 3.64 -22.90
C LYS A 853 5.33 4.73 -21.83
N PRO A 854 5.28 6.01 -22.23
CA PRO A 854 5.31 7.11 -21.25
C PRO A 854 3.95 7.34 -20.57
N TYR A 855 4.00 7.84 -19.34
CA TYR A 855 2.81 8.22 -18.58
C TYR A 855 3.15 9.32 -17.57
N ASP A 856 2.15 10.10 -17.19
CA ASP A 856 2.26 11.01 -16.04
C ASP A 856 1.33 10.51 -14.95
N LEU A 857 1.65 10.84 -13.70
CA LEU A 857 0.92 10.35 -12.53
C LEU A 857 0.84 11.38 -11.41
N GLN A 858 -0.35 11.51 -10.82
CA GLN A 858 -0.55 12.26 -9.59
C GLN A 858 -1.31 11.37 -8.60
N ILE A 859 -0.97 11.47 -7.32
CA ILE A 859 -1.61 10.66 -6.28
C ILE A 859 -2.11 11.55 -5.15
N TYR A 860 -3.22 11.12 -4.54
CA TYR A 860 -3.86 11.78 -3.40
C TYR A 860 -3.89 10.76 -2.25
N PRO A 861 -2.78 10.66 -1.48
CA PRO A 861 -2.60 9.59 -0.48
C PRO A 861 -3.73 9.39 0.54
N GLN A 862 -4.50 10.46 0.81
CA GLN A 862 -5.70 10.37 1.65
C GLN A 862 -6.86 11.13 1.01
N VAL A 869 -11.25 15.81 2.22
CA VAL A 869 -10.15 16.78 2.33
C VAL A 869 -10.24 17.76 1.14
N PRO A 870 -10.39 19.08 1.42
CA PRO A 870 -10.46 20.07 0.33
C PRO A 870 -9.12 20.31 -0.39
N GLU A 871 -8.01 20.09 0.31
CA GLU A 871 -6.66 20.31 -0.23
C GLU A 871 -6.38 19.48 -1.49
N SER A 872 -6.74 18.19 -1.43
CA SER A 872 -6.62 17.27 -2.56
C SER A 872 -7.37 17.77 -3.80
N GLY A 873 -8.60 18.24 -3.60
CA GLY A 873 -9.42 18.78 -4.67
C GLY A 873 -8.88 20.05 -5.32
N GLU A 874 -8.40 20.98 -4.50
CA GLU A 874 -7.82 22.25 -5.00
C GLU A 874 -6.51 22.03 -5.77
N HIS A 875 -5.74 21.03 -5.37
CA HIS A 875 -4.50 20.65 -6.06
C HIS A 875 -4.78 19.92 -7.39
N TYR A 876 -5.78 19.04 -7.38
CA TYR A 876 -6.28 18.39 -8.61
C TYR A 876 -6.70 19.41 -9.68
N GLU A 877 -7.54 20.36 -9.29
CA GLU A 877 -7.99 21.43 -10.18
C GLU A 877 -6.80 22.23 -10.72
N LEU A 878 -5.90 22.59 -9.79
CA LEU A 878 -4.70 23.35 -10.13
C LEU A 878 -3.83 22.62 -11.13
N HIS A 879 -3.53 21.36 -10.84
CA HIS A 879 -2.74 20.52 -11.75
C HIS A 879 -3.45 20.29 -13.09
N LEU A 880 -4.76 20.06 -13.07
CA LEU A 880 -5.53 19.78 -14.30
C LEU A 880 -5.60 20.97 -15.25
N LEU A 881 -5.81 22.17 -14.72
CA LEU A 881 -5.78 23.39 -15.54
C LEU A 881 -4.39 23.62 -16.14
N HIS A 882 -3.35 23.46 -15.32
CA HIS A 882 -1.98 23.61 -15.77
C HIS A 882 -1.57 22.55 -16.80
N TYR A 883 -1.94 21.30 -16.56
CA TYR A 883 -1.62 20.21 -17.50
C TYR A 883 -2.23 20.46 -18.89
N LEU A 884 -3.50 20.86 -18.92
CA LEU A 884 -4.17 21.21 -20.18
C LEU A 884 -3.55 22.45 -20.84
N GLN A 885 -3.15 23.42 -20.03
CA GLN A 885 -2.47 24.62 -20.52
C GLN A 885 -1.17 24.25 -21.22
N GLU A 886 -0.32 23.48 -20.53
CA GLU A 886 1.00 23.12 -21.04
C GLU A 886 1.00 22.10 -22.19
N ASN A 887 -0.01 21.22 -22.25
CA ASN A 887 0.00 20.09 -23.19
C ASN A 887 -1.13 20.06 -24.24
N LEU A 888 -2.04 21.03 -24.20
CA LEU A 888 -3.14 21.12 -25.19
C LEU A 888 -3.43 22.56 -25.64
N GLY A 889 -3.71 23.45 -24.70
CA GLY A 889 -4.24 24.78 -25.00
C GLY A 889 -3.26 25.85 -25.45
N SER A 890 -2.18 26.05 -24.68
CA SER A 890 -1.27 27.20 -24.85
C SER A 890 -0.37 27.12 -26.07
N ARG A 891 0.44 28.16 -26.29
CA ARG A 891 1.35 28.24 -27.43
C ARG A 891 2.53 27.27 -27.32
N ILE A 892 3.13 27.18 -26.13
CA ILE A 892 4.21 26.21 -25.86
C ILE A 892 3.77 24.78 -26.23
N ALA A 893 2.52 24.43 -25.92
CA ALA A 893 1.96 23.11 -26.25
C ALA A 893 2.03 22.79 -27.74
N ALA A 894 1.69 23.77 -28.57
CA ALA A 894 1.75 23.63 -30.02
C ALA A 894 3.18 23.44 -30.53
N LEU A 895 4.13 24.22 -29.97
CA LEU A 895 5.56 24.08 -30.28
C LEU A 895 6.16 22.74 -29.82
N LYS A 896 5.66 22.23 -28.70
CA LYS A 896 6.22 21.05 -28.03
C LYS A 896 6.15 19.74 -28.83
N VAL A 897 5.18 19.63 -29.75
CA VAL A 897 4.99 18.40 -30.54
C VAL A 897 6.21 18.07 -31.42
N LEU B 48 29.91 33.58 -24.64
CA LEU B 48 29.67 32.11 -24.46
C LEU B 48 28.21 31.72 -24.73
N GLU B 49 28.00 31.03 -25.85
CA GLU B 49 26.67 30.60 -26.28
C GLU B 49 26.23 29.37 -25.47
N PRO B 50 24.92 29.15 -25.32
CA PRO B 50 24.48 27.92 -24.64
C PRO B 50 24.37 26.75 -25.62
N PHE B 51 24.98 25.62 -25.26
CA PHE B 51 24.80 24.37 -26.01
C PHE B 51 23.44 23.77 -25.66
N TYR B 52 22.72 23.27 -26.67
CA TYR B 52 21.46 22.59 -26.47
C TYR B 52 21.57 21.16 -26.97
N VAL B 53 21.12 20.21 -26.14
CA VAL B 53 21.20 18.78 -26.47
C VAL B 53 20.19 18.47 -27.57
N GLU B 54 20.46 17.41 -28.32
CA GLU B 54 19.56 16.99 -29.40
C GLU B 54 18.23 16.54 -28.82
N ARG B 55 17.14 17.11 -29.34
CA ARG B 55 15.78 16.80 -28.89
C ARG B 55 15.30 15.52 -29.57
N TYR B 56 15.67 14.38 -28.99
CA TYR B 56 15.18 13.08 -29.47
C TYR B 56 13.74 12.85 -29.02
N SER B 57 13.01 12.08 -29.82
CA SER B 57 11.69 11.60 -29.43
C SER B 57 11.84 10.50 -28.39
N TRP B 58 10.71 10.06 -27.82
CA TRP B 58 10.68 8.98 -26.86
C TRP B 58 11.17 7.66 -27.49
N SER B 59 10.67 7.35 -28.68
CA SER B 59 11.09 6.16 -29.43
C SER B 59 12.57 6.20 -29.85
N GLN B 60 13.05 7.39 -30.21
CA GLN B 60 14.48 7.58 -30.57
C GLN B 60 15.39 7.35 -29.37
N LEU B 61 15.06 7.99 -28.24
CA LEU B 61 15.80 7.81 -26.98
C LEU B 61 15.84 6.35 -26.53
N LYS B 62 14.72 5.64 -26.67
CA LYS B 62 14.66 4.21 -26.32
C LYS B 62 15.64 3.39 -27.16
N LYS B 63 15.65 3.63 -28.47
CA LYS B 63 16.56 2.91 -29.38
C LYS B 63 18.03 3.24 -29.13
N LEU B 64 18.32 4.48 -28.75
CA LEU B 64 19.69 4.89 -28.36
C LEU B 64 20.20 4.12 -27.14
N LEU B 65 19.31 3.84 -26.19
CA LEU B 65 19.67 3.11 -24.96
C LEU B 65 19.80 1.60 -25.16
N ALA B 66 18.90 1.00 -25.94
CA ALA B 66 18.98 -0.44 -26.26
C ALA B 66 20.24 -0.80 -27.07
N ASP B 67 20.77 0.15 -27.85
CA ASP B 67 22.00 -0.05 -28.62
C ASP B 67 23.26 0.15 -27.79
N THR B 68 23.30 1.20 -26.98
CA THR B 68 24.45 1.48 -26.09
C THR B 68 24.58 0.50 -24.93
N ARG B 69 23.44 -0.03 -24.45
CA ARG B 69 23.41 -1.09 -23.44
C ARG B 69 24.07 -2.39 -23.92
N LYS B 70 24.04 -2.61 -25.23
CA LYS B 70 24.65 -3.77 -25.89
C LYS B 70 25.76 -3.31 -26.83
N MET B 76 28.93 -9.62 -17.43
CA MET B 76 29.11 -8.89 -16.18
C MET B 76 28.65 -9.72 -14.98
N ALA B 77 29.40 -10.80 -14.75
CA ALA B 77 29.13 -11.76 -13.68
C ALA B 77 29.98 -11.43 -12.44
N LYS B 78 29.72 -12.16 -11.35
CA LYS B 78 30.43 -11.92 -10.08
C LYS B 78 31.84 -12.48 -10.16
N ALA B 79 32.82 -11.65 -9.82
CA ALA B 79 34.24 -12.04 -9.85
C ALA B 79 34.52 -13.10 -8.79
N PRO B 80 35.59 -13.91 -8.98
CA PRO B 80 35.93 -14.89 -7.96
C PRO B 80 36.13 -14.28 -6.56
N HIS B 81 35.59 -14.94 -5.55
CA HIS B 81 35.57 -14.43 -4.17
C HIS B 81 35.48 -15.59 -3.17
N ASP B 82 35.52 -15.26 -1.89
CA ASP B 82 35.53 -16.25 -0.80
C ASP B 82 36.61 -17.31 -1.01
N PHE B 83 37.82 -16.82 -1.28
CA PHE B 83 38.98 -17.67 -1.54
C PHE B 83 39.42 -18.44 -0.30
N MET B 84 40.10 -19.55 -0.53
CA MET B 84 40.62 -20.38 0.54
C MET B 84 41.74 -21.27 -0.01
N PHE B 85 42.89 -21.26 0.66
CA PHE B 85 44.10 -21.94 0.21
C PHE B 85 44.27 -23.22 1.01
N VAL B 86 44.42 -24.34 0.31
CA VAL B 86 44.66 -25.64 0.95
C VAL B 86 45.95 -26.19 0.38
N LYS B 87 46.88 -26.54 1.27
CA LYS B 87 48.17 -27.09 0.86
C LYS B 87 48.03 -28.53 0.37
N ARG B 88 48.77 -28.85 -0.68
CA ARG B 88 48.75 -30.20 -1.28
C ARG B 88 49.56 -31.21 -0.46
N ASN B 89 50.70 -30.75 0.07
CA ASN B 89 51.65 -31.60 0.82
C ASN B 89 52.08 -32.84 0.01
N ASP B 90 52.64 -32.57 -1.18
CA ASP B 90 53.12 -33.62 -2.07
C ASP B 90 54.50 -33.21 -2.59
N PRO B 91 55.59 -33.74 -1.96
CA PRO B 91 56.96 -33.46 -2.43
C PRO B 91 57.19 -33.73 -3.93
N ASP B 92 56.64 -34.84 -4.42
CA ASP B 92 56.78 -35.24 -5.83
C ASP B 92 55.90 -34.46 -6.81
N GLY B 93 54.79 -33.88 -6.34
CA GLY B 93 53.84 -33.18 -7.20
C GLY B 93 54.27 -31.77 -7.61
N PRO B 94 53.70 -31.24 -8.70
CA PRO B 94 54.07 -29.90 -9.19
C PRO B 94 53.38 -28.72 -8.48
N HIS B 95 52.32 -28.97 -7.71
CA HIS B 95 51.54 -27.90 -7.07
C HIS B 95 51.76 -27.78 -5.56
N SER B 96 51.85 -26.54 -5.07
CA SER B 96 52.00 -26.27 -3.64
C SER B 96 50.65 -26.26 -2.93
N ASP B 97 49.71 -25.50 -3.49
CA ASP B 97 48.36 -25.38 -2.94
C ASP B 97 47.31 -25.61 -4.01
N ARG B 98 46.09 -25.89 -3.55
CA ARG B 98 44.90 -25.73 -4.34
C ARG B 98 44.10 -24.59 -3.72
N ILE B 99 43.51 -23.72 -4.56
CA ILE B 99 42.61 -22.67 -4.08
C ILE B 99 41.18 -23.01 -4.46
N TYR B 100 40.26 -22.78 -3.53
CA TYR B 100 38.82 -22.91 -3.77
C TYR B 100 38.21 -21.53 -3.69
N TYR B 101 37.17 -21.29 -4.48
CA TYR B 101 36.48 -20.00 -4.50
C TYR B 101 35.09 -20.10 -5.14
N LEU B 102 34.27 -19.11 -4.84
CA LEU B 102 32.95 -18.95 -5.44
C LEU B 102 33.05 -17.98 -6.60
N ALA B 103 32.41 -18.32 -7.71
CA ALA B 103 32.43 -17.46 -8.90
C ALA B 103 31.28 -17.81 -9.84
N MET B 104 31.10 -16.94 -10.82
CA MET B 104 30.08 -17.06 -11.83
C MET B 104 30.80 -17.15 -13.17
N SER B 105 30.64 -18.27 -13.88
CA SER B 105 31.41 -18.54 -15.11
C SER B 105 30.93 -17.72 -16.31
N ASN B 108 25.57 -15.44 -17.72
CA ASN B 108 24.30 -15.54 -17.02
C ASN B 108 24.18 -16.90 -16.33
N ARG B 109 25.14 -17.18 -15.45
CA ARG B 109 25.32 -18.52 -14.88
C ARG B 109 25.13 -18.53 -13.36
N GLU B 110 25.04 -19.74 -12.81
CA GLU B 110 24.91 -19.93 -11.37
C GLU B 110 26.24 -19.64 -10.67
N ASN B 111 26.17 -18.95 -9.53
CA ASN B 111 27.33 -18.77 -8.66
C ASN B 111 27.63 -20.13 -8.02
N THR B 112 28.85 -20.63 -8.18
CA THR B 112 29.19 -21.98 -7.74
C THR B 112 30.66 -22.11 -7.31
N LEU B 113 30.98 -23.24 -6.68
CA LEU B 113 32.33 -23.54 -6.24
C LEU B 113 33.24 -23.97 -7.40
N PHE B 114 34.43 -23.38 -7.44
CA PHE B 114 35.49 -23.75 -8.37
C PHE B 114 36.76 -24.03 -7.59
N TYR B 115 37.74 -24.65 -8.24
CA TYR B 115 39.11 -24.71 -7.73
C TYR B 115 40.15 -24.46 -8.84
N SER B 116 41.35 -24.08 -8.41
CA SER B 116 42.49 -23.87 -9.32
C SER B 116 43.77 -24.38 -8.66
N GLU B 117 44.73 -24.80 -9.47
CA GLU B 117 45.98 -25.39 -8.98
C GLU B 117 47.11 -24.36 -8.97
N ILE B 118 47.78 -24.22 -7.82
CA ILE B 118 48.88 -23.26 -7.65
C ILE B 118 50.22 -23.98 -7.80
N PRO B 119 50.94 -23.72 -8.91
CA PRO B 119 52.19 -24.45 -9.15
C PRO B 119 53.34 -23.94 -8.30
N LYS B 120 54.23 -24.86 -7.94
CA LYS B 120 55.42 -24.57 -7.11
C LYS B 120 56.41 -23.61 -7.80
N THR B 121 56.49 -23.70 -9.12
CA THR B 121 57.30 -22.79 -9.94
C THR B 121 56.50 -22.28 -11.14
N ILE B 122 56.89 -21.11 -11.64
CA ILE B 122 56.28 -20.54 -12.85
C ILE B 122 57.35 -20.18 -13.89
N ASN B 123 56.92 -20.11 -15.15
CA ASN B 123 57.75 -19.63 -16.25
C ASN B 123 57.63 -18.10 -16.29
N ARG B 124 58.65 -17.43 -15.75
CA ARG B 124 58.60 -15.97 -15.51
C ARG B 124 58.59 -15.08 -16.76
N ALA B 125 59.01 -15.61 -17.91
CA ALA B 125 58.82 -14.93 -19.18
C ALA B 125 57.33 -14.87 -19.56
N ALA B 126 56.58 -15.91 -19.18
CA ALA B 126 55.15 -16.02 -19.50
C ALA B 126 54.25 -15.52 -18.37
N VAL B 127 52.96 -15.40 -18.69
CA VAL B 127 51.91 -15.10 -17.71
C VAL B 127 51.01 -16.34 -17.61
N LEU B 128 50.90 -16.89 -16.40
CA LEU B 128 50.07 -18.08 -16.15
C LEU B 128 48.61 -17.70 -15.90
N MET B 129 47.72 -18.19 -16.76
CA MET B 129 46.28 -18.12 -16.53
C MET B 129 45.85 -19.39 -15.79
N LEU B 130 45.36 -19.25 -14.57
CA LEU B 130 44.82 -20.39 -13.84
C LEU B 130 43.48 -20.77 -14.46
N SER B 131 43.32 -22.05 -14.79
CA SER B 131 42.04 -22.56 -15.31
C SER B 131 41.10 -22.87 -14.15
N TRP B 132 39.82 -22.55 -14.35
CA TRP B 132 38.79 -22.76 -13.34
C TRP B 132 38.24 -24.18 -13.48
N LYS B 133 38.51 -25.03 -12.51
CA LYS B 133 37.99 -26.40 -12.47
C LYS B 133 36.73 -26.38 -11.60
N PRO B 134 35.58 -26.86 -12.12
CA PRO B 134 34.39 -26.90 -11.26
C PRO B 134 34.53 -27.97 -10.18
N LEU B 135 34.16 -27.64 -8.94
CA LEU B 135 34.20 -28.59 -7.83
C LEU B 135 32.96 -29.49 -7.81
N LEU B 136 31.81 -28.94 -8.19
CA LEU B 136 30.53 -29.64 -8.12
C LEU B 136 30.05 -30.13 -9.48
N ASP B 137 29.41 -31.31 -9.48
CA ASP B 137 28.97 -31.99 -10.71
C ASP B 137 27.50 -31.65 -10.97
N LEU B 138 27.27 -30.62 -11.79
CA LEU B 138 25.94 -30.05 -12.01
C LEU B 138 25.48 -30.10 -13.47
N PHE B 139 24.16 -29.99 -13.65
CA PHE B 139 23.50 -30.16 -14.95
C PHE B 139 23.09 -28.81 -15.53
N VAL B 164 20.35 -20.70 -9.51
CA VAL B 164 20.08 -20.80 -8.07
C VAL B 164 21.18 -20.09 -7.27
N GLY B 165 22.39 -20.65 -7.30
CA GLY B 165 23.56 -20.03 -6.69
C GLY B 165 23.95 -20.55 -5.31
N ILE B 166 25.25 -20.50 -5.02
CA ILE B 166 25.79 -20.66 -3.68
C ILE B 166 26.30 -19.29 -3.26
N ALA B 167 25.69 -18.70 -2.24
CA ALA B 167 26.08 -17.37 -1.73
C ALA B 167 27.35 -17.41 -0.86
N SER B 168 27.45 -18.43 -0.01
CA SER B 168 28.62 -18.64 0.86
C SER B 168 28.82 -20.14 1.16
N TYR B 169 29.93 -20.47 1.83
CA TYR B 169 30.19 -21.85 2.24
C TYR B 169 31.08 -21.96 3.47
N ASP B 170 30.97 -23.12 4.13
CA ASP B 170 31.76 -23.46 5.31
C ASP B 170 32.71 -24.58 4.92
N TYR B 171 33.79 -24.72 5.69
CA TYR B 171 34.82 -25.73 5.42
C TYR B 171 35.52 -26.15 6.71
N HIS B 172 35.96 -27.41 6.75
CA HIS B 172 36.64 -27.99 7.91
C HIS B 172 37.93 -28.69 7.46
N GLN B 173 39.06 -28.09 7.83
CA GLN B 173 40.40 -28.46 7.33
C GLN B 173 40.75 -29.94 7.53
N GLY B 174 40.56 -30.41 8.77
CA GLY B 174 40.94 -31.76 9.16
C GLY B 174 40.21 -32.92 8.49
N SER B 175 39.04 -32.64 7.91
CA SER B 175 38.24 -33.66 7.19
C SER B 175 38.10 -33.38 5.70
N GLY B 176 38.27 -32.13 5.29
CA GLY B 176 38.07 -31.72 3.90
C GLY B 176 36.62 -31.44 3.55
N THR B 177 35.76 -31.27 4.56
CA THR B 177 34.32 -31.18 4.37
C THR B 177 33.89 -29.75 4.00
N PHE B 178 33.26 -29.60 2.84
CA PHE B 178 32.50 -28.39 2.50
C PHE B 178 31.06 -28.55 2.99
N LEU B 179 30.44 -27.45 3.39
CA LEU B 179 29.01 -27.39 3.66
C LEU B 179 28.49 -26.10 3.06
N PHE B 180 27.44 -26.20 2.25
CA PHE B 180 26.85 -25.02 1.61
C PHE B 180 25.35 -25.21 1.37
N GLN B 181 24.68 -24.08 1.14
CA GLN B 181 23.28 -24.04 0.79
C GLN B 181 23.15 -23.64 -0.68
N ALA B 182 22.28 -24.33 -1.41
CA ALA B 182 22.00 -24.03 -2.82
C ALA B 182 20.50 -24.03 -3.06
N GLY B 183 19.89 -22.86 -2.92
CA GLY B 183 18.44 -22.71 -3.06
C GLY B 183 17.74 -23.33 -1.87
N SER B 184 17.01 -24.42 -2.11
CA SER B 184 16.21 -25.07 -1.08
C SER B 184 16.96 -26.13 -0.25
N GLY B 185 18.15 -26.54 -0.71
CA GLY B 185 18.87 -27.66 -0.10
C GLY B 185 20.19 -27.29 0.55
N ILE B 186 20.53 -28.01 1.62
CA ILE B 186 21.83 -27.94 2.27
C ILE B 186 22.64 -29.16 1.83
N TYR B 187 23.79 -28.91 1.24
CA TYR B 187 24.61 -29.95 0.61
C TYR B 187 25.99 -30.00 1.23
N HIS B 188 26.68 -31.11 1.02
CA HIS B 188 28.08 -31.25 1.42
C HIS B 188 28.86 -32.09 0.41
N VAL B 189 30.16 -31.80 0.30
CA VAL B 189 31.12 -32.65 -0.40
C VAL B 189 32.42 -32.68 0.41
N LYS B 190 33.39 -33.47 -0.03
CA LYS B 190 34.71 -33.52 0.59
C LYS B 190 35.81 -33.34 -0.44
N ASP B 191 36.77 -32.48 -0.13
CA ASP B 191 38.00 -32.35 -0.92
C ASP B 191 39.11 -31.70 -0.10
N GLY B 192 40.34 -32.10 -0.40
CA GLY B 192 41.53 -31.56 0.25
C GLY B 192 41.76 -31.95 1.70
N GLY B 193 41.06 -32.99 2.16
CA GLY B 193 41.25 -33.53 3.50
C GLY B 193 42.25 -34.68 3.48
N PRO B 194 42.25 -35.51 4.54
CA PRO B 194 42.99 -36.78 4.58
C PRO B 194 42.62 -37.80 3.50
N GLN B 195 41.42 -37.69 2.92
CA GLN B 195 41.04 -38.52 1.77
C GLN B 195 41.92 -38.16 0.58
N GLY B 196 41.85 -36.91 0.14
CA GLY B 196 42.72 -36.39 -0.91
C GLY B 196 42.07 -35.36 -1.80
N PHE B 197 42.66 -35.17 -2.99
CA PHE B 197 42.20 -34.17 -3.95
C PHE B 197 41.61 -34.83 -5.18
N THR B 198 40.34 -34.52 -5.46
CA THR B 198 39.67 -34.94 -6.68
C THR B 198 40.31 -34.34 -7.92
N GLN B 199 40.15 -35.03 -9.05
CA GLN B 199 40.50 -34.51 -10.37
C GLN B 199 39.26 -34.33 -11.27
N GLN B 200 38.07 -34.48 -10.69
CA GLN B 200 36.80 -34.39 -11.41
C GLN B 200 35.74 -33.75 -10.50
N PRO B 201 34.63 -33.20 -11.09
CA PRO B 201 33.54 -32.66 -10.27
C PRO B 201 32.88 -33.68 -9.32
N LEU B 202 32.55 -33.22 -8.10
CA LEU B 202 31.94 -34.07 -7.07
C LEU B 202 30.43 -33.86 -7.05
N ARG B 203 29.70 -34.93 -6.77
CA ARG B 203 28.25 -34.87 -6.66
C ARG B 203 27.88 -34.28 -5.30
N PRO B 204 27.13 -33.15 -5.27
CA PRO B 204 26.70 -32.61 -3.97
C PRO B 204 25.76 -33.55 -3.22
N ASN B 205 26.11 -33.86 -1.97
CA ASN B 205 25.33 -34.77 -1.12
C ASN B 205 24.33 -33.99 -0.31
N LEU B 206 23.04 -34.19 -0.59
CA LEU B 206 21.95 -33.54 0.15
C LEU B 206 21.92 -34.05 1.59
N VAL B 207 21.83 -33.13 2.55
CA VAL B 207 21.56 -33.48 3.95
C VAL B 207 20.05 -33.68 4.06
N GLU B 208 19.63 -34.93 4.26
CA GLU B 208 18.20 -35.26 4.33
C GLU B 208 17.58 -34.69 5.61
N THR B 209 16.31 -34.28 5.49
CA THR B 209 15.59 -33.62 6.58
C THR B 209 14.12 -33.99 6.58
N SER B 210 13.49 -33.85 7.74
CA SER B 210 12.04 -33.96 7.89
C SER B 210 11.36 -32.59 8.01
N CYS B 211 12.15 -31.52 8.10
CA CYS B 211 11.62 -30.16 8.27
C CYS B 211 10.86 -29.71 7.01
N PRO B 212 9.64 -29.16 7.19
CA PRO B 212 8.81 -28.83 6.02
C PRO B 212 9.30 -27.61 5.21
N ASN B 213 9.54 -26.51 5.92
CA ASN B 213 10.03 -25.25 5.33
C ASN B 213 11.54 -25.21 5.08
N ILE B 214 11.96 -24.15 4.39
CA ILE B 214 13.37 -23.85 4.07
C ILE B 214 14.31 -23.85 5.28
N ARG B 215 15.49 -24.46 5.11
CA ARG B 215 16.56 -24.44 6.13
C ARG B 215 17.58 -23.35 5.79
N MET B 216 17.90 -22.50 6.76
CA MET B 216 18.77 -21.33 6.54
C MET B 216 20.04 -21.39 7.40
N ASP B 217 21.07 -20.68 6.93
CA ASP B 217 22.31 -20.43 7.67
C ASP B 217 22.98 -21.71 8.20
N PRO B 218 23.39 -22.62 7.29
CA PRO B 218 24.06 -23.85 7.73
C PRO B 218 25.50 -23.59 8.17
N LYS B 219 25.93 -24.30 9.22
CA LYS B 219 27.32 -24.23 9.69
C LYS B 219 27.79 -25.59 10.20
N LEU B 220 28.96 -26.03 9.74
CA LEU B 220 29.64 -27.19 10.32
C LEU B 220 30.05 -26.90 11.76
N CYS B 221 29.94 -27.90 12.62
CA CYS B 221 30.55 -27.84 13.95
C CYS B 221 32.06 -28.04 13.76
N PRO B 222 32.89 -27.06 14.18
CA PRO B 222 34.34 -27.24 14.03
C PRO B 222 34.93 -28.42 14.81
N ALA B 223 34.39 -28.68 16.00
CA ALA B 223 34.87 -29.78 16.84
C ALA B 223 34.61 -31.16 16.25
N ASP B 224 33.51 -31.29 15.49
CA ASP B 224 33.07 -32.56 14.90
C ASP B 224 32.38 -32.29 13.56
N PRO B 225 33.08 -32.54 12.43
CA PRO B 225 32.50 -32.22 11.11
C PRO B 225 31.30 -33.08 10.66
N ASP B 226 30.99 -34.14 11.40
CA ASP B 226 29.74 -34.89 11.17
C ASP B 226 28.49 -34.10 11.60
N TRP B 227 28.64 -33.14 12.51
CA TRP B 227 27.52 -32.33 13.00
C TRP B 227 27.41 -30.95 12.33
N ILE B 228 26.25 -30.69 11.72
CA ILE B 228 25.93 -29.37 11.20
C ILE B 228 24.86 -28.74 12.08
N ALA B 229 24.62 -27.45 11.86
CA ALA B 229 23.50 -26.73 12.44
C ALA B 229 22.85 -25.89 11.36
N PHE B 230 21.60 -25.55 11.56
CA PHE B 230 20.89 -24.64 10.67
C PHE B 230 19.69 -24.04 11.39
N ILE B 231 19.14 -22.99 10.78
CA ILE B 231 17.93 -22.34 11.28
C ILE B 231 16.75 -22.89 10.50
N HIS B 232 15.67 -23.15 11.22
CA HIS B 232 14.39 -23.52 10.62
C HIS B 232 13.26 -22.89 11.42
N SER B 233 12.38 -22.14 10.74
CA SER B 233 11.27 -21.43 11.38
C SER B 233 11.69 -20.70 12.67
N ASN B 234 12.77 -19.93 12.55
CA ASN B 234 13.35 -19.14 13.65
C ASN B 234 13.79 -19.94 14.90
N ASP B 235 14.11 -21.22 14.70
CA ASP B 235 14.65 -22.08 15.77
C ASP B 235 15.90 -22.79 15.28
N ILE B 236 16.80 -23.10 16.21
CA ILE B 236 18.06 -23.76 15.87
C ILE B 236 17.82 -25.27 15.82
N TRP B 237 18.31 -25.89 14.75
CA TRP B 237 18.31 -27.35 14.59
C TRP B 237 19.73 -27.82 14.36
N ILE B 238 19.98 -29.08 14.70
CA ILE B 238 21.23 -29.75 14.35
C ILE B 238 20.92 -31.05 13.63
N SER B 239 21.89 -31.54 12.87
CA SER B 239 21.72 -32.73 12.07
C SER B 239 23.08 -33.39 11.81
N ASN B 240 23.13 -34.72 11.93
CA ASN B 240 24.36 -35.49 11.69
C ASN B 240 24.32 -36.03 10.26
N ILE B 241 25.33 -35.69 9.45
CA ILE B 241 25.38 -36.10 8.03
C ILE B 241 25.76 -37.57 7.79
N VAL B 242 26.44 -38.18 8.76
CA VAL B 242 26.82 -39.60 8.69
C VAL B 242 25.67 -40.51 9.16
N THR B 243 25.17 -40.24 10.36
CA THR B 243 24.16 -41.10 11.03
C THR B 243 22.71 -40.77 10.65
N ARG B 244 22.50 -39.69 9.90
CA ARG B 244 21.16 -39.21 9.51
C ARG B 244 20.28 -38.68 10.67
N GLU B 245 20.86 -38.50 11.87
CA GLU B 245 20.10 -38.06 13.03
C GLU B 245 19.81 -36.56 12.93
N GLU B 246 18.59 -36.17 13.31
CA GLU B 246 18.14 -34.78 13.24
C GLU B 246 17.39 -34.41 14.52
N ARG B 247 17.62 -33.20 15.03
CA ARG B 247 17.00 -32.76 16.29
C ARG B 247 16.89 -31.24 16.42
N ARG B 248 15.71 -30.78 16.84
CA ARG B 248 15.45 -29.38 17.16
C ARG B 248 16.06 -29.05 18.52
N LEU B 249 16.72 -27.90 18.63
CA LEU B 249 17.38 -27.45 19.87
C LEU B 249 16.67 -26.33 20.63
N THR B 250 15.82 -25.55 19.96
CA THR B 250 15.08 -24.45 20.60
C THR B 250 13.59 -24.51 20.21
N TYR B 251 12.71 -24.19 21.17
CA TYR B 251 11.26 -24.25 20.97
C TYR B 251 10.65 -22.88 21.28
N VAL B 252 11.21 -21.88 20.59
CA VAL B 252 10.96 -20.47 20.85
C VAL B 252 9.84 -19.91 19.94
N HIS B 253 9.53 -20.60 18.85
CA HIS B 253 8.54 -20.14 17.86
C HIS B 253 7.71 -21.30 17.32
N ASN B 254 6.44 -21.02 17.01
CA ASN B 254 5.50 -21.97 16.41
C ASN B 254 5.07 -21.44 15.03
N GLU B 255 5.22 -22.26 13.99
CA GLU B 255 4.99 -21.83 12.60
C GLU B 255 3.50 -21.55 12.29
N LEU B 256 2.61 -22.32 12.90
CA LEU B 256 1.16 -22.15 12.71
C LEU B 256 0.64 -20.86 13.36
N ALA B 257 1.31 -20.40 14.42
CA ALA B 257 0.99 -19.12 15.07
C ALA B 257 1.42 -17.95 14.19
N ASN B 258 0.60 -16.90 14.15
CA ASN B 258 0.86 -15.71 13.33
C ASN B 258 1.96 -14.83 13.94
N MET B 259 2.47 -13.91 13.13
CA MET B 259 3.61 -13.06 13.52
C MET B 259 3.29 -11.98 14.58
N GLU B 260 2.02 -11.57 14.67
CA GLU B 260 1.60 -10.57 15.67
C GLU B 260 1.64 -11.13 17.09
N GLU B 261 1.12 -12.35 17.26
CA GLU B 261 1.09 -13.02 18.57
C GLU B 261 2.45 -13.61 18.95
N ASP B 262 3.12 -14.26 18.00
CA ASP B 262 4.41 -14.91 18.20
C ASP B 262 5.51 -14.13 17.48
N ALA B 263 6.35 -13.44 18.26
CA ALA B 263 7.42 -12.58 17.72
C ALA B 263 8.83 -12.99 18.18
N ARG B 264 8.96 -14.19 18.75
CA ARG B 264 10.25 -14.67 19.26
C ARG B 264 11.03 -15.46 18.21
N SER B 265 12.37 -15.43 18.33
CA SER B 265 13.27 -16.12 17.41
C SER B 265 14.60 -16.45 18.09
N ALA B 266 15.24 -17.52 17.60
CA ALA B 266 16.54 -17.97 18.12
C ALA B 266 17.51 -18.23 16.97
N GLY B 267 18.75 -17.75 17.13
CA GLY B 267 19.81 -17.97 16.14
C GLY B 267 19.76 -17.13 14.87
N VAL B 268 18.84 -16.16 14.83
CA VAL B 268 18.61 -15.32 13.66
C VAL B 268 18.92 -13.88 14.06
N ALA B 269 19.69 -13.19 13.22
CA ALA B 269 19.90 -11.76 13.40
C ALA B 269 18.65 -11.04 12.91
N THR B 270 18.14 -10.09 13.71
CA THR B 270 16.89 -9.36 13.36
C THR B 270 17.17 -8.29 12.31
N PHE B 271 16.11 -7.64 11.82
CA PHE B 271 16.18 -6.69 10.71
C PHE B 271 17.32 -5.66 10.82
N VAL B 272 17.39 -4.98 11.96
CA VAL B 272 18.32 -3.86 12.13
C VAL B 272 19.78 -4.29 12.11
N LEU B 273 20.06 -5.45 12.70
CA LEU B 273 21.45 -5.96 12.74
C LEU B 273 21.96 -6.47 11.40
N GLN B 274 21.07 -7.03 10.58
CA GLN B 274 21.42 -7.39 9.20
C GLN B 274 21.60 -6.15 8.33
N GLU B 275 20.65 -5.23 8.42
CA GLU B 275 20.60 -4.09 7.50
C GLU B 275 21.53 -2.94 7.90
N GLU B 276 21.75 -2.74 9.20
CA GLU B 276 22.56 -1.61 9.70
C GLU B 276 23.90 -1.97 10.34
N PHE B 277 24.07 -3.20 10.82
CA PHE B 277 25.33 -3.66 11.41
C PHE B 277 26.05 -4.79 10.64
N ASP B 278 25.44 -5.28 9.55
CA ASP B 278 25.98 -6.39 8.74
C ASP B 278 26.31 -7.67 9.53
N ARG B 279 25.48 -7.98 10.52
CA ARG B 279 25.56 -9.27 11.22
C ARG B 279 24.40 -10.10 10.70
N TYR B 280 24.72 -11.23 10.06
CA TYR B 280 23.73 -12.08 9.39
C TYR B 280 23.42 -13.39 10.13
N SER B 281 24.38 -13.89 10.91
CA SER B 281 24.18 -15.07 11.75
C SER B 281 23.95 -14.68 13.21
N GLY B 282 23.14 -15.47 13.90
CA GLY B 282 22.83 -15.28 15.33
C GLY B 282 23.16 -16.46 16.22
N TYR B 283 23.97 -17.41 15.72
CA TYR B 283 24.42 -18.55 16.52
C TYR B 283 25.86 -18.90 16.14
N TRP B 284 26.62 -19.38 17.11
CA TRP B 284 28.06 -19.63 16.94
C TRP B 284 28.46 -20.92 17.61
N TRP B 285 28.79 -21.92 16.79
CA TRP B 285 29.38 -23.16 17.27
C TRP B 285 30.61 -22.88 18.14
N CYS B 286 30.68 -23.54 19.30
CA CYS B 286 31.90 -23.56 20.11
C CYS B 286 32.94 -24.40 19.37
N PRO B 287 34.15 -23.87 19.18
CA PRO B 287 35.13 -24.56 18.34
C PRO B 287 35.77 -25.83 18.93
N LYS B 288 35.60 -26.09 20.23
CA LYS B 288 36.17 -27.28 20.87
C LYS B 288 35.13 -28.15 21.56
N ALA B 289 35.48 -29.43 21.71
CA ALA B 289 34.66 -30.41 22.38
C ALA B 289 35.23 -30.70 23.77
N GLU B 290 34.36 -30.69 24.78
CA GLU B 290 34.70 -31.17 26.11
C GLU B 290 34.40 -32.67 26.15
N THR B 291 35.41 -33.46 26.54
CA THR B 291 35.24 -34.91 26.65
C THR B 291 34.57 -35.24 27.99
N THR B 292 33.52 -36.06 27.95
CA THR B 292 32.87 -36.55 29.17
C THR B 292 33.60 -37.81 29.65
N PRO B 293 33.62 -38.05 30.99
CA PRO B 293 34.18 -39.28 31.57
C PRO B 293 33.67 -40.61 30.97
N SER B 294 32.43 -40.62 30.46
CA SER B 294 31.82 -41.81 29.88
C SER B 294 32.40 -42.29 28.53
N GLY B 295 33.14 -41.42 27.84
CA GLY B 295 33.68 -41.72 26.51
C GLY B 295 33.09 -40.86 25.40
N GLY B 296 31.93 -40.26 25.65
CA GLY B 296 31.30 -39.32 24.73
C GLY B 296 31.86 -37.90 24.83
N LYS B 297 31.03 -36.91 24.48
CA LYS B 297 31.45 -35.50 24.50
C LYS B 297 30.31 -34.48 24.55
N ILE B 298 30.65 -33.25 24.93
CA ILE B 298 29.72 -32.12 24.98
C ILE B 298 30.08 -31.07 23.92
N LEU B 299 29.11 -30.77 23.05
CA LEU B 299 29.20 -29.67 22.08
C LEU B 299 28.35 -28.51 22.56
N ARG B 300 28.73 -27.29 22.19
CA ARG B 300 28.00 -26.09 22.60
C ARG B 300 27.66 -25.20 21.41
N ILE B 301 26.55 -24.48 21.55
CA ILE B 301 26.16 -23.44 20.61
C ILE B 301 25.76 -22.21 21.42
N LEU B 302 26.57 -21.16 21.37
CA LEU B 302 26.13 -19.83 21.81
C LEU B 302 25.15 -19.31 20.78
N TYR B 303 24.06 -18.68 21.24
CA TYR B 303 23.12 -18.03 20.33
C TYR B 303 22.37 -16.90 21.01
N GLU B 304 22.06 -15.87 20.24
CA GLU B 304 21.16 -14.81 20.71
C GLU B 304 19.71 -15.31 20.62
N GLU B 305 18.90 -14.91 21.59
CA GLU B 305 17.46 -15.15 21.54
C GLU B 305 16.80 -13.78 21.52
N ASN B 306 15.83 -13.62 20.62
CA ASN B 306 15.22 -12.31 20.37
C ASN B 306 13.72 -12.35 20.60
N ASP B 307 13.22 -11.32 21.27
CA ASP B 307 11.79 -11.12 21.47
C ASP B 307 11.45 -9.78 20.84
N GLU B 308 10.67 -9.83 19.75
CA GLU B 308 10.29 -8.64 18.99
C GLU B 308 8.83 -8.20 19.26
N SER B 309 8.25 -8.64 20.38
CA SER B 309 6.84 -8.38 20.71
C SER B 309 6.48 -6.89 20.68
N GLU B 310 7.29 -6.09 21.37
CA GLU B 310 7.06 -4.64 21.50
C GLU B 310 7.64 -3.81 20.34
N VAL B 311 8.22 -4.46 19.33
CA VAL B 311 8.76 -3.77 18.15
C VAL B 311 7.60 -3.46 17.21
N GLU B 312 7.70 -2.31 16.52
CA GLU B 312 6.63 -1.80 15.64
C GLU B 312 6.47 -2.70 14.41
N ILE B 313 5.23 -2.82 13.93
CA ILE B 313 4.90 -3.64 12.76
C ILE B 313 4.52 -2.73 11.59
N ILE B 314 4.92 -3.12 10.38
CA ILE B 314 4.54 -2.39 9.15
C ILE B 314 4.32 -3.35 7.97
N HIS B 315 3.56 -2.89 6.99
CA HIS B 315 3.10 -3.72 5.87
C HIS B 315 3.70 -3.29 4.53
N VAL B 316 3.57 -4.19 3.56
CA VAL B 316 3.89 -3.91 2.15
C VAL B 316 3.21 -4.98 1.28
N THR B 317 2.80 -4.62 0.07
CA THR B 317 2.04 -5.54 -0.82
C THR B 317 2.93 -6.72 -1.26
N ASP B 327 2.80 -9.92 3.29
CA ASP B 327 2.89 -10.10 4.75
C ASP B 327 3.78 -9.03 5.40
N SER B 328 3.70 -8.97 6.73
CA SER B 328 4.33 -7.91 7.53
C SER B 328 5.69 -8.32 8.13
N PHE B 329 6.39 -7.35 8.71
CA PHE B 329 7.63 -7.60 9.44
C PHE B 329 7.93 -6.54 10.52
N ARG B 330 8.90 -6.84 11.37
CA ARG B 330 9.23 -6.02 12.55
C ARG B 330 10.33 -5.00 12.24
N TYR B 331 9.94 -3.72 12.19
CA TYR B 331 10.82 -2.62 11.82
C TYR B 331 10.91 -1.63 13.00
N PRO B 332 12.02 -1.67 13.77
CA PRO B 332 12.19 -0.68 14.83
C PRO B 332 12.38 0.74 14.31
N LYS B 333 11.29 1.51 14.23
CA LYS B 333 11.36 2.92 13.88
C LYS B 333 12.17 3.68 14.93
N THR B 334 12.91 4.68 14.48
CA THR B 334 13.75 5.48 15.36
C THR B 334 12.94 6.09 16.52
N GLY B 335 13.51 6.03 17.73
CA GLY B 335 12.84 6.47 18.95
C GLY B 335 11.89 5.47 19.59
N THR B 336 11.69 4.31 18.96
CA THR B 336 10.79 3.26 19.47
C THR B 336 11.59 2.02 19.88
N ALA B 337 10.91 0.96 20.30
CA ALA B 337 11.58 -0.20 20.89
C ALA B 337 12.37 -1.04 19.89
N ASN B 338 13.61 -1.38 20.28
CA ASN B 338 14.38 -2.44 19.64
C ASN B 338 13.99 -3.76 20.33
N PRO B 339 14.34 -4.92 19.71
CA PRO B 339 13.95 -6.21 20.31
C PRO B 339 14.63 -6.47 21.65
N LYS B 340 13.97 -7.23 22.52
CA LYS B 340 14.53 -7.63 23.79
C LYS B 340 15.47 -8.81 23.52
N VAL B 341 16.75 -8.62 23.84
CA VAL B 341 17.80 -9.58 23.49
C VAL B 341 18.34 -10.29 24.73
N THR B 342 18.93 -11.46 24.51
CA THR B 342 19.73 -12.13 25.53
C THR B 342 20.64 -13.16 24.86
N PHE B 343 21.58 -13.69 25.64
CA PHE B 343 22.44 -14.79 25.22
C PHE B 343 21.92 -16.09 25.81
N LYS B 344 22.10 -17.18 25.05
CA LYS B 344 21.73 -18.53 25.48
C LYS B 344 22.81 -19.52 25.06
N MET B 345 22.89 -20.64 25.77
CA MET B 345 23.83 -21.71 25.47
C MET B 345 23.07 -23.02 25.36
N SER B 346 23.10 -23.64 24.18
CA SER B 346 22.58 -24.99 24.00
C SER B 346 23.72 -25.96 24.21
N GLU B 347 23.58 -26.85 25.19
CA GLU B 347 24.61 -27.83 25.55
C GLU B 347 24.17 -29.22 25.08
N ILE B 348 24.93 -29.82 24.17
CA ILE B 348 24.52 -31.02 23.44
C ILE B 348 25.42 -32.19 23.82
N MET B 349 24.83 -33.23 24.44
CA MET B 349 25.57 -34.44 24.87
C MET B 349 25.49 -35.54 23.81
N ILE B 350 26.65 -36.07 23.42
CA ILE B 350 26.78 -37.15 22.43
C ILE B 350 27.52 -38.32 23.09
N ASP B 351 27.12 -39.56 22.76
CA ASP B 351 27.80 -40.76 23.27
C ASP B 351 29.01 -41.14 22.38
N ALA B 352 29.69 -42.24 22.71
CA ALA B 352 30.84 -42.70 21.94
C ALA B 352 30.53 -43.00 20.46
N GLU B 353 29.31 -43.45 20.19
CA GLU B 353 28.88 -43.83 18.82
C GLU B 353 28.35 -42.66 17.97
N GLY B 354 28.38 -41.43 18.49
CA GLY B 354 27.88 -40.25 17.78
C GLY B 354 26.37 -40.04 17.85
N ARG B 355 25.74 -40.64 18.86
CA ARG B 355 24.29 -40.58 19.06
C ARG B 355 24.03 -39.54 20.14
N ILE B 356 22.95 -38.75 20.00
CA ILE B 356 22.62 -37.71 20.98
C ILE B 356 22.08 -38.38 22.25
N ILE B 357 22.76 -38.18 23.38
CA ILE B 357 22.28 -38.62 24.69
C ILE B 357 21.14 -37.69 25.13
N ASP B 358 21.43 -36.38 25.17
CA ASP B 358 20.43 -35.38 25.58
C ASP B 358 20.86 -33.96 25.20
N VAL B 359 19.88 -33.05 25.14
CA VAL B 359 20.09 -31.63 24.89
C VAL B 359 19.54 -30.82 26.06
N ILE B 360 20.38 -29.95 26.62
CA ILE B 360 20.01 -29.10 27.76
C ILE B 360 20.23 -27.63 27.38
N ASP B 361 19.15 -26.90 27.19
CA ASP B 361 19.23 -25.47 26.92
C ASP B 361 19.51 -24.72 28.22
N LYS B 362 20.45 -23.77 28.16
CA LYS B 362 20.88 -23.03 29.35
C LYS B 362 20.71 -21.52 29.13
N GLU B 363 20.34 -20.80 30.19
CA GLU B 363 20.15 -19.34 30.16
C GLU B 363 21.19 -18.66 31.04
N LEU B 364 21.28 -17.34 30.93
CA LEU B 364 22.20 -16.56 31.76
C LEU B 364 21.76 -16.60 33.24
N ILE B 365 22.73 -16.71 34.13
CA ILE B 365 22.48 -16.76 35.59
C ILE B 365 21.77 -15.52 36.13
N GLN B 366 22.02 -14.36 35.51
CA GLN B 366 21.27 -13.13 35.77
C GLN B 366 20.83 -12.57 34.40
N PRO B 367 19.71 -11.82 34.34
CA PRO B 367 19.23 -11.32 33.03
C PRO B 367 20.24 -10.42 32.30
N PHE B 368 20.08 -10.32 30.99
CA PHE B 368 21.00 -9.55 30.12
C PHE B 368 21.16 -8.10 30.59
N GLU B 369 20.06 -7.50 31.03
CA GLU B 369 20.03 -6.10 31.48
C GLU B 369 20.91 -5.86 32.73
N ILE B 370 21.02 -6.88 33.57
CA ILE B 370 21.78 -6.81 34.82
C ILE B 370 23.27 -7.00 34.54
N LEU B 371 23.61 -8.10 33.85
CA LEU B 371 25.01 -8.38 33.48
C LEU B 371 25.60 -7.37 32.50
N PHE B 372 24.81 -6.92 31.53
CA PHE B 372 25.29 -6.06 30.46
C PHE B 372 24.53 -4.74 30.46
N GLU B 373 24.86 -3.91 31.47
CA GLU B 373 24.17 -2.66 31.76
C GLU B 373 24.27 -1.68 30.60
N GLY B 374 23.11 -1.16 30.17
CA GLY B 374 23.05 -0.14 29.13
C GLY B 374 23.25 -0.59 27.69
N VAL B 375 23.34 -1.90 27.46
CA VAL B 375 23.62 -2.46 26.14
C VAL B 375 22.31 -2.67 25.36
N GLU B 376 22.21 -2.08 24.16
CA GLU B 376 21.08 -2.31 23.25
C GLU B 376 21.36 -3.43 22.25
N TYR B 377 22.46 -3.30 21.51
CA TYR B 377 22.78 -4.18 20.38
C TYR B 377 23.93 -5.13 20.67
N ILE B 378 23.76 -6.39 20.28
CA ILE B 378 24.85 -7.36 20.18
C ILE B 378 25.42 -7.21 18.76
N ALA B 379 26.50 -6.45 18.62
CA ALA B 379 27.02 -6.09 17.29
C ALA B 379 27.77 -7.27 16.63
N ARG B 380 28.60 -7.96 17.41
CA ARG B 380 29.35 -9.13 16.96
C ARG B 380 29.44 -10.16 18.07
N ALA B 381 29.65 -11.42 17.72
CA ALA B 381 29.92 -12.48 18.70
C ALA B 381 30.69 -13.65 18.09
N GLY B 382 31.27 -14.46 18.97
CA GLY B 382 32.09 -15.61 18.58
C GLY B 382 32.69 -16.28 19.80
N TRP B 383 33.72 -17.09 19.57
CA TRP B 383 34.45 -17.79 20.63
C TRP B 383 35.94 -17.51 20.50
N THR B 384 36.67 -17.70 21.61
CA THR B 384 38.14 -17.64 21.58
C THR B 384 38.64 -18.91 20.88
N PRO B 385 39.90 -18.93 20.40
CA PRO B 385 40.41 -20.09 19.64
C PRO B 385 40.15 -21.49 20.24
N GLU B 386 40.26 -21.63 21.57
CA GLU B 386 40.09 -22.93 22.26
C GLU B 386 38.73 -23.10 22.96
N GLY B 387 37.79 -22.19 22.72
CA GLY B 387 36.44 -22.29 23.27
C GLY B 387 36.29 -22.10 24.77
N LYS B 388 37.26 -21.45 25.42
CA LYS B 388 37.22 -21.19 26.86
C LYS B 388 36.12 -20.18 27.18
N TYR B 389 36.17 -19.02 26.52
CA TYR B 389 35.15 -18.00 26.62
C TYR B 389 34.43 -17.80 25.29
N ALA B 390 33.14 -17.46 25.38
CA ALA B 390 32.47 -16.77 24.29
C ALA B 390 32.89 -15.31 24.39
N TRP B 391 32.89 -14.60 23.26
CA TRP B 391 33.09 -13.14 23.26
C TRP B 391 31.93 -12.45 22.58
N SER B 392 31.84 -11.13 22.79
CA SER B 392 30.83 -10.32 22.15
C SER B 392 31.23 -8.85 22.14
N ILE B 393 30.85 -8.14 21.06
CA ILE B 393 31.02 -6.70 20.97
C ILE B 393 29.64 -6.09 21.20
N LEU B 394 29.55 -5.30 22.27
CA LEU B 394 28.28 -4.75 22.76
C LEU B 394 28.25 -3.24 22.59
N LEU B 395 27.13 -2.71 22.10
CA LEU B 395 26.92 -1.27 21.94
C LEU B 395 25.76 -0.82 22.84
N ASP B 396 25.86 0.42 23.32
CA ASP B 396 24.72 1.07 23.98
C ASP B 396 23.78 1.63 22.91
N ARG B 397 22.62 2.13 23.33
CA ARG B 397 21.61 2.64 22.38
C ARG B 397 22.14 3.76 21.48
N SER B 398 22.86 4.70 22.07
CA SER B 398 23.38 5.87 21.32
C SER B 398 24.56 5.54 20.40
N GLN B 399 25.15 4.35 20.57
CA GLN B 399 26.26 3.86 19.75
C GLN B 399 27.52 4.73 19.88
N THR B 400 27.72 5.22 21.11
CA THR B 400 28.90 6.00 21.50
C THR B 400 29.77 5.25 22.51
N ARG B 401 29.29 4.11 23.03
CA ARG B 401 30.04 3.27 23.98
C ARG B 401 30.09 1.85 23.43
N LEU B 402 31.32 1.34 23.23
CA LEU B 402 31.55 -0.02 22.77
C LEU B 402 32.23 -0.82 23.87
N GLN B 403 31.90 -2.11 23.94
CA GLN B 403 32.45 -3.02 24.94
C GLN B 403 32.77 -4.38 24.31
N ILE B 404 33.99 -4.87 24.51
CA ILE B 404 34.34 -6.26 24.17
C ILE B 404 34.28 -7.05 25.46
N VAL B 405 33.43 -8.09 25.50
CA VAL B 405 33.14 -8.82 26.74
C VAL B 405 33.31 -10.32 26.56
N LEU B 406 34.15 -10.91 27.40
CA LEU B 406 34.26 -12.37 27.48
C LEU B 406 33.14 -12.92 28.38
N ILE B 407 32.62 -14.07 28.00
CA ILE B 407 31.50 -14.74 28.69
C ILE B 407 31.82 -16.23 28.78
N SER B 408 32.06 -16.73 29.99
CA SER B 408 32.31 -18.16 30.21
C SER B 408 31.00 -18.95 30.03
N PRO B 409 31.11 -20.23 29.61
CA PRO B 409 29.91 -21.10 29.65
C PRO B 409 29.41 -21.42 31.06
N GLU B 410 30.27 -21.28 32.08
CA GLU B 410 29.87 -21.43 33.48
C GLU B 410 28.82 -20.42 33.94
N LEU B 411 28.75 -19.26 33.29
CA LEU B 411 27.69 -18.27 33.56
C LEU B 411 26.27 -18.72 33.19
N PHE B 412 26.13 -19.80 32.41
CA PHE B 412 24.83 -20.31 32.00
C PHE B 412 24.39 -21.47 32.88
N ILE B 413 23.10 -21.45 33.25
CA ILE B 413 22.49 -22.50 34.08
C ILE B 413 21.28 -23.05 33.32
N PRO B 414 20.91 -24.34 33.56
CA PRO B 414 19.74 -24.91 32.88
C PRO B 414 18.44 -24.12 33.05
N VAL B 415 17.64 -24.03 31.99
CA VAL B 415 16.32 -23.40 32.03
C VAL B 415 15.40 -24.33 32.83
N GLU B 416 15.07 -23.92 34.05
CA GLU B 416 14.39 -24.80 35.00
C GLU B 416 12.99 -24.31 35.33
N ASP B 417 12.03 -25.24 35.34
CA ASP B 417 10.65 -24.96 35.73
C ASP B 417 10.55 -24.60 37.21
N ASP B 418 11.06 -25.51 38.06
CA ASP B 418 10.91 -25.42 39.50
C ASP B 418 11.95 -24.48 40.13
N VAL B 419 11.48 -23.41 40.77
CA VAL B 419 12.36 -22.42 41.42
C VAL B 419 13.20 -23.00 42.57
N MET B 420 12.69 -24.05 43.22
CA MET B 420 13.40 -24.71 44.33
C MET B 420 14.62 -25.51 43.85
N GLU B 421 14.40 -26.34 42.83
CA GLU B 421 15.49 -27.04 42.13
C GLU B 421 16.48 -26.06 41.48
N ARG B 422 15.96 -24.94 40.98
CA ARG B 422 16.75 -23.89 40.35
C ARG B 422 17.68 -23.13 41.31
N GLN B 423 17.25 -22.94 42.55
CA GLN B 423 17.97 -22.06 43.49
C GLN B 423 19.36 -22.57 43.90
N ARG B 424 19.54 -23.89 43.90
CA ARG B 424 20.86 -24.51 44.15
C ARG B 424 21.82 -24.28 42.97
N LEU B 425 21.30 -24.36 41.74
CA LEU B 425 22.09 -24.13 40.53
C LEU B 425 22.70 -22.72 40.45
N ILE B 426 22.02 -21.74 41.05
CA ILE B 426 22.49 -20.35 41.06
C ILE B 426 23.60 -20.18 42.10
N GLU B 427 23.38 -20.67 43.32
CA GLU B 427 24.34 -20.55 44.43
C GLU B 427 25.64 -21.31 44.17
N SER B 428 25.51 -22.48 43.53
CA SER B 428 26.65 -23.34 43.20
C SER B 428 27.69 -22.68 42.27
N VAL B 429 27.20 -21.88 41.31
CA VAL B 429 28.08 -21.12 40.41
C VAL B 429 28.91 -20.14 41.25
N PRO B 430 30.27 -20.25 41.21
CA PRO B 430 31.10 -19.34 42.00
C PRO B 430 30.91 -17.86 41.67
N ASP B 431 31.19 -17.00 42.65
CA ASP B 431 31.03 -15.56 42.50
C ASP B 431 32.14 -14.92 41.66
N SER B 432 33.31 -15.57 41.63
CA SER B 432 34.42 -15.13 40.78
C SER B 432 34.15 -15.34 39.28
N VAL B 433 33.30 -16.31 38.94
CA VAL B 433 32.85 -16.52 37.56
C VAL B 433 31.94 -15.36 37.15
N THR B 434 32.47 -14.46 36.34
CA THR B 434 31.83 -13.17 36.04
C THR B 434 32.02 -12.81 34.56
N PRO B 435 31.14 -11.94 34.01
CA PRO B 435 31.49 -11.34 32.72
C PRO B 435 32.74 -10.48 32.83
N LEU B 436 33.56 -10.51 31.79
CA LEU B 436 34.85 -9.83 31.77
C LEU B 436 34.89 -8.80 30.64
N ILE B 437 34.69 -7.53 30.97
CA ILE B 437 34.77 -6.44 29.99
C ILE B 437 36.25 -6.17 29.72
N ILE B 438 36.80 -6.90 28.75
CA ILE B 438 38.23 -6.80 28.40
C ILE B 438 38.63 -5.52 27.64
N TYR B 439 37.64 -4.77 27.14
CA TYR B 439 37.93 -3.50 26.47
C TYR B 439 36.70 -2.60 26.46
N GLU B 440 36.91 -1.33 26.75
CA GLU B 440 35.85 -0.32 26.66
C GLU B 440 36.41 0.98 26.10
N GLU B 441 35.59 1.64 25.27
CA GLU B 441 35.94 2.91 24.65
C GLU B 441 34.69 3.75 24.47
N THR B 442 34.90 5.05 24.28
CA THR B 442 33.82 6.01 24.10
C THR B 442 34.16 7.06 23.05
N THR B 443 33.14 7.66 22.47
CA THR B 443 33.29 8.70 21.46
C THR B 443 32.13 9.68 21.55
N ASP B 444 32.38 10.94 21.18
CA ASP B 444 31.33 11.95 21.08
C ASP B 444 30.74 12.06 19.65
N ILE B 445 31.17 11.17 18.75
CA ILE B 445 30.64 11.11 17.39
C ILE B 445 29.78 9.84 17.25
N TRP B 446 30.38 8.70 16.96
CA TRP B 446 29.67 7.41 16.93
C TRP B 446 30.67 6.27 16.70
N ILE B 447 30.29 5.06 17.11
CA ILE B 447 31.09 3.87 16.86
C ILE B 447 30.72 3.28 15.49
N ASN B 448 31.75 3.07 14.66
CA ASN B 448 31.63 2.30 13.42
C ASN B 448 32.06 0.87 13.71
N ILE B 449 31.10 -0.06 13.67
CA ILE B 449 31.37 -1.49 13.86
C ILE B 449 32.09 -2.04 12.63
N HIS B 450 33.01 -2.99 12.87
CA HIS B 450 33.83 -3.62 11.83
C HIS B 450 34.03 -5.10 12.18
N ASP B 451 34.73 -5.82 11.32
CA ASP B 451 34.92 -7.27 11.48
C ASP B 451 36.32 -7.68 11.95
N ILE B 452 37.20 -6.70 12.18
CA ILE B 452 38.53 -6.94 12.75
C ILE B 452 38.43 -7.24 14.24
N PHE B 453 38.80 -8.46 14.63
CA PHE B 453 38.99 -8.84 16.03
C PHE B 453 39.68 -10.20 16.09
N HIS B 454 40.95 -10.20 16.50
CA HIS B 454 41.78 -11.42 16.52
C HIS B 454 42.27 -11.69 17.94
N VAL B 455 42.01 -12.91 18.44
CA VAL B 455 42.39 -13.33 19.78
C VAL B 455 43.52 -14.36 19.69
N PHE B 456 44.66 -14.05 20.31
CA PHE B 456 45.82 -14.96 20.35
C PHE B 456 45.56 -16.14 21.31
N PRO B 457 46.36 -17.22 21.18
CA PRO B 457 46.27 -18.30 22.17
C PRO B 457 46.64 -17.83 23.58
N GLN B 458 45.99 -18.41 24.59
CA GLN B 458 46.25 -18.03 25.98
C GLN B 458 47.54 -18.66 26.50
N SER B 459 48.56 -17.83 26.67
CA SER B 459 49.82 -18.23 27.33
C SER B 459 49.71 -18.24 28.86
N HIS B 460 48.74 -17.50 29.41
CA HIS B 460 48.60 -17.30 30.85
C HIS B 460 47.11 -17.26 31.23
N GLU B 461 46.74 -18.04 32.24
CA GLU B 461 45.34 -18.14 32.71
C GLU B 461 44.71 -16.81 33.13
N GLU B 462 45.55 -15.87 33.59
CA GLU B 462 45.11 -14.59 34.14
C GLU B 462 45.11 -13.44 33.11
N GLU B 463 45.39 -13.74 31.84
CA GLU B 463 45.50 -12.73 30.78
C GLU B 463 44.83 -13.15 29.47
N ILE B 464 44.43 -12.16 28.69
CA ILE B 464 44.04 -12.36 27.29
C ILE B 464 44.73 -11.32 26.41
N GLU B 465 45.18 -11.77 25.24
CA GLU B 465 46.00 -10.98 24.34
C GLU B 465 45.27 -10.98 22.99
N PHE B 466 45.04 -9.79 22.42
CA PHE B 466 44.26 -9.67 21.19
C PHE B 466 44.53 -8.39 20.40
N ILE B 467 44.21 -8.42 19.10
CA ILE B 467 44.26 -7.25 18.23
C ILE B 467 42.83 -6.77 17.93
N PHE B 468 42.63 -5.45 18.05
CA PHE B 468 41.36 -4.80 17.77
C PHE B 468 41.65 -3.53 16.96
N ALA B 469 40.64 -3.00 16.29
CA ALA B 469 40.74 -1.73 15.57
C ALA B 469 39.79 -0.71 16.19
N SER B 470 40.16 0.57 16.10
CA SER B 470 39.36 1.64 16.70
C SER B 470 39.69 3.04 16.17
N GLU B 471 38.68 3.89 16.10
CA GLU B 471 38.83 5.29 15.73
C GLU B 471 38.85 6.23 16.94
N CYS B 472 38.49 5.72 18.12
CA CYS B 472 38.24 6.55 19.30
C CYS B 472 39.46 7.33 19.82
N LYS B 473 40.65 6.79 19.61
CA LYS B 473 41.89 7.41 20.10
C LYS B 473 42.32 8.62 19.27
N THR B 474 42.45 8.46 17.95
CA THR B 474 42.97 9.50 17.05
C THR B 474 41.99 10.00 15.98
N GLY B 475 40.79 9.43 15.90
CA GLY B 475 39.83 9.76 14.85
C GLY B 475 40.11 9.10 13.50
N PHE B 476 41.04 8.15 13.46
CA PHE B 476 41.27 7.30 12.29
C PHE B 476 41.40 5.85 12.75
N ARG B 477 40.88 4.92 11.97
CA ARG B 477 40.85 3.50 12.38
C ARG B 477 42.25 2.91 12.30
N HIS B 478 42.71 2.38 13.43
CA HIS B 478 44.04 1.80 13.52
C HIS B 478 44.03 0.54 14.37
N LEU B 479 45.01 -0.32 14.11
CA LEU B 479 45.13 -1.61 14.80
C LEU B 479 45.85 -1.41 16.12
N TYR B 480 45.34 -2.04 17.17
CA TYR B 480 45.93 -1.97 18.50
C TYR B 480 46.08 -3.37 19.08
N LYS B 481 47.27 -3.69 19.58
CA LYS B 481 47.52 -4.93 20.31
C LYS B 481 47.29 -4.66 21.80
N ILE B 482 46.39 -5.42 22.41
CA ILE B 482 45.92 -5.14 23.76
C ILE B 482 46.08 -6.39 24.63
N THR B 483 46.42 -6.17 25.91
CA THR B 483 46.42 -7.23 26.91
C THR B 483 45.61 -6.75 28.12
N SER B 484 44.65 -7.58 28.54
CA SER B 484 43.73 -7.25 29.63
C SER B 484 43.78 -8.35 30.69
N ILE B 485 43.97 -7.97 31.96
CA ILE B 485 44.08 -8.93 33.06
C ILE B 485 42.68 -9.40 33.47
N LEU B 486 42.54 -10.71 33.68
CA LEU B 486 41.26 -11.33 34.00
C LEU B 486 41.14 -11.56 35.51
N LYS B 487 41.03 -10.47 36.27
CA LYS B 487 40.92 -10.54 37.73
C LYS B 487 39.50 -10.88 38.17
N GLU B 488 39.38 -11.39 39.39
CA GLU B 488 38.09 -11.68 40.00
C GLU B 488 37.35 -10.36 40.23
N SER B 489 36.06 -10.35 39.92
CA SER B 489 35.25 -9.16 40.12
C SER B 489 35.06 -8.88 41.60
N LYS B 490 35.02 -7.60 41.95
CA LYS B 490 34.78 -7.15 43.32
C LYS B 490 33.33 -7.44 43.77
N TYR B 491 32.41 -7.51 42.80
CA TYR B 491 31.01 -7.84 43.03
C TYR B 491 30.83 -9.35 43.26
N LYS B 492 29.91 -9.72 44.16
CA LYS B 492 29.59 -11.12 44.46
C LYS B 492 28.09 -11.39 44.37
N ARG B 493 27.74 -12.50 43.73
CA ARG B 493 26.35 -12.88 43.49
C ARG B 493 25.63 -13.44 44.74
N SER B 494 26.39 -13.96 45.69
CA SER B 494 25.84 -14.46 46.96
C SER B 494 25.28 -13.36 47.85
N SER B 495 25.88 -12.18 47.80
CA SER B 495 25.40 -11.00 48.52
C SER B 495 23.96 -10.60 48.15
N GLY B 496 23.56 -10.86 46.92
CA GLY B 496 22.20 -10.57 46.45
C GLY B 496 21.98 -9.13 46.00
N GLY B 497 23.05 -8.35 45.87
CA GLY B 497 22.97 -6.98 45.39
C GLY B 497 23.04 -6.93 43.87
N LEU B 498 22.86 -5.73 43.30
CA LEU B 498 22.99 -5.51 41.86
C LEU B 498 24.33 -4.83 41.54
N PRO B 499 24.92 -5.11 40.35
CA PRO B 499 26.26 -4.63 40.07
C PRO B 499 26.30 -3.20 39.51
N ALA B 500 27.25 -2.40 40.00
CA ALA B 500 27.52 -1.06 39.49
C ALA B 500 28.22 -1.12 38.12
N PRO B 501 28.22 -0.01 37.35
CA PRO B 501 28.83 0.01 36.00
C PRO B 501 30.22 -0.62 35.85
N SER B 502 31.17 -0.22 36.70
CA SER B 502 32.57 -0.63 36.57
C SER B 502 32.94 -1.97 37.23
N ASP B 503 31.97 -2.68 37.82
CA ASP B 503 32.24 -3.95 38.52
C ASP B 503 32.90 -5.02 37.65
N PHE B 504 32.53 -5.09 36.38
CA PHE B 504 33.06 -6.10 35.45
C PHE B 504 34.24 -5.63 34.60
N LYS B 505 34.70 -4.39 34.77
CA LYS B 505 35.83 -3.87 33.99
C LYS B 505 37.15 -4.57 34.33
N CYS B 506 37.88 -4.95 33.29
CA CYS B 506 39.20 -5.57 33.41
C CYS B 506 40.27 -4.49 33.26
N PRO B 507 41.39 -4.60 34.01
CA PRO B 507 42.44 -3.59 33.84
C PRO B 507 43.22 -3.79 32.53
N ILE B 508 43.50 -2.70 31.83
CA ILE B 508 44.29 -2.73 30.60
C ILE B 508 45.76 -2.78 31.01
N LYS B 509 46.39 -3.95 30.83
CA LYS B 509 47.82 -4.11 31.10
C LYS B 509 48.64 -3.38 30.04
N GLU B 510 48.42 -3.74 28.78
CA GLU B 510 49.17 -3.17 27.65
C GLU B 510 48.21 -2.75 26.55
N GLU B 511 48.64 -1.78 25.74
CA GLU B 511 47.83 -1.25 24.64
C GLU B 511 48.71 -0.50 23.64
N ILE B 512 49.35 -1.27 22.76
CA ILE B 512 50.29 -0.74 21.77
C ILE B 512 49.58 -0.38 20.47
N ALA B 513 49.89 0.79 19.92
CA ALA B 513 49.47 1.15 18.57
C ALA B 513 50.35 0.42 17.56
N ILE B 514 49.73 -0.44 16.76
CA ILE B 514 50.42 -1.11 15.65
C ILE B 514 50.55 -0.14 14.46
N THR B 515 49.48 0.60 14.17
CA THR B 515 49.46 1.57 13.07
C THR B 515 49.03 2.95 13.54
N SER B 516 49.40 3.97 12.76
CA SER B 516 49.03 5.36 13.04
C SER B 516 49.23 6.22 11.80
N GLY B 517 48.62 7.40 11.81
CA GLY B 517 48.73 8.36 10.71
C GLY B 517 47.40 8.99 10.36
N GLU B 518 47.39 9.84 9.35
CA GLU B 518 46.18 10.51 8.87
C GLU B 518 45.59 9.68 7.72
N TRP B 519 45.17 8.46 8.06
CA TRP B 519 44.63 7.48 7.14
C TRP B 519 44.09 6.31 7.97
N GLU B 520 43.20 5.50 7.40
CA GLU B 520 42.52 4.44 8.17
C GLU B 520 42.79 3.02 7.67
N VAL B 521 42.74 2.07 8.60
CA VAL B 521 42.66 0.65 8.31
C VAL B 521 41.21 0.33 7.95
N LEU B 522 40.99 -0.54 6.96
CA LEU B 522 39.65 -0.94 6.54
C LEU B 522 39.24 -2.22 7.25
N GLY B 523 38.02 -2.25 7.78
CA GLY B 523 37.48 -3.44 8.47
C GLY B 523 36.06 -3.83 8.09
N ARG B 524 35.60 -3.40 6.92
CA ARG B 524 34.20 -3.52 6.51
C ARG B 524 34.08 -4.05 5.07
N HIS B 525 32.99 -4.77 4.80
CA HIS B 525 32.64 -5.27 3.46
C HIS B 525 33.67 -6.25 2.87
N GLY B 526 34.16 -7.17 3.72
CA GLY B 526 35.19 -8.13 3.31
C GLY B 526 36.60 -7.75 3.72
N SER B 527 36.89 -6.46 3.89
CA SER B 527 38.19 -6.01 4.39
C SER B 527 38.39 -6.45 5.83
N ASN B 528 39.52 -7.11 6.09
CA ASN B 528 39.84 -7.63 7.42
C ASN B 528 41.36 -7.74 7.55
N ILE B 529 41.84 -8.33 8.64
CA ILE B 529 43.26 -8.60 8.84
C ILE B 529 43.56 -10.09 8.69
N GLN B 530 44.82 -10.40 8.37
CA GLN B 530 45.34 -11.76 8.45
C GLN B 530 46.58 -11.74 9.33
N VAL B 531 46.62 -12.64 10.31
CA VAL B 531 47.65 -12.62 11.36
C VAL B 531 48.59 -13.80 11.24
N ASP B 532 49.81 -13.53 10.76
CA ASP B 532 50.92 -14.48 10.77
C ASP B 532 51.51 -14.51 12.18
N GLU B 533 51.22 -15.57 12.92
CA GLU B 533 51.65 -15.70 14.32
C GLU B 533 53.12 -16.17 14.49
N VAL B 534 53.68 -16.82 13.47
CA VAL B 534 55.08 -17.28 13.49
C VAL B 534 56.02 -16.10 13.28
N ARG B 535 55.90 -15.43 12.14
CA ARG B 535 56.67 -14.23 11.83
C ARG B 535 56.22 -12.99 12.63
N ARG B 536 55.08 -13.08 13.31
CA ARG B 536 54.54 -12.01 14.14
C ARG B 536 54.25 -10.74 13.32
N LEU B 537 53.54 -10.95 12.21
CA LEU B 537 53.12 -9.89 11.30
C LEU B 537 51.60 -9.82 11.27
N VAL B 538 51.08 -8.69 10.76
CA VAL B 538 49.65 -8.52 10.54
C VAL B 538 49.40 -7.82 9.21
N TYR B 539 48.70 -8.49 8.30
CA TYR B 539 48.34 -7.94 7.01
C TYR B 539 47.02 -7.21 7.16
N PHE B 540 46.85 -6.10 6.44
CA PHE B 540 45.64 -5.29 6.54
C PHE B 540 45.49 -4.38 5.33
N GLU B 541 44.26 -3.93 5.09
CA GLU B 541 43.95 -3.02 3.99
C GLU B 541 43.83 -1.59 4.52
N GLY B 542 44.28 -0.61 3.73
CA GLY B 542 44.39 0.77 4.19
C GLY B 542 44.31 1.87 3.14
N THR B 543 44.06 3.08 3.64
CA THR B 543 44.01 4.31 2.83
C THR B 543 45.27 5.18 2.94
N LYS B 544 46.39 4.57 3.36
CA LYS B 544 47.64 5.27 3.69
C LYS B 544 48.23 6.05 2.52
N ASP B 545 48.30 5.41 1.36
CA ASP B 545 48.86 6.05 0.17
C ASP B 545 47.94 7.10 -0.45
N SER B 546 46.62 6.91 -0.31
CA SER B 546 45.63 7.85 -0.84
C SER B 546 44.23 7.51 -0.31
N PRO B 547 43.38 8.52 -0.08
CA PRO B 547 41.97 8.23 0.23
C PRO B 547 41.16 7.73 -0.99
N LEU B 548 41.79 7.68 -2.17
CA LEU B 548 41.16 7.22 -3.41
C LEU B 548 41.52 5.77 -3.81
N GLU B 549 42.39 5.11 -3.05
CA GLU B 549 42.84 3.75 -3.39
C GLU B 549 43.03 2.91 -2.14
N HIS B 550 42.43 1.72 -2.12
CA HIS B 550 42.69 0.74 -1.07
C HIS B 550 43.93 -0.05 -1.44
N HIS B 551 44.80 -0.28 -0.45
CA HIS B 551 46.02 -1.04 -0.65
C HIS B 551 46.25 -2.02 0.46
N LEU B 552 46.94 -3.11 0.14
CA LEU B 552 47.32 -4.12 1.12
C LEU B 552 48.66 -3.72 1.74
N TYR B 553 48.75 -3.89 3.06
CA TYR B 553 49.95 -3.54 3.82
C TYR B 553 50.29 -4.66 4.78
N VAL B 554 51.53 -4.64 5.27
CA VAL B 554 51.99 -5.58 6.30
C VAL B 554 52.89 -4.84 7.29
N VAL B 555 52.79 -5.25 8.55
CA VAL B 555 53.50 -4.61 9.65
C VAL B 555 53.69 -5.62 10.77
N SER B 556 54.77 -5.48 11.54
CA SER B 556 54.97 -6.29 12.74
C SER B 556 54.06 -5.76 13.85
N TYR B 557 53.46 -6.67 14.63
CA TYR B 557 52.64 -6.27 15.79
C TYR B 557 53.41 -6.26 17.12
N VAL B 558 54.56 -6.92 17.17
CA VAL B 558 55.40 -6.96 18.38
C VAL B 558 56.26 -5.69 18.49
N ASN B 559 56.88 -5.28 17.39
CA ASN B 559 57.55 -3.97 17.31
C ASN B 559 57.08 -3.23 16.05
N PRO B 560 55.92 -2.54 16.14
CA PRO B 560 55.45 -1.73 15.03
C PRO B 560 56.45 -0.66 14.57
N GLY B 561 56.96 -0.83 13.35
CA GLY B 561 57.87 0.11 12.73
C GLY B 561 57.40 0.47 11.34
N GLU B 562 58.12 0.01 10.33
CA GLU B 562 57.80 0.29 8.92
C GLU B 562 56.55 -0.47 8.47
N VAL B 563 55.70 0.20 7.70
CA VAL B 563 54.50 -0.38 7.10
C VAL B 563 54.81 -0.56 5.61
N THR B 564 54.94 -1.81 5.17
CA THR B 564 55.24 -2.10 3.77
C THR B 564 53.95 -2.25 2.98
N ARG B 565 53.82 -1.48 1.90
CA ARG B 565 52.72 -1.63 0.94
C ARG B 565 53.04 -2.81 0.00
N LEU B 566 52.11 -3.74 -0.14
CA LEU B 566 52.28 -4.93 -1.00
C LEU B 566 51.64 -4.80 -2.38
N THR B 567 50.61 -3.96 -2.51
CA THR B 567 49.92 -3.76 -3.80
C THR B 567 50.49 -2.56 -4.56
N ASP B 568 50.44 -2.63 -5.88
CA ASP B 568 51.02 -1.60 -6.75
C ASP B 568 50.10 -0.41 -6.85
N ARG B 569 50.70 0.79 -6.87
CA ARG B 569 49.96 2.05 -7.03
C ARG B 569 49.32 2.18 -8.40
N GLY B 570 48.35 3.07 -8.50
CA GLY B 570 47.59 3.29 -9.74
C GLY B 570 46.34 2.44 -9.87
N TYR B 571 46.10 1.55 -8.91
CA TYR B 571 44.85 0.79 -8.80
C TYR B 571 44.34 0.85 -7.36
N SER B 572 43.03 0.68 -7.20
CA SER B 572 42.43 0.39 -5.89
C SER B 572 42.24 -1.13 -5.80
N HIS B 573 42.51 -1.69 -4.62
CA HIS B 573 42.57 -3.14 -4.44
C HIS B 573 41.56 -3.65 -3.41
N SER B 574 41.25 -4.93 -3.51
CA SER B 574 40.43 -5.63 -2.54
C SER B 574 41.03 -7.01 -2.42
N CYS B 575 41.59 -7.30 -1.25
CA CYS B 575 42.47 -8.44 -1.10
C CYS B 575 42.03 -9.41 -0.03
N CYS B 576 42.53 -10.63 -0.16
CA CYS B 576 42.48 -11.63 0.90
C CYS B 576 43.82 -12.36 0.89
N ILE B 577 44.23 -12.79 2.07
CA ILE B 577 45.53 -13.40 2.26
C ILE B 577 45.29 -14.84 2.63
N SER B 578 46.10 -15.73 2.05
CA SER B 578 46.06 -17.14 2.42
C SER B 578 46.23 -17.31 3.92
N GLN B 579 45.51 -18.27 4.49
CA GLN B 579 45.72 -18.67 5.89
C GLN B 579 47.18 -19.03 6.25
N HIS B 580 47.96 -19.47 5.26
CA HIS B 580 49.37 -19.82 5.44
C HIS B 580 50.33 -18.61 5.32
N CYS B 581 49.79 -17.45 4.92
CA CYS B 581 50.53 -16.18 4.86
C CYS B 581 51.74 -16.21 3.91
N ASP B 582 51.61 -16.96 2.82
CA ASP B 582 52.62 -17.04 1.76
C ASP B 582 52.05 -16.67 0.37
N PHE B 583 50.81 -16.16 0.35
CA PHE B 583 50.10 -15.84 -0.88
C PHE B 583 49.04 -14.81 -0.55
N PHE B 584 48.73 -13.95 -1.52
CA PHE B 584 47.54 -13.11 -1.46
C PHE B 584 46.95 -12.91 -2.85
N ILE B 585 45.66 -12.61 -2.88
CA ILE B 585 44.92 -12.37 -4.10
C ILE B 585 44.36 -10.96 -4.03
N SER B 586 44.39 -10.25 -5.15
CA SER B 586 43.86 -8.90 -5.24
C SER B 586 42.83 -8.79 -6.34
N LYS B 587 41.65 -8.27 -6.01
CA LYS B 587 40.68 -7.81 -7.01
C LYS B 587 40.92 -6.31 -7.16
N TYR B 588 41.31 -5.86 -8.34
CA TYR B 588 41.76 -4.49 -8.53
C TYR B 588 41.31 -3.87 -9.86
N SER B 589 41.17 -2.55 -9.84
CA SER B 589 40.72 -1.79 -10.99
C SER B 589 41.10 -0.31 -10.79
N ASN B 590 41.07 0.45 -11.87
CA ASN B 590 41.15 1.90 -11.79
C ASN B 590 40.18 2.52 -12.78
N GLN B 591 40.16 3.85 -12.84
CA GLN B 591 39.19 4.59 -13.66
C GLN B 591 39.12 4.15 -15.13
N LYS B 592 40.24 3.75 -15.72
CA LYS B 592 40.30 3.38 -17.15
C LYS B 592 40.20 1.88 -17.42
N ASN B 593 40.44 1.05 -16.40
CA ASN B 593 40.58 -0.39 -16.57
C ASN B 593 39.60 -1.18 -15.69
N PRO B 594 38.74 -2.03 -16.31
CA PRO B 594 37.84 -2.93 -15.57
C PRO B 594 38.54 -3.87 -14.58
N HIS B 595 37.77 -4.44 -13.65
CA HIS B 595 38.33 -5.21 -12.55
C HIS B 595 39.05 -6.47 -13.02
N CYS B 596 40.06 -6.85 -12.24
CA CYS B 596 41.00 -7.91 -12.58
C CYS B 596 41.38 -8.62 -11.29
N VAL B 597 41.63 -9.93 -11.36
CA VAL B 597 41.98 -10.73 -10.17
C VAL B 597 43.29 -11.49 -10.41
N SER B 598 44.28 -11.26 -9.55
CA SER B 598 45.61 -11.85 -9.70
C SER B 598 46.13 -12.42 -8.40
N LEU B 599 47.00 -13.42 -8.51
CA LEU B 599 47.61 -14.10 -7.37
C LEU B 599 49.06 -13.66 -7.25
N TYR B 600 49.48 -13.35 -6.01
CA TYR B 600 50.83 -12.89 -5.72
C TYR B 600 51.46 -13.75 -4.63
N LYS B 601 52.65 -14.28 -4.90
CA LYS B 601 53.38 -15.08 -3.91
C LYS B 601 54.14 -14.14 -2.99
N LEU B 602 54.09 -14.41 -1.68
CA LEU B 602 54.81 -13.64 -0.67
C LEU B 602 56.09 -14.38 -0.26
N SER B 603 57.17 -13.62 -0.07
CA SER B 603 58.47 -14.18 0.33
C SER B 603 59.19 -13.26 1.30
N SER B 604 60.18 -13.84 1.99
CA SER B 604 61.08 -13.09 2.87
C SER B 604 62.51 -13.30 2.42
N PRO B 605 63.38 -12.27 2.60
CA PRO B 605 64.82 -12.53 2.47
C PRO B 605 65.32 -13.45 3.59
N GLU B 606 66.31 -14.28 3.29
CA GLU B 606 66.86 -15.24 4.26
C GLU B 606 67.27 -14.58 5.58
N ASP B 607 67.89 -13.41 5.49
CA ASP B 607 68.38 -12.69 6.67
C ASP B 607 67.28 -12.19 7.63
N ASP B 608 66.10 -11.86 7.10
CA ASP B 608 65.06 -11.18 7.88
C ASP B 608 63.64 -11.69 7.56
N PRO B 609 63.08 -12.57 8.43
CA PRO B 609 61.69 -13.03 8.26
C PRO B 609 60.63 -11.91 8.37
N THR B 610 60.92 -10.87 9.16
CA THR B 610 60.05 -9.69 9.32
C THR B 610 59.76 -8.96 7.99
N CYS B 611 60.70 -8.98 7.06
CA CYS B 611 60.58 -8.24 5.80
C CYS B 611 59.81 -9.05 4.75
N LYS B 612 58.94 -8.38 3.99
CA LYS B 612 58.09 -9.05 3.01
C LYS B 612 58.20 -8.46 1.62
N THR B 613 58.30 -9.35 0.63
CA THR B 613 58.29 -9.00 -0.79
C THR B 613 57.23 -9.84 -1.49
N LYS B 614 56.71 -9.30 -2.60
CA LYS B 614 55.71 -9.99 -3.40
C LYS B 614 56.17 -10.14 -4.85
N GLU B 615 55.63 -11.16 -5.51
CA GLU B 615 55.94 -11.48 -6.89
C GLU B 615 54.68 -11.95 -7.59
N PHE B 616 54.38 -11.39 -8.76
CA PHE B 616 53.24 -11.87 -9.57
C PHE B 616 53.42 -13.36 -9.85
N TRP B 617 52.34 -14.12 -9.67
CA TRP B 617 52.37 -15.57 -9.85
C TRP B 617 51.46 -16.02 -10.99
N ALA B 618 50.19 -15.63 -10.94
CA ALA B 618 49.21 -16.02 -11.95
C ALA B 618 48.00 -15.09 -11.98
N THR B 619 47.33 -15.07 -13.14
CA THR B 619 46.06 -14.39 -13.29
C THR B 619 44.93 -15.39 -13.02
N ILE B 620 43.94 -14.94 -12.24
CA ILE B 620 42.72 -15.73 -11.95
C ILE B 620 41.59 -15.29 -12.86
N LEU B 621 41.38 -13.98 -12.95
CA LEU B 621 40.42 -13.39 -13.88
C LEU B 621 41.12 -12.26 -14.64
N ASP B 622 41.17 -12.39 -15.96
CA ASP B 622 41.79 -11.38 -16.81
C ASP B 622 40.81 -10.21 -16.94
N SER B 623 41.35 -9.01 -17.04
CA SER B 623 40.54 -7.82 -17.27
C SER B 623 39.82 -7.92 -18.61
N ALA B 624 38.64 -7.31 -18.69
CA ALA B 624 37.87 -7.27 -19.94
C ALA B 624 38.54 -6.43 -21.04
N GLY B 625 39.49 -5.57 -20.66
CA GLY B 625 40.12 -4.62 -21.57
C GLY B 625 39.37 -3.31 -21.45
N PRO B 626 40.03 -2.18 -21.79
CA PRO B 626 39.33 -0.89 -21.68
C PRO B 626 38.11 -0.83 -22.61
N LEU B 627 36.95 -0.44 -22.06
CA LEU B 627 35.70 -0.38 -22.84
C LEU B 627 35.84 0.63 -23.99
N PRO B 628 35.57 0.19 -25.23
CA PRO B 628 35.92 0.97 -26.43
C PRO B 628 35.16 2.29 -26.58
N ASP B 629 33.93 2.35 -26.06
CA ASP B 629 33.05 3.53 -26.17
C ASP B 629 32.72 4.20 -24.83
N TYR B 630 33.32 3.73 -23.74
CA TYR B 630 33.22 4.38 -22.43
C TYR B 630 34.40 5.32 -22.23
N THR B 631 34.11 6.61 -22.05
CA THR B 631 35.11 7.60 -21.69
C THR B 631 34.99 7.88 -20.18
N PRO B 632 36.05 7.56 -19.40
CA PRO B 632 35.97 7.77 -17.95
C PRO B 632 36.04 9.25 -17.55
N PRO B 633 35.60 9.58 -16.32
CA PRO B 633 35.74 10.93 -15.80
C PRO B 633 37.15 11.20 -15.28
N GLU B 634 37.42 12.47 -15.01
CA GLU B 634 38.68 12.90 -14.41
C GLU B 634 38.43 13.14 -12.94
N ILE B 635 39.31 12.59 -12.10
CA ILE B 635 39.24 12.82 -10.65
C ILE B 635 39.85 14.18 -10.34
N PHE B 636 38.99 15.17 -10.06
CA PHE B 636 39.44 16.49 -9.59
C PHE B 636 39.39 16.58 -8.05
N SER B 637 39.92 17.67 -7.53
CA SER B 637 39.82 18.00 -6.11
C SER B 637 39.92 19.52 -5.91
N PHE B 638 39.69 19.95 -4.67
CA PHE B 638 39.77 21.37 -4.30
C PHE B 638 39.80 21.56 -2.78
N GLU B 639 40.41 22.66 -2.33
CA GLU B 639 40.52 22.98 -0.90
C GLU B 639 39.30 23.76 -0.43
N SER B 640 38.41 23.09 0.29
CA SER B 640 37.15 23.68 0.75
C SER B 640 37.37 24.66 1.90
N THR B 641 36.47 25.64 1.99
CA THR B 641 36.43 26.60 3.11
C THR B 641 36.20 25.92 4.47
N THR B 642 35.61 24.73 4.44
CA THR B 642 35.41 23.88 5.63
C THR B 642 36.70 23.34 6.26
N GLY B 643 37.83 23.43 5.55
CA GLY B 643 39.13 22.97 6.03
C GLY B 643 39.63 21.76 5.28
N PHE B 644 38.70 20.87 4.91
CA PHE B 644 39.04 19.61 4.26
C PHE B 644 39.27 19.78 2.77
N THR B 645 40.03 18.85 2.21
CA THR B 645 40.12 18.64 0.78
C THR B 645 38.91 17.80 0.38
N LEU B 646 38.21 18.20 -0.69
CA LEU B 646 37.07 17.44 -1.19
C LEU B 646 37.36 16.97 -2.61
N TYR B 647 37.22 15.66 -2.83
CA TYR B 647 37.48 15.04 -4.13
C TYR B 647 36.20 14.93 -4.95
N GLY B 648 36.35 14.84 -6.26
CA GLY B 648 35.21 14.77 -7.17
C GLY B 648 35.54 14.11 -8.50
N MET B 649 34.51 13.66 -9.21
CA MET B 649 34.65 13.17 -10.57
C MET B 649 33.94 14.15 -11.51
N LEU B 650 34.56 14.39 -12.67
CA LEU B 650 34.04 15.31 -13.67
C LEU B 650 34.02 14.59 -15.00
N TYR B 651 32.83 14.40 -15.56
CA TYR B 651 32.67 13.91 -16.92
C TYR B 651 32.54 15.15 -17.79
N LYS B 652 33.51 15.36 -18.67
CA LYS B 652 33.41 16.44 -19.66
C LYS B 652 32.44 15.99 -20.75
N PRO B 653 31.64 16.93 -21.31
CA PRO B 653 30.81 16.60 -22.47
C PRO B 653 31.66 16.14 -23.65
N HIS B 654 31.16 15.13 -24.36
CA HIS B 654 31.88 14.57 -25.51
C HIS B 654 31.79 15.55 -26.67
N ASP B 655 32.79 15.53 -27.54
CA ASP B 655 32.84 16.39 -28.74
C ASP B 655 32.66 17.86 -28.33
N LEU B 656 33.47 18.29 -27.36
CA LEU B 656 33.33 19.59 -26.73
C LEU B 656 33.68 20.73 -27.69
N GLN B 657 32.70 21.60 -27.94
CA GLN B 657 32.89 22.75 -28.82
C GLN B 657 33.38 23.94 -27.99
N PRO B 658 34.41 24.67 -28.50
CA PRO B 658 34.88 25.85 -27.78
C PRO B 658 33.90 27.02 -27.92
N GLY B 659 33.84 27.86 -26.88
CA GLY B 659 32.91 28.99 -26.85
C GLY B 659 31.44 28.61 -26.64
N LYS B 660 31.19 27.42 -26.06
CA LYS B 660 29.85 26.97 -25.73
C LYS B 660 29.79 26.49 -24.28
N LYS B 661 28.72 26.85 -23.58
CA LYS B 661 28.48 26.41 -22.20
C LYS B 661 27.34 25.38 -22.19
N TYR B 662 27.50 24.33 -21.37
CA TYR B 662 26.69 23.12 -21.46
C TYR B 662 25.82 22.90 -20.20
N PRO B 663 24.68 22.20 -20.36
CA PRO B 663 23.86 21.84 -19.19
C PRO B 663 24.58 20.85 -18.29
N THR B 664 24.36 20.98 -16.98
CA THR B 664 25.12 20.21 -15.97
C THR B 664 24.18 19.31 -15.17
N VAL B 665 24.59 18.04 -15.01
CA VAL B 665 23.88 17.09 -14.16
C VAL B 665 24.80 16.70 -13.01
N LEU B 666 24.38 17.02 -11.79
CA LEU B 666 25.09 16.62 -10.58
C LEU B 666 24.53 15.29 -10.09
N PHE B 667 25.35 14.25 -10.09
CA PHE B 667 24.97 12.96 -9.49
C PHE B 667 25.47 12.92 -8.05
N ILE B 668 24.66 12.37 -7.14
CA ILE B 668 24.95 12.45 -5.71
C ILE B 668 24.42 11.25 -4.93
N TYR B 669 25.22 10.78 -3.98
CA TYR B 669 24.75 9.98 -2.86
C TYR B 669 24.83 10.84 -1.59
N GLY B 670 26.05 11.14 -1.15
CA GLY B 670 26.30 12.12 -0.08
C GLY B 670 26.07 11.72 1.37
N GLY B 671 25.64 10.48 1.62
CA GLY B 671 25.40 9.99 2.99
C GLY B 671 26.58 9.22 3.57
N PRO B 672 26.44 8.74 4.83
CA PRO B 672 27.50 7.99 5.50
C PRO B 672 27.72 6.57 4.96
N GLN B 673 28.89 6.01 5.31
CA GLN B 673 29.31 4.66 4.91
C GLN B 673 29.54 4.43 3.40
N VAL B 674 29.60 5.51 2.60
CA VAL B 674 29.78 5.41 1.14
C VAL B 674 30.75 6.48 0.64
N GLN B 675 31.58 6.07 -0.32
CA GLN B 675 32.43 7.00 -1.08
C GLN B 675 32.27 6.69 -2.57
N LEU B 676 31.72 7.65 -3.32
CA LEU B 676 31.54 7.49 -4.76
C LEU B 676 32.81 7.80 -5.57
N VAL B 677 33.67 8.68 -5.04
CA VAL B 677 34.84 9.17 -5.76
C VAL B 677 36.10 8.45 -5.27
N ASN B 678 36.65 7.63 -6.16
CA ASN B 678 37.90 6.91 -5.92
C ASN B 678 38.42 6.34 -7.23
N ASN B 679 39.67 5.88 -7.22
CA ASN B 679 40.30 5.36 -8.43
C ASN B 679 39.89 3.90 -8.65
N ARG B 680 38.66 3.73 -9.13
CA ARG B 680 38.09 2.42 -9.50
C ARG B 680 37.36 2.55 -10.83
N PHE B 681 37.09 1.42 -11.45
CA PHE B 681 36.34 1.41 -12.71
C PHE B 681 34.87 1.71 -12.43
N LYS B 682 34.35 2.75 -13.10
CA LYS B 682 32.97 3.21 -12.92
C LYS B 682 32.10 2.92 -14.15
N GLY B 683 32.67 2.25 -15.15
CA GLY B 683 31.97 2.00 -16.42
C GLY B 683 30.95 0.88 -16.45
N VAL B 684 30.71 0.22 -15.31
CA VAL B 684 29.67 -0.81 -15.20
C VAL B 684 28.43 -0.22 -14.51
N LYS B 685 28.59 0.21 -13.25
CA LYS B 685 27.48 0.72 -12.46
C LYS B 685 27.08 2.12 -12.92
N TYR B 686 28.06 2.99 -13.13
CA TYR B 686 27.84 4.38 -13.54
C TYR B 686 28.14 4.60 -15.04
N PHE B 687 27.83 3.58 -15.85
CA PHE B 687 27.98 3.65 -17.31
C PHE B 687 27.13 4.76 -17.93
N ARG B 688 25.93 4.97 -17.41
CA ARG B 688 25.03 5.99 -17.94
C ARG B 688 25.43 7.45 -17.62
N LEU B 689 26.38 7.65 -16.71
CA LEU B 689 27.00 8.96 -16.54
C LEU B 689 27.83 9.30 -17.77
N ASN B 690 28.49 8.30 -18.34
CA ASN B 690 29.14 8.43 -19.66
C ASN B 690 28.11 8.76 -20.74
N THR B 691 26.99 8.03 -20.76
CA THR B 691 25.90 8.29 -21.71
C THR B 691 25.39 9.74 -21.65
N LEU B 692 25.24 10.28 -20.43
CA LEU B 692 24.88 11.70 -20.25
C LEU B 692 25.94 12.62 -20.85
N ALA B 693 27.21 12.31 -20.63
CA ALA B 693 28.31 13.06 -21.26
C ALA B 693 28.25 13.01 -22.79
N SER B 694 27.90 11.84 -23.34
CA SER B 694 27.77 11.68 -24.80
C SER B 694 26.64 12.52 -25.43
N LEU B 695 25.58 12.78 -24.67
CA LEU B 695 24.45 13.61 -25.14
C LEU B 695 24.68 15.13 -25.07
N GLY B 696 25.73 15.56 -24.38
CA GLY B 696 26.03 16.98 -24.17
C GLY B 696 25.68 17.50 -22.78
N TYR B 697 25.77 16.64 -21.76
CA TYR B 697 25.62 17.06 -20.37
C TYR B 697 26.99 16.99 -19.66
N VAL B 698 27.23 17.93 -18.74
CA VAL B 698 28.40 17.88 -17.87
C VAL B 698 27.98 17.10 -16.63
N VAL B 699 28.48 15.88 -16.46
CA VAL B 699 28.16 15.12 -15.25
C VAL B 699 29.22 15.37 -14.19
N VAL B 700 28.77 15.55 -12.94
CA VAL B 700 29.64 15.85 -11.81
C VAL B 700 29.24 14.98 -10.61
N VAL B 701 30.23 14.42 -9.93
CA VAL B 701 30.04 13.71 -8.66
C VAL B 701 31.00 14.32 -7.65
N ILE B 702 30.52 14.56 -6.42
CA ILE B 702 31.32 15.16 -5.36
C ILE B 702 31.00 14.44 -4.05
N ASP B 703 32.05 13.98 -3.35
CA ASP B 703 31.93 13.39 -2.02
C ASP B 703 32.01 14.47 -0.95
N ASN B 704 30.84 14.94 -0.51
CA ASN B 704 30.75 15.93 0.58
C ASN B 704 31.20 15.37 1.95
N ARG B 705 31.29 16.25 2.95
CA ARG B 705 31.55 15.84 4.34
C ARG B 705 30.48 14.84 4.77
N GLY B 706 30.90 13.83 5.54
CA GLY B 706 30.02 12.72 5.92
C GLY B 706 30.32 11.43 5.18
N SER B 707 30.88 11.51 3.97
CA SER B 707 31.31 10.31 3.23
C SER B 707 32.49 9.63 3.93
N CYS B 708 32.75 8.38 3.55
CA CYS B 708 33.71 7.52 4.29
C CYS B 708 35.10 7.48 3.66
N HIS B 709 36.03 6.86 4.40
CA HIS B 709 37.46 6.73 4.02
C HIS B 709 38.28 8.01 4.22
N ARG B 710 37.75 8.95 5.02
CA ARG B 710 38.42 10.22 5.30
C ARG B 710 38.55 10.49 6.81
N GLY B 711 38.33 9.47 7.64
CA GLY B 711 38.43 9.60 9.10
C GLY B 711 37.12 9.97 9.77
N LEU B 712 37.12 9.87 11.09
CA LEU B 712 35.91 10.09 11.90
C LEU B 712 35.48 11.55 12.02
N LYS B 713 36.45 12.46 12.08
CA LYS B 713 36.15 13.91 12.15
C LYS B 713 35.47 14.41 10.87
N PHE B 714 35.96 13.94 9.72
CA PHE B 714 35.33 14.19 8.42
C PHE B 714 33.92 13.60 8.36
N GLU B 715 33.76 12.38 8.86
CA GLU B 715 32.48 11.67 8.87
C GLU B 715 31.48 12.33 9.83
N GLY B 716 31.97 12.77 10.99
CA GLY B 716 31.15 13.41 12.02
C GLY B 716 30.68 14.84 11.77
N ALA B 717 31.08 15.43 10.65
CA ALA B 717 30.70 16.80 10.30
C ALA B 717 29.19 17.06 10.33
N PHE B 718 28.39 16.06 9.96
CA PHE B 718 26.91 16.20 9.98
C PHE B 718 26.18 15.53 11.16
N LYS B 719 26.87 15.24 12.27
CA LYS B 719 26.18 14.65 13.43
C LYS B 719 25.13 15.63 13.96
N TYR B 720 23.89 15.14 14.08
CA TYR B 720 22.69 15.94 14.43
C TYR B 720 22.24 16.95 13.35
N LYS B 721 22.92 16.99 12.20
CA LYS B 721 22.75 18.05 11.20
C LYS B 721 22.55 17.49 9.78
N MET B 722 22.02 16.27 9.66
CA MET B 722 21.78 15.66 8.34
C MET B 722 20.85 16.55 7.50
N GLY B 723 21.25 16.78 6.26
CA GLY B 723 20.55 17.69 5.35
C GLY B 723 21.05 19.13 5.29
N GLN B 724 21.71 19.58 6.36
CA GLN B 724 22.06 21.01 6.51
C GLN B 724 23.38 21.43 5.85
N ILE B 725 24.40 20.57 5.94
CA ILE B 725 25.76 20.91 5.46
C ILE B 725 26.12 20.38 4.07
N GLU B 726 25.45 19.33 3.61
CA GLU B 726 25.88 18.58 2.40
C GLU B 726 25.83 19.40 1.11
N ILE B 727 24.78 20.20 0.95
CA ILE B 727 24.59 20.98 -0.28
C ILE B 727 25.62 22.11 -0.41
N ASP B 728 26.05 22.71 0.71
CA ASP B 728 27.14 23.70 0.69
C ASP B 728 28.38 23.11 -0.01
N ASP B 729 28.78 21.91 0.41
CA ASP B 729 29.91 21.17 -0.19
C ASP B 729 29.72 20.92 -1.67
N GLN B 730 28.52 20.48 -2.04
CA GLN B 730 28.19 20.20 -3.44
C GLN B 730 28.23 21.47 -4.29
N VAL B 731 27.64 22.55 -3.78
CA VAL B 731 27.63 23.86 -4.46
C VAL B 731 29.05 24.44 -4.55
N GLU B 732 29.83 24.32 -3.47
CA GLU B 732 31.21 24.82 -3.45
C GLU B 732 32.06 24.15 -4.53
N GLY B 733 32.02 22.83 -4.59
CA GLY B 733 32.71 22.06 -5.63
C GLY B 733 32.19 22.32 -7.04
N LEU B 734 30.91 22.63 -7.15
CA LEU B 734 30.30 23.02 -8.43
C LEU B 734 30.79 24.40 -8.91
N GLN B 735 30.91 25.34 -7.97
CA GLN B 735 31.44 26.68 -8.27
C GLN B 735 32.94 26.69 -8.54
N TYR B 736 33.68 25.79 -7.88
CA TYR B 736 35.11 25.56 -8.19
C TYR B 736 35.29 25.22 -9.67
N LEU B 737 34.53 24.22 -10.15
CA LEU B 737 34.59 23.80 -11.55
C LEU B 737 34.13 24.87 -12.54
N ALA B 738 33.15 25.69 -12.13
CA ALA B 738 32.58 26.72 -13.01
C ALA B 738 33.58 27.83 -13.36
N SER B 739 34.31 28.31 -12.36
CA SER B 739 35.37 29.30 -12.58
C SER B 739 36.62 28.71 -13.28
N ARG B 740 36.88 27.42 -13.08
CA ARG B 740 37.98 26.73 -13.76
C ARG B 740 37.63 26.35 -15.21
N TYR B 741 36.39 25.93 -15.43
CA TYR B 741 35.90 25.53 -16.75
C TYR B 741 34.65 26.33 -17.11
N ASP B 742 34.77 27.21 -18.10
CA ASP B 742 33.63 28.03 -18.55
C ASP B 742 32.68 27.31 -19.54
N PHE B 743 32.96 26.04 -19.86
CA PHE B 743 31.97 25.19 -20.54
C PHE B 743 30.83 24.72 -19.64
N ILE B 744 30.94 24.94 -18.32
CA ILE B 744 29.85 24.67 -17.37
C ILE B 744 28.88 25.86 -17.30
N ASP B 745 27.63 25.62 -17.71
CA ASP B 745 26.54 26.60 -17.57
C ASP B 745 25.91 26.42 -16.19
N LEU B 746 26.02 27.44 -15.34
CA LEU B 746 25.42 27.41 -13.99
C LEU B 746 23.91 27.65 -13.98
N ASP B 747 23.36 28.21 -15.06
CA ASP B 747 21.91 28.45 -15.14
C ASP B 747 21.09 27.17 -15.38
N ARG B 748 21.68 26.18 -16.05
CA ARG B 748 21.01 24.91 -16.34
C ARG B 748 21.65 23.74 -15.58
N VAL B 749 21.56 23.78 -14.25
CA VAL B 749 22.09 22.72 -13.39
C VAL B 749 20.96 21.84 -12.86
N GLY B 750 21.03 20.53 -13.16
CA GLY B 750 20.16 19.52 -12.58
C GLY B 750 20.88 18.63 -11.58
N ILE B 751 20.11 18.02 -10.67
CA ILE B 751 20.67 17.10 -9.66
C ILE B 751 19.82 15.82 -9.56
N HIS B 752 20.48 14.69 -9.35
CA HIS B 752 19.82 13.39 -9.33
C HIS B 752 20.56 12.40 -8.43
N GLY B 753 19.82 11.66 -7.62
CA GLY B 753 20.39 10.66 -6.73
C GLY B 753 19.34 9.67 -6.24
N TRP B 754 19.82 8.56 -5.67
CA TRP B 754 18.94 7.50 -5.15
C TRP B 754 19.15 7.33 -3.65
N SER B 755 18.07 6.98 -2.95
CA SER B 755 18.12 6.70 -1.52
C SER B 755 18.52 8.00 -0.76
N TYR B 756 19.65 8.01 -0.05
CA TYR B 756 20.20 9.24 0.52
C TYR B 756 20.47 10.30 -0.56
N GLY B 757 20.85 9.86 -1.76
CA GLY B 757 20.99 10.76 -2.91
C GLY B 757 19.70 11.46 -3.31
N GLY B 758 18.58 10.76 -3.22
CA GLY B 758 17.27 11.32 -3.50
C GLY B 758 16.88 12.33 -2.44
N TYR B 759 17.18 11.99 -1.18
CA TYR B 759 17.04 12.90 -0.04
C TYR B 759 17.76 14.23 -0.27
N LEU B 760 19.05 14.16 -0.60
CA LEU B 760 19.83 15.37 -0.86
C LEU B 760 19.40 16.10 -2.12
N SER B 761 18.89 15.37 -3.12
CA SER B 761 18.34 16.01 -4.33
C SER B 761 17.14 16.89 -4.01
N LEU B 762 16.30 16.44 -3.07
CA LEU B 762 15.16 17.22 -2.59
C LEU B 762 15.60 18.41 -1.74
N MET B 763 16.57 18.18 -0.85
CA MET B 763 17.18 19.27 -0.06
C MET B 763 17.84 20.32 -0.94
N ALA B 764 18.51 19.87 -2.00
CA ALA B 764 19.13 20.75 -2.98
C ALA B 764 18.11 21.71 -3.61
N LEU B 765 16.95 21.19 -4.03
CA LEU B 765 15.88 22.01 -4.61
C LEU B 765 15.17 22.90 -3.57
N MET B 766 15.03 22.39 -2.34
CA MET B 766 14.44 23.15 -1.24
C MET B 766 15.34 24.32 -0.80
N GLN B 767 16.61 24.01 -0.54
CA GLN B 767 17.57 24.97 0.02
C GLN B 767 18.17 25.91 -1.03
N ARG B 768 18.62 25.35 -2.16
CA ARG B 768 19.35 26.12 -3.18
C ARG B 768 18.67 26.06 -4.55
N SER B 769 17.44 26.56 -4.62
CA SER B 769 16.69 26.64 -5.88
C SER B 769 17.32 27.63 -6.88
N ASP B 770 18.07 28.61 -6.38
CA ASP B 770 18.89 29.50 -7.23
C ASP B 770 19.95 28.76 -8.07
N ILE B 771 20.52 27.68 -7.53
CA ILE B 771 21.50 26.86 -8.24
C ILE B 771 20.84 25.77 -9.10
N PHE B 772 20.00 24.96 -8.47
CA PHE B 772 19.45 23.75 -9.08
C PHE B 772 18.09 23.99 -9.72
N ARG B 773 18.05 23.90 -11.05
CA ARG B 773 16.78 24.02 -11.80
C ARG B 773 15.89 22.79 -11.59
N VAL B 774 16.46 21.59 -11.76
CA VAL B 774 15.71 20.34 -11.58
C VAL B 774 16.36 19.41 -10.56
N ALA B 775 15.53 18.81 -9.72
CA ALA B 775 15.94 17.74 -8.82
C ALA B 775 15.18 16.48 -9.20
N ILE B 776 15.86 15.33 -9.14
CA ILE B 776 15.24 14.05 -9.45
C ILE B 776 15.55 13.09 -8.30
N ALA B 777 14.56 12.88 -7.44
CA ALA B 777 14.71 12.10 -6.22
C ALA B 777 14.24 10.65 -6.40
N GLY B 778 15.19 9.71 -6.32
CA GLY B 778 14.90 8.29 -6.37
C GLY B 778 14.87 7.70 -4.99
N ALA B 779 13.74 7.09 -4.62
CA ALA B 779 13.58 6.44 -3.32
C ALA B 779 14.08 7.32 -2.16
N PRO B 780 13.62 8.57 -2.08
CA PRO B 780 14.17 9.48 -1.08
C PRO B 780 13.68 9.22 0.33
N VAL B 781 14.52 9.57 1.29
CA VAL B 781 14.14 9.68 2.70
C VAL B 781 13.57 11.09 2.88
N THR B 782 12.29 11.18 3.21
CA THR B 782 11.59 12.46 3.39
C THR B 782 11.26 12.81 4.85
N LEU B 783 11.47 11.88 5.78
CA LEU B 783 11.03 12.02 7.16
C LEU B 783 11.75 11.00 8.05
N TRP B 784 12.72 11.47 8.82
CA TRP B 784 13.62 10.59 9.57
C TRP B 784 12.96 9.78 10.70
N ILE B 785 11.84 10.23 11.24
CA ILE B 785 11.06 9.39 12.19
C ILE B 785 10.50 8.09 11.57
N PHE B 786 10.37 8.04 10.24
CA PHE B 786 9.97 6.81 9.53
C PHE B 786 11.12 5.80 9.33
N TYR B 787 12.36 6.21 9.58
CA TYR B 787 13.52 5.33 9.38
C TYR B 787 13.92 4.61 10.68
N ASP B 788 14.68 3.53 10.55
CA ASP B 788 14.95 2.60 11.67
C ASP B 788 15.90 3.12 12.76
N THR B 789 15.97 2.37 13.86
CA THR B 789 16.80 2.75 15.01
C THR B 789 18.31 2.74 14.72
N GLY B 790 18.82 1.62 14.23
CA GLY B 790 20.26 1.41 14.03
C GLY B 790 20.95 2.48 13.19
N TYR B 791 20.29 2.94 12.14
CA TYR B 791 20.86 3.95 11.25
C TYR B 791 20.74 5.36 11.83
N THR B 792 19.51 5.86 11.95
CA THR B 792 19.30 7.30 12.19
C THR B 792 19.61 7.78 13.62
N GLU B 793 19.44 6.92 14.63
CA GLU B 793 19.89 7.26 16.00
C GLU B 793 21.42 7.37 16.12
N ARG B 794 22.16 6.67 15.25
CA ARG B 794 23.62 6.77 15.20
C ARG B 794 24.07 8.16 14.74
N TYR B 795 23.41 8.67 13.72
CA TYR B 795 23.77 9.97 13.10
C TYR B 795 22.97 11.17 13.61
N MET B 796 21.80 10.93 14.20
CA MET B 796 20.92 12.02 14.70
C MET B 796 20.49 11.92 16.17
N GLY B 797 20.93 10.90 16.89
CA GLY B 797 20.51 10.68 18.27
C GLY B 797 19.05 10.27 18.38
N HIS B 798 18.61 9.97 19.60
CA HIS B 798 17.20 9.67 19.88
C HIS B 798 16.36 10.92 19.51
N PRO B 799 15.19 10.73 18.83
CA PRO B 799 14.44 11.90 18.31
C PRO B 799 13.98 12.93 19.36
N ASP B 800 13.52 12.45 20.51
CA ASP B 800 13.22 13.30 21.69
C ASP B 800 14.29 14.35 22.03
N GLN B 801 15.57 13.97 21.89
CA GLN B 801 16.70 14.86 22.19
C GLN B 801 17.20 15.70 21.00
N ASN B 802 16.49 15.66 19.87
CA ASN B 802 16.91 16.41 18.68
C ASN B 802 15.72 16.69 17.74
N GLU B 803 14.63 17.22 18.30
CA GLU B 803 13.45 17.60 17.50
C GLU B 803 13.79 18.61 16.39
N GLN B 804 14.72 19.52 16.66
CA GLN B 804 15.12 20.56 15.71
C GLN B 804 15.95 20.00 14.54
N GLY B 805 16.85 19.07 14.83
CA GLY B 805 17.65 18.40 13.80
C GLY B 805 16.83 17.49 12.91
N TYR B 806 15.95 16.71 13.53
CA TYR B 806 14.98 15.86 12.81
C TYR B 806 14.03 16.69 11.94
N TYR B 807 13.63 17.87 12.43
CA TYR B 807 12.77 18.78 11.66
C TYR B 807 13.48 19.34 10.42
N LEU B 808 14.63 19.97 10.62
CA LEU B 808 15.38 20.60 9.52
C LEU B 808 15.94 19.59 8.50
N GLY B 809 16.19 18.36 8.94
CA GLY B 809 16.63 17.29 8.06
C GLY B 809 15.54 16.42 7.43
N SER B 810 14.27 16.77 7.62
CA SER B 810 13.16 16.03 7.04
C SER B 810 12.44 16.89 6.02
N VAL B 811 12.43 16.47 4.76
CA VAL B 811 11.92 17.31 3.67
C VAL B 811 10.38 17.36 3.65
N ALA B 812 9.74 16.31 4.17
CA ALA B 812 8.28 16.23 4.22
C ALA B 812 7.66 17.25 5.16
N MET B 813 8.39 17.64 6.21
CA MET B 813 7.96 18.69 7.14
C MET B 813 8.33 20.12 6.66
N GLN B 814 8.75 20.27 5.40
CA GLN B 814 9.13 21.56 4.83
C GLN B 814 8.70 21.69 3.36
N ALA B 815 7.52 21.14 3.05
CA ALA B 815 7.00 21.13 1.67
C ALA B 815 6.82 22.53 1.09
N GLU B 816 6.44 23.49 1.93
CA GLU B 816 6.30 24.90 1.53
C GLU B 816 7.57 25.52 0.92
N LYS B 817 8.75 25.02 1.30
CA LYS B 817 10.03 25.50 0.76
C LYS B 817 10.35 25.04 -0.68
N PHE B 818 9.62 24.05 -1.20
CA PHE B 818 9.78 23.64 -2.61
C PHE B 818 9.24 24.71 -3.56
N PRO B 819 9.72 24.71 -4.82
CA PRO B 819 9.33 25.79 -5.74
C PRO B 819 7.87 25.70 -6.18
N SER B 820 7.22 26.84 -6.35
CA SER B 820 5.87 26.92 -6.91
C SER B 820 5.89 27.08 -8.44
N GLU B 821 6.75 26.30 -9.12
CA GLU B 821 6.66 26.13 -10.57
C GLU B 821 7.01 24.69 -10.95
N PRO B 822 6.22 24.09 -11.86
CA PRO B 822 6.35 22.68 -12.22
C PRO B 822 7.55 22.37 -13.11
N ASN B 823 7.70 21.09 -13.44
CA ASN B 823 8.81 20.56 -14.25
C ASN B 823 10.19 20.69 -13.58
N ARG B 824 10.21 20.89 -12.26
CA ARG B 824 11.45 21.03 -11.48
C ARG B 824 11.70 19.90 -10.48
N LEU B 825 10.64 19.26 -10.00
CA LEU B 825 10.73 18.18 -9.02
C LEU B 825 10.19 16.89 -9.63
N LEU B 826 11.01 15.83 -9.63
CA LEU B 826 10.62 14.50 -10.10
C LEU B 826 10.90 13.45 -9.03
N LEU B 827 9.84 12.80 -8.55
CA LEU B 827 9.95 11.70 -7.57
C LEU B 827 9.89 10.35 -8.26
N LEU B 828 10.81 9.45 -7.88
CA LEU B 828 10.86 8.08 -8.41
C LEU B 828 10.87 7.13 -7.22
N HIS B 829 10.00 6.12 -7.22
CA HIS B 829 9.98 5.16 -6.12
C HIS B 829 9.31 3.85 -6.51
N GLY B 830 9.92 2.74 -6.10
CA GLY B 830 9.26 1.43 -6.13
C GLY B 830 8.20 1.33 -5.05
N PHE B 831 7.13 0.60 -5.33
CA PHE B 831 6.05 0.37 -4.37
C PHE B 831 6.52 -0.55 -3.24
N LEU B 832 7.14 -1.68 -3.61
CA LEU B 832 7.51 -2.75 -2.67
C LEU B 832 8.92 -2.58 -2.09
N ASP B 833 9.23 -1.38 -1.59
CA ASP B 833 10.58 -1.08 -1.12
C ASP B 833 10.72 -1.48 0.35
N GLU B 834 11.76 -2.26 0.64
CA GLU B 834 11.97 -2.89 1.95
C GLU B 834 12.81 -2.04 2.92
N ASN B 835 13.63 -1.13 2.37
CA ASN B 835 14.52 -0.30 3.19
C ASN B 835 13.95 1.12 3.35
N VAL B 836 13.76 1.81 2.23
CA VAL B 836 13.14 3.15 2.20
C VAL B 836 11.71 2.95 1.72
N HIS B 837 10.79 2.82 2.69
CA HIS B 837 9.39 2.47 2.41
CA HIS B 837 9.40 2.47 2.39
C HIS B 837 8.72 3.55 1.57
N PHE B 838 7.65 3.16 0.86
CA PHE B 838 6.86 4.08 0.04
C PHE B 838 6.19 5.18 0.87
N ALA B 839 5.99 4.92 2.17
CA ALA B 839 5.53 5.91 3.15
C ALA B 839 6.28 7.23 3.08
N HIS B 840 7.61 7.18 2.93
CA HIS B 840 8.43 8.37 2.73
C HIS B 840 7.94 9.19 1.52
N THR B 841 7.69 8.52 0.40
CA THR B 841 7.19 9.20 -0.81
C THR B 841 5.76 9.72 -0.60
N SER B 842 4.86 8.87 -0.12
CA SER B 842 3.45 9.26 -0.01
C SER B 842 3.21 10.33 1.07
N ILE B 843 4.00 10.34 2.14
CA ILE B 843 3.89 11.43 3.12
C ILE B 843 4.40 12.76 2.55
N LEU B 844 5.50 12.72 1.80
CA LEU B 844 5.95 13.89 1.05
C LEU B 844 4.87 14.36 0.07
N LEU B 845 4.28 13.42 -0.67
CA LEU B 845 3.19 13.73 -1.61
C LEU B 845 2.01 14.37 -0.89
N SER B 846 1.60 13.77 0.21
CA SER B 846 0.52 14.29 1.06
C SER B 846 0.75 15.74 1.50
N PHE B 847 1.98 16.05 1.91
CA PHE B 847 2.36 17.41 2.33
C PHE B 847 2.60 18.38 1.17
N LEU B 848 3.02 17.88 0.00
CA LEU B 848 3.11 18.70 -1.21
C LEU B 848 1.73 19.19 -1.68
N VAL B 849 0.72 18.33 -1.51
CA VAL B 849 -0.66 18.69 -1.85
C VAL B 849 -1.20 19.78 -0.91
N ARG B 850 -0.94 19.66 0.39
CA ARG B 850 -1.26 20.72 1.38
C ARG B 850 -0.67 22.07 0.97
N ALA B 851 0.62 22.06 0.65
CA ALA B 851 1.35 23.28 0.29
C ALA B 851 1.02 23.84 -1.09
N GLY B 852 0.29 23.09 -1.92
CA GLY B 852 -0.09 23.53 -3.25
C GLY B 852 1.09 23.57 -4.20
N LYS B 853 1.97 22.57 -4.10
CA LYS B 853 3.23 22.53 -4.87
C LYS B 853 3.18 21.46 -5.95
N PRO B 854 3.75 21.76 -7.14
CA PRO B 854 3.77 20.78 -8.22
C PRO B 854 4.84 19.71 -8.02
N TYR B 855 4.60 18.54 -8.60
CA TYR B 855 5.57 17.45 -8.64
C TYR B 855 5.27 16.55 -9.83
N ASP B 856 6.30 15.87 -10.32
CA ASP B 856 6.14 14.78 -11.29
C ASP B 856 6.47 13.49 -10.54
N LEU B 857 5.76 12.41 -10.86
CA LEU B 857 5.93 11.12 -10.17
C LEU B 857 6.01 9.98 -11.18
N GLN B 858 6.90 9.03 -10.89
CA GLN B 858 6.97 7.76 -11.60
C GLN B 858 7.05 6.62 -10.60
N ILE B 859 6.39 5.51 -10.94
CA ILE B 859 6.34 4.34 -10.07
C ILE B 859 6.76 3.09 -10.86
N TYR B 860 7.40 2.17 -10.15
CA TYR B 860 7.86 0.89 -10.69
C TYR B 860 7.29 -0.21 -9.78
N PRO B 861 5.99 -0.57 -9.95
CA PRO B 861 5.22 -1.37 -8.98
C PRO B 861 5.79 -2.71 -8.50
N GLN B 862 6.68 -3.33 -9.28
CA GLN B 862 7.36 -4.58 -8.89
C GLN B 862 8.86 -4.44 -9.05
N VAL B 869 14.26 -6.97 -12.12
CA VAL B 869 13.55 -6.81 -13.39
C VAL B 869 14.24 -5.72 -14.24
N PRO B 870 14.80 -6.11 -15.41
CA PRO B 870 15.38 -5.12 -16.34
C PRO B 870 14.40 -4.08 -16.91
N GLU B 871 13.15 -4.49 -17.13
CA GLU B 871 12.11 -3.64 -17.75
C GLU B 871 11.92 -2.30 -17.04
N SER B 872 11.90 -2.35 -15.72
CA SER B 872 11.78 -1.14 -14.89
C SER B 872 12.98 -0.23 -15.07
N GLY B 873 14.19 -0.80 -14.96
CA GLY B 873 15.43 -0.05 -15.14
C GLY B 873 15.59 0.60 -16.50
N GLU B 874 15.19 -0.11 -17.55
CA GLU B 874 15.17 0.44 -18.92
C GLU B 874 14.23 1.65 -19.01
N HIS B 875 13.03 1.52 -18.44
CA HIS B 875 12.03 2.58 -18.43
C HIS B 875 12.47 3.78 -17.60
N TYR B 876 13.10 3.52 -16.46
CA TYR B 876 13.70 4.56 -15.61
C TYR B 876 14.72 5.42 -16.37
N GLU B 877 15.67 4.77 -17.03
CA GLU B 877 16.74 5.46 -17.77
C GLU B 877 16.20 6.23 -18.97
N LEU B 878 15.22 5.64 -19.65
CA LEU B 878 14.53 6.29 -20.76
C LEU B 878 13.78 7.53 -20.29
N HIS B 879 12.98 7.37 -19.24
CA HIS B 879 12.24 8.49 -18.66
C HIS B 879 13.17 9.57 -18.12
N LEU B 880 14.25 9.16 -17.46
CA LEU B 880 15.22 10.10 -16.88
C LEU B 880 15.85 11.01 -17.94
N LEU B 881 16.40 10.38 -18.98
CA LEU B 881 17.01 11.12 -20.11
C LEU B 881 16.03 12.04 -20.81
N HIS B 882 14.84 11.52 -21.08
CA HIS B 882 13.78 12.32 -21.68
C HIS B 882 13.37 13.51 -20.78
N TYR B 883 13.41 13.32 -19.46
CA TYR B 883 13.09 14.38 -18.51
C TYR B 883 14.17 15.48 -18.49
N LEU B 884 15.44 15.08 -18.46
CA LEU B 884 16.56 16.02 -18.50
C LEU B 884 16.60 16.80 -19.81
N GLN B 885 16.27 16.14 -20.91
CA GLN B 885 16.16 16.78 -22.22
C GLN B 885 15.09 17.87 -22.24
N GLU B 886 13.85 17.49 -21.92
CA GLU B 886 12.69 18.37 -22.06
C GLU B 886 12.61 19.48 -21.00
N ASN B 887 13.25 19.28 -19.85
CA ASN B 887 13.17 20.23 -18.73
C ASN B 887 14.52 20.79 -18.26
N LEU B 888 15.63 20.44 -18.92
CA LEU B 888 16.96 21.00 -18.60
C LEU B 888 17.83 21.28 -19.85
N GLY B 889 18.03 20.27 -20.70
CA GLY B 889 19.06 20.31 -21.74
C GLY B 889 18.72 20.91 -23.10
N SER B 890 17.54 20.57 -23.62
CA SER B 890 17.17 20.93 -25.01
C SER B 890 16.84 22.41 -25.19
N ARG B 891 16.51 22.81 -26.42
CA ARG B 891 16.14 24.19 -26.73
C ARG B 891 14.74 24.53 -26.17
N ILE B 892 13.79 23.60 -26.34
CA ILE B 892 12.45 23.72 -25.73
C ILE B 892 12.53 23.83 -24.19
N ALA B 893 13.51 23.19 -23.57
CA ALA B 893 13.74 23.32 -22.11
C ALA B 893 13.86 24.78 -21.66
N ALA B 894 14.66 25.56 -22.38
CA ALA B 894 14.85 26.99 -22.08
C ALA B 894 13.64 27.84 -22.46
N LEU B 895 13.01 27.52 -23.59
CA LEU B 895 11.80 28.22 -24.03
C LEU B 895 10.56 27.95 -23.14
N LYS B 896 10.55 26.81 -22.45
CA LYS B 896 9.45 26.43 -21.54
C LYS B 896 9.22 27.38 -20.35
N VAL B 897 10.30 27.91 -19.77
CA VAL B 897 10.25 28.58 -18.44
C VAL B 897 9.15 29.63 -18.24
C10 MQ2 C . -14.61 13.38 -7.74
C15 MQ2 C . -14.72 16.05 -11.34
C17 MQ2 C . -17.00 16.48 -10.80
C21 MQ2 C . -14.72 5.99 -7.64
C22 MQ2 C . -13.46 5.72 -8.44
C24 MQ2 C . -17.79 8.23 -6.88
C26 MQ2 C . -14.74 18.71 -12.83
C28 MQ2 C . -12.91 20.11 -12.12
C11 MQ2 C . -15.21 12.12 -7.87
C12 MQ2 C . -15.46 14.63 -7.91
C14 MQ2 C . -14.44 15.52 -9.93
C18 MQ2 C . -16.79 15.93 -9.39
C23 MQ2 C . -16.60 7.28 -6.80
C25 MQ2 C . -15.94 17.85 -12.49
C27 MQ2 C . -14.02 19.33 -11.81
C29 MQ2 C . -12.51 20.27 -13.46
C30 MQ2 C . -13.24 19.65 -14.47
C31 MQ2 C . -14.34 18.86 -14.16
C2 MQ2 C . -16.18 7.11 -9.31
C3 MQ2 C . -15.54 7.27 -7.93
C4 MQ2 C . -14.64 8.51 -7.75
N5 MQ2 C . -15.14 9.76 -7.86
C6 MQ2 C . -14.46 10.94 -7.70
C7 MQ2 C . -13.09 11.08 -7.40
C8 MQ2 C . -12.51 12.34 -7.27
C9 MQ2 C . -13.27 13.49 -7.44
N13 MQ2 C . -15.67 14.96 -9.33
N16 MQ2 C . -15.75 17.11 -11.24
O19 MQ2 C . -13.46 8.31 -7.48
O20 MQ2 C . -17.35 6.89 -9.62
BR MQ2 C . -11.00 21.34 -13.86
CAA TMO D . -16.58 2.94 -10.69
NAC TMO D . -17.83 3.06 -11.47
CAD TMO D . -17.85 2.01 -12.50
CAB TMO D . -18.98 2.91 -10.57
OAE TMO D . -17.87 4.19 -12.02
C10 MQ2 E . 19.57 1.66 -8.29
C15 MQ2 E . 21.40 4.87 -10.73
C17 MQ2 E . 23.51 3.81 -10.37
C21 MQ2 E . 19.39 0.71 -2.04
C22 MQ2 E . 20.83 0.67 -2.52
C24 MQ2 E . 16.29 2.91 -1.22
C26 MQ2 E . 22.64 6.16 -13.15
C28 MQ2 E . 21.36 5.64 -15.14
C11 MQ2 E . 19.74 1.71 -6.91
C12 MQ2 E . 20.78 1.49 -9.18
C14 MQ2 E . 20.65 3.59 -10.39
C18 MQ2 E . 22.80 2.52 -9.99
C23 MQ2 E . 17.35 1.82 -1.25
C25 MQ2 E . 23.35 5.70 -11.92
C27 MQ2 E . 22.04 5.22 -14.00
C29 MQ2 E . 21.28 6.99 -15.45
C30 MQ2 E . 21.86 7.94 -14.60
C31 MQ2 E . 22.53 7.53 -13.46
C2 MQ2 E . 19.36 3.20 -1.69
C3 MQ2 E . 18.55 2.01 -2.22
C4 MQ2 E . 18.05 2.04 -3.68
N5 MQ2 E . 18.92 1.89 -4.70
C6 MQ2 E . 18.64 1.86 -6.04
C7 MQ2 E . 17.35 1.96 -6.64
C8 MQ2 E . 17.19 1.92 -8.02
C9 MQ2 E . 18.30 1.76 -8.85
N13 MQ2 E . 21.45 2.78 -9.44
N16 MQ2 E . 22.68 4.51 -11.36
O19 MQ2 E . 16.85 2.13 -3.86
O20 MQ2 E . 20.34 3.23 -0.96
BR MQ2 E . 20.35 7.49 -17.01
CAA TMO F . 19.63 5.93 3.71
NAC TMO F . 20.10 4.89 2.77
CAD TMO F . 20.98 3.97 3.50
CAB TMO F . 18.94 4.15 2.26
OAE TMO F . 20.71 5.43 1.82
#